data_1E0B
# 
_entry.id   1E0B 
# 
_audit_conform.dict_name       mmcif_pdbx.dic 
_audit_conform.dict_version    5.391 
_audit_conform.dict_location   http://mmcif.pdb.org/dictionaries/ascii/mmcif_pdbx.dic 
# 
loop_
_database_2.database_id 
_database_2.database_code 
_database_2.pdbx_database_accession 
_database_2.pdbx_DOI 
PDB   1E0B         pdb_00001e0b 10.2210/pdb1e0b/pdb 
PDBE  EBI-4743     ?            ?                   
WWPDB D_1290004743 ?            ?                   
# 
loop_
_pdbx_audit_revision_history.ordinal 
_pdbx_audit_revision_history.data_content_type 
_pdbx_audit_revision_history.major_revision 
_pdbx_audit_revision_history.minor_revision 
_pdbx_audit_revision_history.revision_date 
1 'Structure model' 1 0 2000-05-12 
2 'Structure model' 1 1 2011-05-08 
3 'Structure model' 1 2 2011-07-13 
4 'Structure model' 1 3 2019-04-03 
5 'Structure model' 1 4 2024-05-08 
# 
_pdbx_audit_revision_details.ordinal             1 
_pdbx_audit_revision_details.revision_ordinal    1 
_pdbx_audit_revision_details.data_content_type   'Structure model' 
_pdbx_audit_revision_details.provider            repository 
_pdbx_audit_revision_details.type                'Initial release' 
_pdbx_audit_revision_details.description         ? 
_pdbx_audit_revision_details.details             ? 
# 
loop_
_pdbx_audit_revision_group.ordinal 
_pdbx_audit_revision_group.revision_ordinal 
_pdbx_audit_revision_group.data_content_type 
_pdbx_audit_revision_group.group 
1 2 'Structure model' 'Version format compliance' 
2 3 'Structure model' 'Version format compliance' 
3 4 'Structure model' 'Data collection'           
4 4 'Structure model' 'Experimental preparation'  
5 4 'Structure model' Other                       
6 5 'Structure model' 'Data collection'           
7 5 'Structure model' 'Database references'       
8 5 'Structure model' 'Derived calculations'      
# 
loop_
_pdbx_audit_revision_category.ordinal 
_pdbx_audit_revision_category.revision_ordinal 
_pdbx_audit_revision_category.data_content_type 
_pdbx_audit_revision_category.category 
1 4 'Structure model' exptl_crystal_grow   
2 4 'Structure model' pdbx_database_proc   
3 4 'Structure model' pdbx_database_status 
4 5 'Structure model' chem_comp_atom       
5 5 'Structure model' chem_comp_bond       
6 5 'Structure model' database_2           
7 5 'Structure model' struct_site          
# 
loop_
_pdbx_audit_revision_item.ordinal 
_pdbx_audit_revision_item.revision_ordinal 
_pdbx_audit_revision_item.data_content_type 
_pdbx_audit_revision_item.item 
1 4 'Structure model' '_exptl_crystal_grow.temp'                    
2 4 'Structure model' '_pdbx_database_status.recvd_author_approval' 
3 5 'Structure model' '_database_2.pdbx_DOI'                        
4 5 'Structure model' '_database_2.pdbx_database_accession'         
5 5 'Structure model' '_struct_site.pdbx_auth_asym_id'              
6 5 'Structure model' '_struct_site.pdbx_auth_comp_id'              
7 5 'Structure model' '_struct_site.pdbx_auth_seq_id'               
# 
_pdbx_database_status.status_code                     REL 
_pdbx_database_status.entry_id                        1E0B 
_pdbx_database_status.deposit_site                    PDBE 
_pdbx_database_status.process_site                    PDBE 
_pdbx_database_status.SG_entry                        . 
_pdbx_database_status.recvd_initial_deposition_date   2000-03-16 
_pdbx_database_status.pdb_format_compatible           Y 
_pdbx_database_status.status_code_sf                  ? 
_pdbx_database_status.status_code_mr                  ? 
_pdbx_database_status.status_code_cs                  ? 
_pdbx_database_status.methods_development_category    ? 
_pdbx_database_status.status_code_nmr_data            ? 
# 
loop_
_audit_author.name 
_audit_author.pdbx_ordinal 
'Cowieson, N.P.'   1 
'Partridge, J.F.'  2 
'Allshire, R.C.'   3 
'Mclaughlin, P.J.' 4 
# 
_citation.id                        primary 
_citation.title                     
'Dimerisation of Chromo Shadow Domain and Distinctions from the Chromodomain as Revealed by Structural Analysis' 
_citation.journal_abbrev            Curr.Biol. 
_citation.journal_volume            10 
_citation.page_first                517 
_citation.page_last                 ? 
_citation.year                      2000 
_citation.journal_id_ASTM           CUBLE2 
_citation.country                   UK 
_citation.journal_id_ISSN           0960-9822 
_citation.journal_id_CSD            2060 
_citation.book_publisher            ? 
_citation.pdbx_database_id_PubMed   10801440 
_citation.pdbx_database_id_DOI      '10.1016/S0960-9822(00)00467-X' 
# 
loop_
_citation_author.citation_id 
_citation_author.name 
_citation_author.ordinal 
_citation_author.identifier_ORCID 
primary 'Cowieson, N.P.'   1 ? 
primary 'Partridge, J.F.'  2 ? 
primary 'Allshire, R.C.'   3 ? 
primary 'Mclaughlin, P.J.' 4 ? 
# 
loop_
_entity.id 
_entity.type 
_entity.src_method 
_entity.pdbx_description 
_entity.formula_weight 
_entity.pdbx_number_of_molecules 
_entity.pdbx_ec 
_entity.pdbx_mutation 
_entity.pdbx_fragment 
_entity.details 
1 polymer     man 'SWI6 PROTEIN'                                                  8070.922 2   ? ? 'CHROMO SHADOW DOMAIN' ? 
2 non-polymer syn '2-(2-{2-[2-(2-METHOXY-ETHOXY)-ETHOXY]-ETHOXY}-ETHOXY)-ETHANOL' 252.305  1   ? ? ?                      ? 
3 water       nat water                                                           18.015   111 ? ? ?                      ? 
# 
_entity_poly.entity_id                      1 
_entity_poly.type                           'polypeptide(L)' 
_entity_poly.nstd_linkage                   no 
_entity_poly.nstd_monomer                   no 
_entity_poly.pdbx_seq_one_letter_code       KQVENYDSWEDLVSSIDTIERKDDGTLEIYLTWKNGAISHHPSTITNKKCPQKMLQFYESHLTFRENE 
_entity_poly.pdbx_seq_one_letter_code_can   KQVENYDSWEDLVSSIDTIERKDDGTLEIYLTWKNGAISHHPSTITNKKCPQKMLQFYESHLTFRENE 
_entity_poly.pdbx_strand_id                 A,B 
_entity_poly.pdbx_target_identifier         ? 
# 
loop_
_pdbx_entity_nonpoly.entity_id 
_pdbx_entity_nonpoly.name 
_pdbx_entity_nonpoly.comp_id 
2 '2-(2-{2-[2-(2-METHOXY-ETHOXY)-ETHOXY]-ETHOXY}-ETHOXY)-ETHANOL' 1PG 
3 water                                                           HOH 
# 
loop_
_entity_poly_seq.entity_id 
_entity_poly_seq.num 
_entity_poly_seq.mon_id 
_entity_poly_seq.hetero 
1 1  LYS n 
1 2  GLN n 
1 3  VAL n 
1 4  GLU n 
1 5  ASN n 
1 6  TYR n 
1 7  ASP n 
1 8  SER n 
1 9  TRP n 
1 10 GLU n 
1 11 ASP n 
1 12 LEU n 
1 13 VAL n 
1 14 SER n 
1 15 SER n 
1 16 ILE n 
1 17 ASP n 
1 18 THR n 
1 19 ILE n 
1 20 GLU n 
1 21 ARG n 
1 22 LYS n 
1 23 ASP n 
1 24 ASP n 
1 25 GLY n 
1 26 THR n 
1 27 LEU n 
1 28 GLU n 
1 29 ILE n 
1 30 TYR n 
1 31 LEU n 
1 32 THR n 
1 33 TRP n 
1 34 LYS n 
1 35 ASN n 
1 36 GLY n 
1 37 ALA n 
1 38 ILE n 
1 39 SER n 
1 40 HIS n 
1 41 HIS n 
1 42 PRO n 
1 43 SER n 
1 44 THR n 
1 45 ILE n 
1 46 THR n 
1 47 ASN n 
1 48 LYS n 
1 49 LYS n 
1 50 CYS n 
1 51 PRO n 
1 52 GLN n 
1 53 LYS n 
1 54 MET n 
1 55 LEU n 
1 56 GLN n 
1 57 PHE n 
1 58 TYR n 
1 59 GLU n 
1 60 SER n 
1 61 HIS n 
1 62 LEU n 
1 63 THR n 
1 64 PHE n 
1 65 ARG n 
1 66 GLU n 
1 67 ASN n 
1 68 GLU n 
# 
_entity_src_gen.entity_id                          1 
_entity_src_gen.pdbx_src_id                        1 
_entity_src_gen.pdbx_alt_source_flag               sample 
_entity_src_gen.pdbx_seq_type                      ? 
_entity_src_gen.pdbx_beg_seq_num                   ? 
_entity_src_gen.pdbx_end_seq_num                   ? 
_entity_src_gen.gene_src_common_name               ? 
_entity_src_gen.gene_src_genus                     ? 
_entity_src_gen.pdbx_gene_src_gene                 ? 
_entity_src_gen.gene_src_species                   ? 
_entity_src_gen.gene_src_strain                    ? 
_entity_src_gen.gene_src_tissue                    ? 
_entity_src_gen.gene_src_tissue_fraction           ? 
_entity_src_gen.gene_src_details                   ? 
_entity_src_gen.pdbx_gene_src_fragment             ? 
_entity_src_gen.pdbx_gene_src_scientific_name      'SCHIZOSACCHAROMYCES POMBE' 
_entity_src_gen.pdbx_gene_src_ncbi_taxonomy_id     4896 
_entity_src_gen.pdbx_gene_src_variant              ? 
_entity_src_gen.pdbx_gene_src_cell_line            ? 
_entity_src_gen.pdbx_gene_src_atcc                 ? 
_entity_src_gen.pdbx_gene_src_organ                ? 
_entity_src_gen.pdbx_gene_src_organelle            ? 
_entity_src_gen.pdbx_gene_src_cell                 ? 
_entity_src_gen.pdbx_gene_src_cellular_location    ? 
_entity_src_gen.host_org_common_name               ? 
_entity_src_gen.pdbx_host_org_scientific_name      'ESCHERICHIA COLI' 
_entity_src_gen.pdbx_host_org_ncbi_taxonomy_id     469008 
_entity_src_gen.host_org_genus                     ? 
_entity_src_gen.pdbx_host_org_gene                 ? 
_entity_src_gen.pdbx_host_org_organ                ? 
_entity_src_gen.host_org_species                   ? 
_entity_src_gen.pdbx_host_org_tissue               ? 
_entity_src_gen.pdbx_host_org_tissue_fraction      ? 
_entity_src_gen.pdbx_host_org_strain               'BL21(DE3)' 
_entity_src_gen.pdbx_host_org_variant              ? 
_entity_src_gen.pdbx_host_org_cell_line            ? 
_entity_src_gen.pdbx_host_org_atcc                 ? 
_entity_src_gen.pdbx_host_org_culture_collection   ? 
_entity_src_gen.pdbx_host_org_cell                 ? 
_entity_src_gen.pdbx_host_org_organelle            ? 
_entity_src_gen.pdbx_host_org_cellular_location    ? 
_entity_src_gen.pdbx_host_org_vector_type          ? 
_entity_src_gen.pdbx_host_org_vector               ? 
_entity_src_gen.host_org_details                   ? 
_entity_src_gen.expression_system_id               ? 
_entity_src_gen.plasmid_name                       ? 
_entity_src_gen.plasmid_details                    ? 
_entity_src_gen.pdbx_description                   'RECOMBINANT PROTEIN OVEREXPRESSED IN ESCHERICHIA COLI.' 
# 
loop_
_chem_comp.id 
_chem_comp.type 
_chem_comp.mon_nstd_flag 
_chem_comp.name 
_chem_comp.pdbx_synonyms 
_chem_comp.formula 
_chem_comp.formula_weight 
1PG non-polymer         . '2-(2-{2-[2-(2-METHOXY-ETHOXY)-ETHOXY]-ETHOXY}-ETHOXY)-ETHANOL' ? 'C11 H24 O6'     252.305 
ALA 'L-peptide linking' y ALANINE                                                         ? 'C3 H7 N O2'     89.093  
ARG 'L-peptide linking' y ARGININE                                                        ? 'C6 H15 N4 O2 1' 175.209 
ASN 'L-peptide linking' y ASPARAGINE                                                      ? 'C4 H8 N2 O3'    132.118 
ASP 'L-peptide linking' y 'ASPARTIC ACID'                                                 ? 'C4 H7 N O4'     133.103 
CYS 'L-peptide linking' y CYSTEINE                                                        ? 'C3 H7 N O2 S'   121.158 
GLN 'L-peptide linking' y GLUTAMINE                                                       ? 'C5 H10 N2 O3'   146.144 
GLU 'L-peptide linking' y 'GLUTAMIC ACID'                                                 ? 'C5 H9 N O4'     147.129 
GLY 'peptide linking'   y GLYCINE                                                         ? 'C2 H5 N O2'     75.067  
HIS 'L-peptide linking' y HISTIDINE                                                       ? 'C6 H10 N3 O2 1' 156.162 
HOH non-polymer         . WATER                                                           ? 'H2 O'           18.015  
ILE 'L-peptide linking' y ISOLEUCINE                                                      ? 'C6 H13 N O2'    131.173 
LEU 'L-peptide linking' y LEUCINE                                                         ? 'C6 H13 N O2'    131.173 
LYS 'L-peptide linking' y LYSINE                                                          ? 'C6 H15 N2 O2 1' 147.195 
MET 'L-peptide linking' y METHIONINE                                                      ? 'C5 H11 N O2 S'  149.211 
PHE 'L-peptide linking' y PHENYLALANINE                                                   ? 'C9 H11 N O2'    165.189 
PRO 'L-peptide linking' y PROLINE                                                         ? 'C5 H9 N O2'     115.130 
SER 'L-peptide linking' y SERINE                                                          ? 'C3 H7 N O3'     105.093 
THR 'L-peptide linking' y THREONINE                                                       ? 'C4 H9 N O3'     119.119 
TRP 'L-peptide linking' y TRYPTOPHAN                                                      ? 'C11 H12 N2 O2'  204.225 
TYR 'L-peptide linking' y TYROSINE                                                        ? 'C9 H11 N O3'    181.189 
VAL 'L-peptide linking' y VALINE                                                          ? 'C5 H11 N O2'    117.146 
# 
loop_
_pdbx_poly_seq_scheme.asym_id 
_pdbx_poly_seq_scheme.entity_id 
_pdbx_poly_seq_scheme.seq_id 
_pdbx_poly_seq_scheme.mon_id 
_pdbx_poly_seq_scheme.ndb_seq_num 
_pdbx_poly_seq_scheme.pdb_seq_num 
_pdbx_poly_seq_scheme.auth_seq_num 
_pdbx_poly_seq_scheme.pdb_mon_id 
_pdbx_poly_seq_scheme.auth_mon_id 
_pdbx_poly_seq_scheme.pdb_strand_id 
_pdbx_poly_seq_scheme.pdb_ins_code 
_pdbx_poly_seq_scheme.hetero 
A 1 1  LYS 1  261 ?   ?   ?   A . n 
A 1 2  GLN 2  262 262 GLN GLN A . n 
A 1 3  VAL 3  263 263 VAL VAL A . n 
A 1 4  GLU 4  264 264 GLU GLU A . n 
A 1 5  ASN 5  265 265 ASN ASN A . n 
A 1 6  TYR 6  266 266 TYR TYR A . n 
A 1 7  ASP 7  267 267 ASP ASP A . n 
A 1 8  SER 8  268 268 SER SER A . n 
A 1 9  TRP 9  269 269 TRP TRP A . n 
A 1 10 GLU 10 270 270 GLU GLU A . n 
A 1 11 ASP 11 271 271 ASP ASP A . n 
A 1 12 LEU 12 272 272 LEU LEU A . n 
A 1 13 VAL 13 273 273 VAL VAL A . n 
A 1 14 SER 14 274 274 SER SER A . n 
A 1 15 SER 15 275 275 SER SER A . n 
A 1 16 ILE 16 276 276 ILE ILE A . n 
A 1 17 ASP 17 277 277 ASP ASP A . n 
A 1 18 THR 18 278 278 THR THR A . n 
A 1 19 ILE 19 279 279 ILE ILE A . n 
A 1 20 GLU 20 280 280 GLU GLU A . n 
A 1 21 ARG 21 281 281 ARG ARG A . n 
A 1 22 LYS 22 282 282 LYS LYS A . n 
A 1 23 ASP 23 283 283 ASP ASP A . n 
A 1 24 ASP 24 284 284 ASP ASP A . n 
A 1 25 GLY 25 285 285 GLY GLY A . n 
A 1 26 THR 26 286 286 THR THR A . n 
A 1 27 LEU 27 287 287 LEU LEU A . n 
A 1 28 GLU 28 288 288 GLU GLU A . n 
A 1 29 ILE 29 289 289 ILE ILE A . n 
A 1 30 TYR 30 290 290 TYR TYR A . n 
A 1 31 LEU 31 291 291 LEU LEU A . n 
A 1 32 THR 32 292 292 THR THR A . n 
A 1 33 TRP 33 293 293 TRP TRP A . n 
A 1 34 LYS 34 294 294 LYS LYS A . n 
A 1 35 ASN 35 295 295 ASN ASN A . n 
A 1 36 GLY 36 296 296 GLY GLY A . n 
A 1 37 ALA 37 297 297 ALA ALA A . n 
A 1 38 ILE 38 298 298 ILE ILE A . n 
A 1 39 SER 39 299 299 SER SER A . n 
A 1 40 HIS 40 300 300 HIS HIS A . n 
A 1 41 HIS 41 301 301 HIS HIS A . n 
A 1 42 PRO 42 302 302 PRO PRO A . n 
A 1 43 SER 43 303 303 SER SER A . n 
A 1 44 THR 44 304 304 THR THR A . n 
A 1 45 ILE 45 305 305 ILE ILE A . n 
A 1 46 THR 46 306 306 THR THR A . n 
A 1 47 ASN 47 307 307 ASN ASN A . n 
A 1 48 LYS 48 308 308 LYS LYS A . n 
A 1 49 LYS 49 309 309 LYS LYS A . n 
A 1 50 CYS 50 310 310 CYS CYS A . n 
A 1 51 PRO 51 311 311 PRO PRO A . n 
A 1 52 GLN 52 312 312 GLN GLN A . n 
A 1 53 LYS 53 313 313 LYS LYS A . n 
A 1 54 MET 54 314 314 MET MET A . n 
A 1 55 LEU 55 315 315 LEU LEU A . n 
A 1 56 GLN 56 316 316 GLN GLN A . n 
A 1 57 PHE 57 317 317 PHE PHE A . n 
A 1 58 TYR 58 318 318 TYR TYR A . n 
A 1 59 GLU 59 319 319 GLU GLU A . n 
A 1 60 SER 60 320 320 SER SER A . n 
A 1 61 HIS 61 321 321 HIS HIS A . n 
A 1 62 LEU 62 322 322 LEU LEU A . n 
A 1 63 THR 63 323 ?   ?   ?   A . n 
A 1 64 PHE 64 324 ?   ?   ?   A . n 
A 1 65 ARG 65 325 ?   ?   ?   A . n 
A 1 66 GLU 66 326 ?   ?   ?   A . n 
A 1 67 ASN 67 327 ?   ?   ?   A . n 
A 1 68 GLU 68 328 ?   ?   ?   A . n 
B 1 1  LYS 1  261 ?   ?   ?   B . n 
B 1 2  GLN 2  262 ?   ?   ?   B . n 
B 1 3  VAL 3  263 ?   ?   ?   B . n 
B 1 4  GLU 4  264 ?   ?   ?   B . n 
B 1 5  ASN 5  265 ?   ?   ?   B . n 
B 1 6  TYR 6  266 266 TYR TYR B . n 
B 1 7  ASP 7  267 267 ASP ASP B . n 
B 1 8  SER 8  268 268 SER SER B . n 
B 1 9  TRP 9  269 269 TRP TRP B . n 
B 1 10 GLU 10 270 270 GLU GLU B . n 
B 1 11 ASP 11 271 271 ASP ASP B . n 
B 1 12 LEU 12 272 272 LEU LEU B . n 
B 1 13 VAL 13 273 273 VAL VAL B . n 
B 1 14 SER 14 274 274 SER SER B . n 
B 1 15 SER 15 275 275 SER SER B . n 
B 1 16 ILE 16 276 276 ILE ILE B . n 
B 1 17 ASP 17 277 277 ASP ASP B . n 
B 1 18 THR 18 278 278 THR THR B . n 
B 1 19 ILE 19 279 279 ILE ILE B . n 
B 1 20 GLU 20 280 280 GLU GLU B . n 
B 1 21 ARG 21 281 281 ARG ARG B . n 
B 1 22 LYS 22 282 282 LYS LYS B . n 
B 1 23 ASP 23 283 283 ASP ASP B . n 
B 1 24 ASP 24 284 284 ASP ASP B . n 
B 1 25 GLY 25 285 285 GLY GLY B . n 
B 1 26 THR 26 286 286 THR THR B . n 
B 1 27 LEU 27 287 287 LEU LEU B . n 
B 1 28 GLU 28 288 288 GLU GLU B . n 
B 1 29 ILE 29 289 289 ILE ILE B . n 
B 1 30 TYR 30 290 290 TYR TYR B . n 
B 1 31 LEU 31 291 291 LEU LEU B . n 
B 1 32 THR 32 292 292 THR THR B . n 
B 1 33 TRP 33 293 293 TRP TRP B . n 
B 1 34 LYS 34 294 294 LYS LYS B . n 
B 1 35 ASN 35 295 295 ASN ASN B . n 
B 1 36 GLY 36 296 296 GLY GLY B . n 
B 1 37 ALA 37 297 297 ALA ALA B . n 
B 1 38 ILE 38 298 298 ILE ILE B . n 
B 1 39 SER 39 299 299 SER SER B . n 
B 1 40 HIS 40 300 300 HIS HIS B . n 
B 1 41 HIS 41 301 301 HIS HIS B . n 
B 1 42 PRO 42 302 302 PRO PRO B . n 
B 1 43 SER 43 303 303 SER SER B . n 
B 1 44 THR 44 304 304 THR THR B . n 
B 1 45 ILE 45 305 305 ILE ILE B . n 
B 1 46 THR 46 306 306 THR THR B . n 
B 1 47 ASN 47 307 307 ASN ASN B . n 
B 1 48 LYS 48 308 308 LYS LYS B . n 
B 1 49 LYS 49 309 309 LYS LYS B . n 
B 1 50 CYS 50 310 310 CYS CYS B . n 
B 1 51 PRO 51 311 311 PRO PRO B . n 
B 1 52 GLN 52 312 312 GLN GLN B . n 
B 1 53 LYS 53 313 313 LYS LYS B . n 
B 1 54 MET 54 314 314 MET MET B . n 
B 1 55 LEU 55 315 315 LEU LEU B . n 
B 1 56 GLN 56 316 316 GLN GLN B . n 
B 1 57 PHE 57 317 317 PHE PHE B . n 
B 1 58 TYR 58 318 318 TYR TYR B . n 
B 1 59 GLU 59 319 319 GLU GLU B . n 
B 1 60 SER 60 320 320 SER SER B . n 
B 1 61 HIS 61 321 321 HIS HIS B . n 
B 1 62 LEU 62 322 322 LEU LEU B . n 
B 1 63 THR 63 323 323 THR THR B . n 
B 1 64 PHE 64 324 324 PHE PHE B . n 
B 1 65 ARG 65 325 ?   ?   ?   B . n 
B 1 66 GLU 66 326 ?   ?   ?   B . n 
B 1 67 ASN 67 327 ?   ?   ?   B . n 
B 1 68 GLU 68 328 ?   ?   ?   B . n 
# 
loop_
_pdbx_nonpoly_scheme.asym_id 
_pdbx_nonpoly_scheme.entity_id 
_pdbx_nonpoly_scheme.mon_id 
_pdbx_nonpoly_scheme.ndb_seq_num 
_pdbx_nonpoly_scheme.pdb_seq_num 
_pdbx_nonpoly_scheme.auth_seq_num 
_pdbx_nonpoly_scheme.pdb_mon_id 
_pdbx_nonpoly_scheme.auth_mon_id 
_pdbx_nonpoly_scheme.pdb_strand_id 
_pdbx_nonpoly_scheme.pdb_ins_code 
C 2 1PG 1  438  438  1PG 1PG A . 
D 3 HOH 1  2001 2001 HOH HOH A . 
D 3 HOH 2  2002 2002 HOH HOH A . 
D 3 HOH 3  2003 2003 HOH HOH A . 
D 3 HOH 4  2004 2004 HOH HOH A . 
D 3 HOH 5  2005 2005 HOH HOH A . 
D 3 HOH 6  2006 2006 HOH HOH A . 
D 3 HOH 7  2007 2007 HOH HOH A . 
D 3 HOH 8  2008 2008 HOH HOH A . 
D 3 HOH 9  2009 2009 HOH HOH A . 
D 3 HOH 10 2010 2010 HOH HOH A . 
D 3 HOH 11 2011 2011 HOH HOH A . 
D 3 HOH 12 2012 2012 HOH HOH A . 
D 3 HOH 13 2013 2013 HOH HOH A . 
D 3 HOH 14 2014 2014 HOH HOH A . 
D 3 HOH 15 2015 2015 HOH HOH A . 
D 3 HOH 16 2016 2016 HOH HOH A . 
D 3 HOH 17 2017 2017 HOH HOH A . 
D 3 HOH 18 2018 2018 HOH HOH A . 
D 3 HOH 19 2019 2019 HOH HOH A . 
D 3 HOH 20 2020 2020 HOH HOH A . 
D 3 HOH 21 2021 2021 HOH HOH A . 
D 3 HOH 22 2022 2022 HOH HOH A . 
D 3 HOH 23 2023 2023 HOH HOH A . 
D 3 HOH 24 2024 2024 HOH HOH A . 
D 3 HOH 25 2025 2025 HOH HOH A . 
D 3 HOH 26 2026 2026 HOH HOH A . 
D 3 HOH 27 2027 2027 HOH HOH A . 
D 3 HOH 28 2028 2028 HOH HOH A . 
D 3 HOH 29 2029 2029 HOH HOH A . 
D 3 HOH 30 2030 2030 HOH HOH A . 
D 3 HOH 31 2031 2031 HOH HOH A . 
D 3 HOH 32 2032 2032 HOH HOH A . 
D 3 HOH 33 2033 2033 HOH HOH A . 
D 3 HOH 34 2034 2034 HOH HOH A . 
D 3 HOH 35 2035 2035 HOH HOH A . 
D 3 HOH 36 2036 2036 HOH HOH A . 
D 3 HOH 37 2037 2037 HOH HOH A . 
D 3 HOH 38 2038 2038 HOH HOH A . 
D 3 HOH 39 2039 2039 HOH HOH A . 
D 3 HOH 40 2040 2040 HOH HOH A . 
D 3 HOH 41 2041 2041 HOH HOH A . 
D 3 HOH 42 2042 2042 HOH HOH A . 
D 3 HOH 43 2043 2043 HOH HOH A . 
D 3 HOH 44 2044 2044 HOH HOH A . 
D 3 HOH 45 2045 2045 HOH HOH A . 
D 3 HOH 46 2046 2046 HOH HOH A . 
D 3 HOH 47 2047 2047 HOH HOH A . 
D 3 HOH 48 2048 2048 HOH HOH A . 
D 3 HOH 49 2049 2049 HOH HOH A . 
D 3 HOH 50 2050 2050 HOH HOH A . 
D 3 HOH 51 2051 2051 HOH HOH A . 
D 3 HOH 52 2052 2052 HOH HOH A . 
D 3 HOH 53 2053 2053 HOH HOH A . 
D 3 HOH 54 2054 2054 HOH HOH A . 
D 3 HOH 55 2055 2055 HOH HOH A . 
D 3 HOH 56 2056 2056 HOH HOH A . 
D 3 HOH 57 2057 2057 HOH HOH A . 
E 3 HOH 1  2001 2001 HOH HOH B . 
E 3 HOH 2  2002 2002 HOH HOH B . 
E 3 HOH 3  2003 2003 HOH HOH B . 
E 3 HOH 4  2004 2004 HOH HOH B . 
E 3 HOH 5  2005 2005 HOH HOH B . 
E 3 HOH 6  2006 2006 HOH HOH B . 
E 3 HOH 7  2007 2007 HOH HOH B . 
E 3 HOH 8  2008 2008 HOH HOH B . 
E 3 HOH 9  2009 2009 HOH HOH B . 
E 3 HOH 10 2010 2010 HOH HOH B . 
E 3 HOH 11 2011 2011 HOH HOH B . 
E 3 HOH 12 2012 2012 HOH HOH B . 
E 3 HOH 13 2013 2013 HOH HOH B . 
E 3 HOH 14 2014 2014 HOH HOH B . 
E 3 HOH 15 2015 2015 HOH HOH B . 
E 3 HOH 16 2016 2016 HOH HOH B . 
E 3 HOH 17 2017 2017 HOH HOH B . 
E 3 HOH 18 2018 2018 HOH HOH B . 
E 3 HOH 19 2019 2019 HOH HOH B . 
E 3 HOH 20 2020 2020 HOH HOH B . 
E 3 HOH 21 2021 2021 HOH HOH B . 
E 3 HOH 22 2022 2022 HOH HOH B . 
E 3 HOH 23 2023 2023 HOH HOH B . 
E 3 HOH 24 2024 2024 HOH HOH B . 
E 3 HOH 25 2025 2025 HOH HOH B . 
E 3 HOH 26 2026 2026 HOH HOH B . 
E 3 HOH 27 2027 2027 HOH HOH B . 
E 3 HOH 28 2028 2028 HOH HOH B . 
E 3 HOH 29 2029 2029 HOH HOH B . 
E 3 HOH 30 2030 2030 HOH HOH B . 
E 3 HOH 31 2031 2031 HOH HOH B . 
E 3 HOH 32 2032 2032 HOH HOH B . 
E 3 HOH 33 2033 2033 HOH HOH B . 
E 3 HOH 34 2034 2034 HOH HOH B . 
E 3 HOH 35 2035 2035 HOH HOH B . 
E 3 HOH 36 2036 2036 HOH HOH B . 
E 3 HOH 37 2037 2037 HOH HOH B . 
E 3 HOH 38 2038 2038 HOH HOH B . 
E 3 HOH 39 2039 2039 HOH HOH B . 
E 3 HOH 40 2040 2040 HOH HOH B . 
E 3 HOH 41 2041 2041 HOH HOH B . 
E 3 HOH 42 2042 2042 HOH HOH B . 
E 3 HOH 43 2043 2043 HOH HOH B . 
E 3 HOH 44 2044 2044 HOH HOH B . 
E 3 HOH 45 2045 2045 HOH HOH B . 
E 3 HOH 46 2046 2046 HOH HOH B . 
E 3 HOH 47 2047 2047 HOH HOH B . 
E 3 HOH 48 2048 2048 HOH HOH B . 
E 3 HOH 49 2049 2049 HOH HOH B . 
E 3 HOH 50 2050 2050 HOH HOH B . 
E 3 HOH 51 2051 2051 HOH HOH B . 
E 3 HOH 52 2052 2052 HOH HOH B . 
E 3 HOH 53 2053 2053 HOH HOH B . 
E 3 HOH 54 2054 2054 HOH HOH B . 
# 
loop_
_software.name 
_software.classification 
_software.version 
_software.citation_id 
_software.pdbx_ordinal 
CNS    refinement       0.9 ? 1 
MOSFLM 'data reduction' .   ? 2 
SCALA  'data scaling'   .   ? 3 
SOLVE  phasing          .   ? 4 
# 
_cell.entry_id           1E0B 
_cell.length_a           59.890 
_cell.length_b           59.890 
_cell.length_c           91.230 
_cell.angle_alpha        90.00 
_cell.angle_beta         90.00 
_cell.angle_gamma        120.00 
_cell.Z_PDB              12 
_cell.pdbx_unique_axis   ? 
# 
_symmetry.entry_id                         1E0B 
_symmetry.space_group_name_H-M             'P 32 2 1' 
_symmetry.pdbx_full_space_group_name_H-M   ? 
_symmetry.cell_setting                     ? 
_symmetry.Int_Tables_number                154 
# 
_exptl.entry_id          1E0B 
_exptl.method            'X-RAY DIFFRACTION' 
_exptl.crystals_number   1 
# 
_exptl_crystal.id                    1 
_exptl_crystal.density_meas          ? 
_exptl_crystal.density_Matthews      2.93 
_exptl_crystal.density_percent_sol   61 
_exptl_crystal.description           ? 
# 
_exptl_crystal_grow.crystal_id      1 
_exptl_crystal_grow.method          ? 
_exptl_crystal_grow.temp            277 
_exptl_crystal_grow.temp_details    ? 
_exptl_crystal_grow.pH              8.50 
_exptl_crystal_grow.pdbx_pH_range   ? 
_exptl_crystal_grow.pdbx_details    
;20% (W/V) PEG 4000, 0.2M SODIUM ACETATE, 0.1M TRIS HCL PH 8.5, TEMPERATURE 4 DEGREES CENTIGRADE PROTEIN CONCENTRATION 10 MG/ML TIME 3 TO 4 DAYS
;
# 
_diffrn.id                     1 
_diffrn.ambient_temp           100.0 
_diffrn.ambient_temp_details   ? 
_diffrn.crystal_id             1 
# 
_diffrn_detector.diffrn_id              1 
_diffrn_detector.detector               ? 
_diffrn_detector.type                   ? 
_diffrn_detector.pdbx_collection_date   1999-05-15 
_diffrn_detector.details                ? 
# 
_diffrn_radiation.diffrn_id                        1 
_diffrn_radiation.wavelength_id                    1 
_diffrn_radiation.pdbx_monochromatic_or_laue_m_l   M 
_diffrn_radiation.monochromator                    ? 
_diffrn_radiation.pdbx_diffrn_protocol             'SINGLE WAVELENGTH' 
_diffrn_radiation.pdbx_scattering_type             x-ray 
# 
_diffrn_radiation_wavelength.id           1 
_diffrn_radiation_wavelength.wavelength   0.87 
_diffrn_radiation_wavelength.wt           1.0 
# 
_diffrn_source.diffrn_id                   1 
_diffrn_source.source                      SYNCHROTRON 
_diffrn_source.type                        'SRS BEAMLINE PX9.6' 
_diffrn_source.pdbx_synchrotron_site       SRS 
_diffrn_source.pdbx_synchrotron_beamline   PX9.6 
_diffrn_source.pdbx_wavelength             0.87 
_diffrn_source.pdbx_wavelength_list        ? 
# 
_reflns.pdbx_diffrn_id               1 
_reflns.pdbx_ordinal                 1 
_reflns.entry_id                     1E0B 
_reflns.observed_criterion_sigma_I   ? 
_reflns.observed_criterion_sigma_F   ? 
_reflns.d_resolution_low             22.250 
_reflns.d_resolution_high            1.900 
_reflns.number_obs                   115148 
_reflns.number_all                   ? 
_reflns.percent_possible_obs         99.8 
_reflns.pdbx_Rmerge_I_obs            0.06100 
_reflns.pdbx_Rsym_value              ? 
_reflns.pdbx_netI_over_sigmaI        ? 
_reflns.B_iso_Wilson_estimate        ? 
_reflns.pdbx_redundancy              14.000 
# 
_refine.pdbx_refine_id                           'X-RAY DIFFRACTION' 
_refine.entry_id                                 1E0B 
_refine.pdbx_diffrn_id                           1 
_refine.pdbx_TLS_residual_ADP_flag               ? 
_refine.ls_number_reflns_obs                     14642 
_refine.ls_number_reflns_all                     ? 
_refine.pdbx_ls_sigma_I                          ? 
_refine.pdbx_ls_sigma_F                          0.0 
_refine.pdbx_data_cutoff_high_absF               ? 
_refine.pdbx_data_cutoff_low_absF                ? 
_refine.pdbx_data_cutoff_high_rms_absF           ? 
_refine.ls_d_res_low                             22.0 
_refine.ls_d_res_high                            1.90 
_refine.ls_percent_reflns_obs                    99.8 
_refine.ls_R_factor_obs                          0.226 
_refine.ls_R_factor_all                          ? 
_refine.ls_R_factor_R_work                       0.226 
_refine.ls_R_factor_R_free                       0.259 
_refine.ls_R_factor_R_free_error                 ? 
_refine.ls_R_factor_R_free_error_details         ? 
_refine.ls_percent_reflns_R_free                 4.9 
_refine.ls_number_reflns_R_free                  717 
_refine.ls_number_parameters                     ? 
_refine.ls_number_restraints                     ? 
_refine.occupancy_min                            ? 
_refine.occupancy_max                            ? 
_refine.correlation_coeff_Fo_to_Fc               ? 
_refine.correlation_coeff_Fo_to_Fc_free          ? 
_refine.B_iso_mean                               41.6546 
_refine.aniso_B[1][1]                            -5.007 
_refine.aniso_B[2][2]                            -5.007 
_refine.aniso_B[3][3]                            10.013 
_refine.aniso_B[1][2]                            -0.447 
_refine.aniso_B[1][3]                            0.000 
_refine.aniso_B[2][3]                            0.000 
_refine.solvent_model_details                    ? 
_refine.solvent_model_param_ksol                 ? 
_refine.solvent_model_param_bsol                 ? 
_refine.pdbx_solvent_vdw_probe_radii             ? 
_refine.pdbx_solvent_ion_probe_radii             ? 
_refine.pdbx_solvent_shrinkage_radii             ? 
_refine.pdbx_ls_cross_valid_method               THROUGHOUT 
_refine.details                                  ? 
_refine.pdbx_starting_model                      ? 
_refine.pdbx_method_to_determine_struct          MIR 
_refine.pdbx_isotropic_thermal_model             ? 
_refine.pdbx_stereochemistry_target_values       ? 
_refine.pdbx_stereochem_target_val_spec_case     ? 
_refine.pdbx_R_Free_selection_details            RANDOM 
_refine.pdbx_overall_ESU_R                       ? 
_refine.pdbx_overall_ESU_R_Free                  ? 
_refine.overall_SU_ML                            ? 
_refine.pdbx_overall_phase_error                 ? 
_refine.overall_SU_B                             ? 
_refine.overall_SU_R_Cruickshank_DPI             ? 
_refine.pdbx_overall_SU_R_free_Cruickshank_DPI   ? 
_refine.pdbx_overall_SU_R_Blow_DPI               ? 
_refine.pdbx_overall_SU_R_free_Blow_DPI          ? 
# 
_refine_analyze.pdbx_refine_id                  'X-RAY DIFFRACTION' 
_refine_analyze.entry_id                        1E0B 
_refine_analyze.Luzzati_coordinate_error_obs    0.3 
_refine_analyze.Luzzati_sigma_a_obs             0.24 
_refine_analyze.Luzzati_d_res_low_obs           5.0 
_refine_analyze.Luzzati_coordinate_error_free   0.33 
_refine_analyze.Luzzati_sigma_a_free            0.25 
_refine_analyze.Luzzati_d_res_low_free          ? 
_refine_analyze.number_disordered_residues      ? 
_refine_analyze.occupancy_sum_hydrogen          ? 
_refine_analyze.occupancy_sum_non_hydrogen      ? 
# 
_refine_hist.pdbx_refine_id                   'X-RAY DIFFRACTION' 
_refine_hist.cycle_id                         LAST 
_refine_hist.pdbx_number_atoms_protein        991 
_refine_hist.pdbx_number_atoms_nucleic_acid   0 
_refine_hist.pdbx_number_atoms_ligand         17 
_refine_hist.number_atoms_solvent             111 
_refine_hist.number_atoms_total               1119 
_refine_hist.d_res_high                       1.90 
_refine_hist.d_res_low                        22.0 
# 
loop_
_refine_ls_restr.type 
_refine_ls_restr.dev_ideal 
_refine_ls_restr.dev_ideal_target 
_refine_ls_restr.weight 
_refine_ls_restr.number 
_refine_ls_restr.pdbx_refine_id 
_refine_ls_restr.pdbx_restraint_function 
c_bond_d                0.029    ? ? ? 'X-RAY DIFFRACTION' ? 
c_bond_d_na             ?        ? ? ? 'X-RAY DIFFRACTION' ? 
c_bond_d_prot           ?        ? ? ? 'X-RAY DIFFRACTION' ? 
c_angle_d               ?        ? ? ? 'X-RAY DIFFRACTION' ? 
c_angle_d_na            ?        ? ? ? 'X-RAY DIFFRACTION' ? 
c_angle_d_prot          ?        ? ? ? 'X-RAY DIFFRACTION' ? 
c_angle_deg             2.28230  ? ? ? 'X-RAY DIFFRACTION' ? 
c_angle_deg_na          ?        ? ? ? 'X-RAY DIFFRACTION' ? 
c_angle_deg_prot        ?        ? ? ? 'X-RAY DIFFRACTION' ? 
c_dihedral_angle_d      23.09289 ? ? ? 'X-RAY DIFFRACTION' ? 
c_dihedral_angle_d_na   ?        ? ? ? 'X-RAY DIFFRACTION' ? 
c_dihedral_angle_d_prot ?        ? ? ? 'X-RAY DIFFRACTION' ? 
c_improper_angle_d      1.41547  ? ? ? 'X-RAY DIFFRACTION' ? 
c_improper_angle_d_na   ?        ? ? ? 'X-RAY DIFFRACTION' ? 
c_improper_angle_d_prot ?        ? ? ? 'X-RAY DIFFRACTION' ? 
c_mcbond_it             ?        ? ? ? 'X-RAY DIFFRACTION' ? 
c_mcangle_it            ?        ? ? ? 'X-RAY DIFFRACTION' ? 
c_scbond_it             ?        ? ? ? 'X-RAY DIFFRACTION' ? 
c_scangle_it            ?        ? ? ? 'X-RAY DIFFRACTION' ? 
# 
_struct_ncs_oper.id             1 
_struct_ncs_oper.code           given 
_struct_ncs_oper.details        ? 
_struct_ncs_oper.matrix[1][1]   -0.38616681 
_struct_ncs_oper.matrix[1][2]   0.64931012 
_struct_ncs_oper.matrix[1][3]   0.65504009 
_struct_ncs_oper.matrix[2][1]   0.58700083 
_struct_ncs_oper.matrix[2][2]   -0.37423229 
_struct_ncs_oper.matrix[2][3]   0.71803665 
_struct_ncs_oper.matrix[3][1]   0.71091280 
_struct_ncs_oper.matrix[3][2]   0.66266705 
_struct_ncs_oper.matrix[3][3]   -0.23660090 
_struct_ncs_oper.vector[1]      6.36756 
_struct_ncs_oper.vector[2]      -5.35783 
_struct_ncs_oper.vector[3]      -0.82207 
# 
_struct.entry_id                  1E0B 
_struct.title                     'Chromo shadow domain from fission yeast swi6 protein.' 
_struct.pdbx_model_details        ? 
_struct.pdbx_CASP_flag            ? 
_struct.pdbx_model_type_details   ? 
# 
_struct_keywords.entry_id        1E0B 
_struct_keywords.pdbx_keywords   CHROMATIN-BINDING 
_struct_keywords.text            'CHROMATIN-BINDING, CHROMODOMAIN, SHADOW, HETEROCHROMATIN, SWI6, POMBE' 
# 
loop_
_struct_asym.id 
_struct_asym.pdbx_blank_PDB_chainid_flag 
_struct_asym.pdbx_modified 
_struct_asym.entity_id 
_struct_asym.details 
A N N 1 ? 
B N N 1 ? 
C N N 2 ? 
D N N 3 ? 
E N N 3 ? 
# 
_struct_ref.id                         1 
_struct_ref.db_name                    UNP 
_struct_ref.db_code                    SWI6_SCHPO 
_struct_ref.entity_id                  1 
_struct_ref.pdbx_seq_one_letter_code   ? 
_struct_ref.pdbx_align_begin           ? 
_struct_ref.pdbx_db_accession          P40381 
_struct_ref.pdbx_db_isoform            ? 
# 
loop_
_struct_ref_seq.align_id 
_struct_ref_seq.ref_id 
_struct_ref_seq.pdbx_PDB_id_code 
_struct_ref_seq.pdbx_strand_id 
_struct_ref_seq.seq_align_beg 
_struct_ref_seq.pdbx_seq_align_beg_ins_code 
_struct_ref_seq.seq_align_end 
_struct_ref_seq.pdbx_seq_align_end_ins_code 
_struct_ref_seq.pdbx_db_accession 
_struct_ref_seq.db_align_beg 
_struct_ref_seq.pdbx_db_align_beg_ins_code 
_struct_ref_seq.db_align_end 
_struct_ref_seq.pdbx_db_align_end_ins_code 
_struct_ref_seq.pdbx_auth_seq_align_beg 
_struct_ref_seq.pdbx_auth_seq_align_end 
1 1 1E0B A 1 ? 68 ? P40381 261 ? 328 ? 261 328 
2 1 1E0B B 1 ? 68 ? P40381 261 ? 328 ? 261 328 
# 
_pdbx_struct_assembly.id                   1 
_pdbx_struct_assembly.details              author_and_software_defined_assembly 
_pdbx_struct_assembly.method_details       PQS 
_pdbx_struct_assembly.oligomeric_details   dimeric 
_pdbx_struct_assembly.oligomeric_count     2 
# 
_pdbx_struct_assembly_gen.assembly_id       1 
_pdbx_struct_assembly_gen.oper_expression   1 
_pdbx_struct_assembly_gen.asym_id_list      A,B,C,D,E 
# 
_pdbx_struct_oper_list.id                   1 
_pdbx_struct_oper_list.type                 'identity operation' 
_pdbx_struct_oper_list.name                 1_555 
_pdbx_struct_oper_list.symmetry_operation   x,y,z 
_pdbx_struct_oper_list.matrix[1][1]         1.0000000000 
_pdbx_struct_oper_list.matrix[1][2]         0.0000000000 
_pdbx_struct_oper_list.matrix[1][3]         0.0000000000 
_pdbx_struct_oper_list.vector[1]            0.0000000000 
_pdbx_struct_oper_list.matrix[2][1]         0.0000000000 
_pdbx_struct_oper_list.matrix[2][2]         1.0000000000 
_pdbx_struct_oper_list.matrix[2][3]         0.0000000000 
_pdbx_struct_oper_list.vector[2]            0.0000000000 
_pdbx_struct_oper_list.matrix[3][1]         0.0000000000 
_pdbx_struct_oper_list.matrix[3][2]         0.0000000000 
_pdbx_struct_oper_list.matrix[3][3]         1.0000000000 
_pdbx_struct_oper_list.vector[3]            0.0000000000 
# 
_struct_biol.id   1 
# 
loop_
_struct_conf.conf_type_id 
_struct_conf.id 
_struct_conf.pdbx_PDB_helix_id 
_struct_conf.beg_label_comp_id 
_struct_conf.beg_label_asym_id 
_struct_conf.beg_label_seq_id 
_struct_conf.pdbx_beg_PDB_ins_code 
_struct_conf.end_label_comp_id 
_struct_conf.end_label_asym_id 
_struct_conf.end_label_seq_id 
_struct_conf.pdbx_end_PDB_ins_code 
_struct_conf.beg_auth_comp_id 
_struct_conf.beg_auth_asym_id 
_struct_conf.beg_auth_seq_id 
_struct_conf.end_auth_comp_id 
_struct_conf.end_auth_asym_id 
_struct_conf.end_auth_seq_id 
_struct_conf.pdbx_PDB_helix_class 
_struct_conf.details 
_struct_conf.pdbx_PDB_helix_length 
HELX_P HELX_P1 1 SER A 43 ? SER A 60 ? SER A 303 SER A 320 1 ? 18 
HELX_P HELX_P2 2 SER B 43 ? HIS B 61 ? SER B 303 HIS B 321 1 ? 19 
# 
_struct_conf_type.id          HELX_P 
_struct_conf_type.criteria    ? 
_struct_conf_type.reference   ? 
# 
loop_
_struct_sheet.id 
_struct_sheet.type 
_struct_sheet.number_strands 
_struct_sheet.details 
A ? 3 ? 
B ? 3 ? 
C ? 2 ? 
D ? 2 ? 
# 
loop_
_struct_sheet_order.sheet_id 
_struct_sheet_order.range_id_1 
_struct_sheet_order.range_id_2 
_struct_sheet_order.offset 
_struct_sheet_order.sense 
A 1 2 ? anti-parallel 
A 2 3 ? anti-parallel 
B 1 2 ? anti-parallel 
B 2 3 ? anti-parallel 
C 1 2 ? anti-parallel 
D 1 2 ? anti-parallel 
# 
loop_
_struct_sheet_range.sheet_id 
_struct_sheet_range.id 
_struct_sheet_range.beg_label_comp_id 
_struct_sheet_range.beg_label_asym_id 
_struct_sheet_range.beg_label_seq_id 
_struct_sheet_range.pdbx_beg_PDB_ins_code 
_struct_sheet_range.end_label_comp_id 
_struct_sheet_range.end_label_asym_id 
_struct_sheet_range.end_label_seq_id 
_struct_sheet_range.pdbx_end_PDB_ins_code 
_struct_sheet_range.beg_auth_comp_id 
_struct_sheet_range.beg_auth_asym_id 
_struct_sheet_range.beg_auth_seq_id 
_struct_sheet_range.end_auth_comp_id 
_struct_sheet_range.end_auth_asym_id 
_struct_sheet_range.end_auth_seq_id 
A 1 THR A 18 ? ARG A 21 ? THR A 278 ARG A 281 
A 2 LEU A 27 ? THR A 32 ? LEU A 287 THR A 292 
A 3 ILE A 38 ? PRO A 42 ? ILE A 298 PRO A 302 
B 1 THR B 18 ? ARG B 21 ? THR B 278 ARG B 281 
B 2 LEU B 27 ? THR B 32 ? LEU B 287 THR B 292 
B 3 ILE B 38 ? PRO B 42 ? ILE B 298 PRO B 302 
C 1 VAL A 13 ? ILE A 16 ? VAL A 273 ILE A 276 
C 2 LEU A 31 ? TRP A 33 ? LEU A 291 TRP A 293 
D 1 VAL B 13 ? ILE B 16 ? VAL B 273 ILE B 276 
D 2 LEU B 31 ? TRP B 33 ? LEU B 291 TRP B 293 
# 
loop_
_pdbx_struct_sheet_hbond.sheet_id 
_pdbx_struct_sheet_hbond.range_id_1 
_pdbx_struct_sheet_hbond.range_id_2 
_pdbx_struct_sheet_hbond.range_1_label_atom_id 
_pdbx_struct_sheet_hbond.range_1_label_comp_id 
_pdbx_struct_sheet_hbond.range_1_label_asym_id 
_pdbx_struct_sheet_hbond.range_1_label_seq_id 
_pdbx_struct_sheet_hbond.range_1_PDB_ins_code 
_pdbx_struct_sheet_hbond.range_1_auth_atom_id 
_pdbx_struct_sheet_hbond.range_1_auth_comp_id 
_pdbx_struct_sheet_hbond.range_1_auth_asym_id 
_pdbx_struct_sheet_hbond.range_1_auth_seq_id 
_pdbx_struct_sheet_hbond.range_2_label_atom_id 
_pdbx_struct_sheet_hbond.range_2_label_comp_id 
_pdbx_struct_sheet_hbond.range_2_label_asym_id 
_pdbx_struct_sheet_hbond.range_2_label_seq_id 
_pdbx_struct_sheet_hbond.range_2_PDB_ins_code 
_pdbx_struct_sheet_hbond.range_2_auth_atom_id 
_pdbx_struct_sheet_hbond.range_2_auth_comp_id 
_pdbx_struct_sheet_hbond.range_2_auth_asym_id 
_pdbx_struct_sheet_hbond.range_2_auth_seq_id 
A 1 2 O THR A 18 ? O THR A 278 N TYR A 30 ? N TYR A 290 
A 2 3 O ILE A 29 ? O ILE A 289 N HIS A 41 ? N HIS A 301 
B 1 2 O THR B 18 ? O THR B 278 N TYR B 30 ? N TYR B 290 
B 2 3 O ILE B 29 ? O ILE B 289 N HIS B 41 ? N HIS B 301 
C 1 2 O SER A 14 ? O SER A 274 N THR A 32 ? N THR A 292 
D 1 2 O SER B 14 ? O SER B 274 N THR B 32 ? N THR B 292 
# 
_struct_site.id                   AC1 
_struct_site.pdbx_evidence_code   Software 
_struct_site.pdbx_auth_asym_id    A 
_struct_site.pdbx_auth_comp_id    1PG 
_struct_site.pdbx_auth_seq_id     438 
_struct_site.pdbx_auth_ins_code   ? 
_struct_site.pdbx_num_residues    7 
_struct_site.details              'BINDING SITE FOR RESIDUE 1PG A 438' 
# 
loop_
_struct_site_gen.id 
_struct_site_gen.site_id 
_struct_site_gen.pdbx_num_res 
_struct_site_gen.label_comp_id 
_struct_site_gen.label_asym_id 
_struct_site_gen.label_seq_id 
_struct_site_gen.pdbx_auth_ins_code 
_struct_site_gen.auth_comp_id 
_struct_site_gen.auth_asym_id 
_struct_site_gen.auth_seq_id 
_struct_site_gen.label_atom_id 
_struct_site_gen.label_alt_id 
_struct_site_gen.symmetry 
_struct_site_gen.details 
1 AC1 7 ALA A 37 ? ALA A 297  . ? 1_555 ? 
2 AC1 7 HOH D .  ? HOH A 2054 . ? 1_555 ? 
3 AC1 7 HOH D .  ? HOH A 2055 . ? 1_555 ? 
4 AC1 7 HOH D .  ? HOH A 2057 . ? 1_555 ? 
5 AC1 7 TRP B 33 ? TRP B 293  . ? 1_555 ? 
6 AC1 7 ASN B 35 ? ASN B 295  . ? 1_555 ? 
7 AC1 7 ALA B 37 ? ALA B 297  . ? 1_555 ? 
# 
_pdbx_validate_symm_contact.id                1 
_pdbx_validate_symm_contact.PDB_model_num     1 
_pdbx_validate_symm_contact.auth_atom_id_1    C1 
_pdbx_validate_symm_contact.auth_asym_id_1    A 
_pdbx_validate_symm_contact.auth_comp_id_1    1PG 
_pdbx_validate_symm_contact.auth_seq_id_1     438 
_pdbx_validate_symm_contact.PDB_ins_code_1    ? 
_pdbx_validate_symm_contact.label_alt_id_1    ? 
_pdbx_validate_symm_contact.site_symmetry_1   1_555 
_pdbx_validate_symm_contact.auth_atom_id_2    C1 
_pdbx_validate_symm_contact.auth_asym_id_2    A 
_pdbx_validate_symm_contact.auth_comp_id_2    1PG 
_pdbx_validate_symm_contact.auth_seq_id_2     438 
_pdbx_validate_symm_contact.PDB_ins_code_2    ? 
_pdbx_validate_symm_contact.label_alt_id_2    ? 
_pdbx_validate_symm_contact.site_symmetry_2   5_556 
_pdbx_validate_symm_contact.dist              1.72 
# 
loop_
_pdbx_validate_torsion.id 
_pdbx_validate_torsion.PDB_model_num 
_pdbx_validate_torsion.auth_comp_id 
_pdbx_validate_torsion.auth_asym_id 
_pdbx_validate_torsion.auth_seq_id 
_pdbx_validate_torsion.PDB_ins_code 
_pdbx_validate_torsion.label_alt_id 
_pdbx_validate_torsion.phi 
_pdbx_validate_torsion.psi 
1 1 GLU A 264 ? ? -163.04 -1.67  
2 1 ASP A 277 ? ? -94.75  -66.18 
3 1 SER A 320 ? ? -93.93  44.35  
4 1 HIS A 321 ? ? 170.25  65.97  
5 1 LYS B 282 ? ? -53.85  172.36 
6 1 ASP B 284 ? ? -66.17  1.93   
# 
loop_
_pdbx_distant_solvent_atoms.id 
_pdbx_distant_solvent_atoms.PDB_model_num 
_pdbx_distant_solvent_atoms.auth_atom_id 
_pdbx_distant_solvent_atoms.label_alt_id 
_pdbx_distant_solvent_atoms.auth_asym_id 
_pdbx_distant_solvent_atoms.auth_comp_id 
_pdbx_distant_solvent_atoms.auth_seq_id 
_pdbx_distant_solvent_atoms.PDB_ins_code 
_pdbx_distant_solvent_atoms.neighbor_macromolecule_distance 
_pdbx_distant_solvent_atoms.neighbor_ligand_distance 
1 1 O ? A HOH 2047 ? 6.76 . 
2 1 O ? B HOH 2018 ? 6.21 . 
3 1 O ? B HOH 2026 ? 6.12 . 
# 
loop_
_pdbx_unobs_or_zero_occ_residues.id 
_pdbx_unobs_or_zero_occ_residues.PDB_model_num 
_pdbx_unobs_or_zero_occ_residues.polymer_flag 
_pdbx_unobs_or_zero_occ_residues.occupancy_flag 
_pdbx_unobs_or_zero_occ_residues.auth_asym_id 
_pdbx_unobs_or_zero_occ_residues.auth_comp_id 
_pdbx_unobs_or_zero_occ_residues.auth_seq_id 
_pdbx_unobs_or_zero_occ_residues.PDB_ins_code 
_pdbx_unobs_or_zero_occ_residues.label_asym_id 
_pdbx_unobs_or_zero_occ_residues.label_comp_id 
_pdbx_unobs_or_zero_occ_residues.label_seq_id 
1  1 Y 1 A LYS 261 ? A LYS 1  
2  1 Y 1 A THR 323 ? A THR 63 
3  1 Y 1 A PHE 324 ? A PHE 64 
4  1 Y 1 A ARG 325 ? A ARG 65 
5  1 Y 1 A GLU 326 ? A GLU 66 
6  1 Y 1 A ASN 327 ? A ASN 67 
7  1 Y 1 A GLU 328 ? A GLU 68 
8  1 Y 1 B LYS 261 ? B LYS 1  
9  1 Y 1 B GLN 262 ? B GLN 2  
10 1 Y 1 B VAL 263 ? B VAL 3  
11 1 Y 1 B GLU 264 ? B GLU 4  
12 1 Y 1 B ASN 265 ? B ASN 5  
13 1 Y 1 B ARG 325 ? B ARG 65 
14 1 Y 1 B GLU 326 ? B GLU 66 
15 1 Y 1 B ASN 327 ? B ASN 67 
16 1 Y 1 B GLU 328 ? B GLU 68 
# 
loop_
_chem_comp_atom.comp_id 
_chem_comp_atom.atom_id 
_chem_comp_atom.type_symbol 
_chem_comp_atom.pdbx_aromatic_flag 
_chem_comp_atom.pdbx_stereo_config 
_chem_comp_atom.pdbx_ordinal 
1PG C2   C N N 1   
1PG C1   C N N 2   
1PG O1   O N N 3   
1PG O2   O N N 4   
1PG C3   C N N 5   
1PG C4   C N N 6   
1PG C5   C N N 7   
1PG O3   O N N 8   
1PG C6   C N N 9   
1PG C7   C N N 10  
1PG O4   O N N 11  
1PG C8   C N N 12  
1PG C9   C N N 13  
1PG O5   O N N 14  
1PG C10  C N N 15  
1PG C11  C N N 16  
1PG O6   O N N 17  
1PG H21  H N N 18  
1PG H22  H N N 19  
1PG H11  H N N 20  
1PG H12  H N N 21  
1PG H13  H N N 22  
1PG H31  H N N 23  
1PG H32  H N N 24  
1PG H41  H N N 25  
1PG H42  H N N 26  
1PG H51  H N N 27  
1PG H52  H N N 28  
1PG H61  H N N 29  
1PG H62  H N N 30  
1PG H71  H N N 31  
1PG H72  H N N 32  
1PG H81  H N N 33  
1PG H82  H N N 34  
1PG H91  H N N 35  
1PG H92  H N N 36  
1PG H101 H N N 37  
1PG H102 H N N 38  
1PG H111 H N N 39  
1PG H112 H N N 40  
1PG HO6  H N N 41  
ALA N    N N N 42  
ALA CA   C N S 43  
ALA C    C N N 44  
ALA O    O N N 45  
ALA CB   C N N 46  
ALA OXT  O N N 47  
ALA H    H N N 48  
ALA H2   H N N 49  
ALA HA   H N N 50  
ALA HB1  H N N 51  
ALA HB2  H N N 52  
ALA HB3  H N N 53  
ALA HXT  H N N 54  
ARG N    N N N 55  
ARG CA   C N S 56  
ARG C    C N N 57  
ARG O    O N N 58  
ARG CB   C N N 59  
ARG CG   C N N 60  
ARG CD   C N N 61  
ARG NE   N N N 62  
ARG CZ   C N N 63  
ARG NH1  N N N 64  
ARG NH2  N N N 65  
ARG OXT  O N N 66  
ARG H    H N N 67  
ARG H2   H N N 68  
ARG HA   H N N 69  
ARG HB2  H N N 70  
ARG HB3  H N N 71  
ARG HG2  H N N 72  
ARG HG3  H N N 73  
ARG HD2  H N N 74  
ARG HD3  H N N 75  
ARG HE   H N N 76  
ARG HH11 H N N 77  
ARG HH12 H N N 78  
ARG HH21 H N N 79  
ARG HH22 H N N 80  
ARG HXT  H N N 81  
ASN N    N N N 82  
ASN CA   C N S 83  
ASN C    C N N 84  
ASN O    O N N 85  
ASN CB   C N N 86  
ASN CG   C N N 87  
ASN OD1  O N N 88  
ASN ND2  N N N 89  
ASN OXT  O N N 90  
ASN H    H N N 91  
ASN H2   H N N 92  
ASN HA   H N N 93  
ASN HB2  H N N 94  
ASN HB3  H N N 95  
ASN HD21 H N N 96  
ASN HD22 H N N 97  
ASN HXT  H N N 98  
ASP N    N N N 99  
ASP CA   C N S 100 
ASP C    C N N 101 
ASP O    O N N 102 
ASP CB   C N N 103 
ASP CG   C N N 104 
ASP OD1  O N N 105 
ASP OD2  O N N 106 
ASP OXT  O N N 107 
ASP H    H N N 108 
ASP H2   H N N 109 
ASP HA   H N N 110 
ASP HB2  H N N 111 
ASP HB3  H N N 112 
ASP HD2  H N N 113 
ASP HXT  H N N 114 
CYS N    N N N 115 
CYS CA   C N R 116 
CYS C    C N N 117 
CYS O    O N N 118 
CYS CB   C N N 119 
CYS SG   S N N 120 
CYS OXT  O N N 121 
CYS H    H N N 122 
CYS H2   H N N 123 
CYS HA   H N N 124 
CYS HB2  H N N 125 
CYS HB3  H N N 126 
CYS HG   H N N 127 
CYS HXT  H N N 128 
GLN N    N N N 129 
GLN CA   C N S 130 
GLN C    C N N 131 
GLN O    O N N 132 
GLN CB   C N N 133 
GLN CG   C N N 134 
GLN CD   C N N 135 
GLN OE1  O N N 136 
GLN NE2  N N N 137 
GLN OXT  O N N 138 
GLN H    H N N 139 
GLN H2   H N N 140 
GLN HA   H N N 141 
GLN HB2  H N N 142 
GLN HB3  H N N 143 
GLN HG2  H N N 144 
GLN HG3  H N N 145 
GLN HE21 H N N 146 
GLN HE22 H N N 147 
GLN HXT  H N N 148 
GLU N    N N N 149 
GLU CA   C N S 150 
GLU C    C N N 151 
GLU O    O N N 152 
GLU CB   C N N 153 
GLU CG   C N N 154 
GLU CD   C N N 155 
GLU OE1  O N N 156 
GLU OE2  O N N 157 
GLU OXT  O N N 158 
GLU H    H N N 159 
GLU H2   H N N 160 
GLU HA   H N N 161 
GLU HB2  H N N 162 
GLU HB3  H N N 163 
GLU HG2  H N N 164 
GLU HG3  H N N 165 
GLU HE2  H N N 166 
GLU HXT  H N N 167 
GLY N    N N N 168 
GLY CA   C N N 169 
GLY C    C N N 170 
GLY O    O N N 171 
GLY OXT  O N N 172 
GLY H    H N N 173 
GLY H2   H N N 174 
GLY HA2  H N N 175 
GLY HA3  H N N 176 
GLY HXT  H N N 177 
HIS N    N N N 178 
HIS CA   C N S 179 
HIS C    C N N 180 
HIS O    O N N 181 
HIS CB   C N N 182 
HIS CG   C Y N 183 
HIS ND1  N Y N 184 
HIS CD2  C Y N 185 
HIS CE1  C Y N 186 
HIS NE2  N Y N 187 
HIS OXT  O N N 188 
HIS H    H N N 189 
HIS H2   H N N 190 
HIS HA   H N N 191 
HIS HB2  H N N 192 
HIS HB3  H N N 193 
HIS HD1  H N N 194 
HIS HD2  H N N 195 
HIS HE1  H N N 196 
HIS HE2  H N N 197 
HIS HXT  H N N 198 
HOH O    O N N 199 
HOH H1   H N N 200 
HOH H2   H N N 201 
ILE N    N N N 202 
ILE CA   C N S 203 
ILE C    C N N 204 
ILE O    O N N 205 
ILE CB   C N S 206 
ILE CG1  C N N 207 
ILE CG2  C N N 208 
ILE CD1  C N N 209 
ILE OXT  O N N 210 
ILE H    H N N 211 
ILE H2   H N N 212 
ILE HA   H N N 213 
ILE HB   H N N 214 
ILE HG12 H N N 215 
ILE HG13 H N N 216 
ILE HG21 H N N 217 
ILE HG22 H N N 218 
ILE HG23 H N N 219 
ILE HD11 H N N 220 
ILE HD12 H N N 221 
ILE HD13 H N N 222 
ILE HXT  H N N 223 
LEU N    N N N 224 
LEU CA   C N S 225 
LEU C    C N N 226 
LEU O    O N N 227 
LEU CB   C N N 228 
LEU CG   C N N 229 
LEU CD1  C N N 230 
LEU CD2  C N N 231 
LEU OXT  O N N 232 
LEU H    H N N 233 
LEU H2   H N N 234 
LEU HA   H N N 235 
LEU HB2  H N N 236 
LEU HB3  H N N 237 
LEU HG   H N N 238 
LEU HD11 H N N 239 
LEU HD12 H N N 240 
LEU HD13 H N N 241 
LEU HD21 H N N 242 
LEU HD22 H N N 243 
LEU HD23 H N N 244 
LEU HXT  H N N 245 
LYS N    N N N 246 
LYS CA   C N S 247 
LYS C    C N N 248 
LYS O    O N N 249 
LYS CB   C N N 250 
LYS CG   C N N 251 
LYS CD   C N N 252 
LYS CE   C N N 253 
LYS NZ   N N N 254 
LYS OXT  O N N 255 
LYS H    H N N 256 
LYS H2   H N N 257 
LYS HA   H N N 258 
LYS HB2  H N N 259 
LYS HB3  H N N 260 
LYS HG2  H N N 261 
LYS HG3  H N N 262 
LYS HD2  H N N 263 
LYS HD3  H N N 264 
LYS HE2  H N N 265 
LYS HE3  H N N 266 
LYS HZ1  H N N 267 
LYS HZ2  H N N 268 
LYS HZ3  H N N 269 
LYS HXT  H N N 270 
MET N    N N N 271 
MET CA   C N S 272 
MET C    C N N 273 
MET O    O N N 274 
MET CB   C N N 275 
MET CG   C N N 276 
MET SD   S N N 277 
MET CE   C N N 278 
MET OXT  O N N 279 
MET H    H N N 280 
MET H2   H N N 281 
MET HA   H N N 282 
MET HB2  H N N 283 
MET HB3  H N N 284 
MET HG2  H N N 285 
MET HG3  H N N 286 
MET HE1  H N N 287 
MET HE2  H N N 288 
MET HE3  H N N 289 
MET HXT  H N N 290 
PHE N    N N N 291 
PHE CA   C N S 292 
PHE C    C N N 293 
PHE O    O N N 294 
PHE CB   C N N 295 
PHE CG   C Y N 296 
PHE CD1  C Y N 297 
PHE CD2  C Y N 298 
PHE CE1  C Y N 299 
PHE CE2  C Y N 300 
PHE CZ   C Y N 301 
PHE OXT  O N N 302 
PHE H    H N N 303 
PHE H2   H N N 304 
PHE HA   H N N 305 
PHE HB2  H N N 306 
PHE HB3  H N N 307 
PHE HD1  H N N 308 
PHE HD2  H N N 309 
PHE HE1  H N N 310 
PHE HE2  H N N 311 
PHE HZ   H N N 312 
PHE HXT  H N N 313 
PRO N    N N N 314 
PRO CA   C N S 315 
PRO C    C N N 316 
PRO O    O N N 317 
PRO CB   C N N 318 
PRO CG   C N N 319 
PRO CD   C N N 320 
PRO OXT  O N N 321 
PRO H    H N N 322 
PRO HA   H N N 323 
PRO HB2  H N N 324 
PRO HB3  H N N 325 
PRO HG2  H N N 326 
PRO HG3  H N N 327 
PRO HD2  H N N 328 
PRO HD3  H N N 329 
PRO HXT  H N N 330 
SER N    N N N 331 
SER CA   C N S 332 
SER C    C N N 333 
SER O    O N N 334 
SER CB   C N N 335 
SER OG   O N N 336 
SER OXT  O N N 337 
SER H    H N N 338 
SER H2   H N N 339 
SER HA   H N N 340 
SER HB2  H N N 341 
SER HB3  H N N 342 
SER HG   H N N 343 
SER HXT  H N N 344 
THR N    N N N 345 
THR CA   C N S 346 
THR C    C N N 347 
THR O    O N N 348 
THR CB   C N R 349 
THR OG1  O N N 350 
THR CG2  C N N 351 
THR OXT  O N N 352 
THR H    H N N 353 
THR H2   H N N 354 
THR HA   H N N 355 
THR HB   H N N 356 
THR HG1  H N N 357 
THR HG21 H N N 358 
THR HG22 H N N 359 
THR HG23 H N N 360 
THR HXT  H N N 361 
TRP N    N N N 362 
TRP CA   C N S 363 
TRP C    C N N 364 
TRP O    O N N 365 
TRP CB   C N N 366 
TRP CG   C Y N 367 
TRP CD1  C Y N 368 
TRP CD2  C Y N 369 
TRP NE1  N Y N 370 
TRP CE2  C Y N 371 
TRP CE3  C Y N 372 
TRP CZ2  C Y N 373 
TRP CZ3  C Y N 374 
TRP CH2  C Y N 375 
TRP OXT  O N N 376 
TRP H    H N N 377 
TRP H2   H N N 378 
TRP HA   H N N 379 
TRP HB2  H N N 380 
TRP HB3  H N N 381 
TRP HD1  H N N 382 
TRP HE1  H N N 383 
TRP HE3  H N N 384 
TRP HZ2  H N N 385 
TRP HZ3  H N N 386 
TRP HH2  H N N 387 
TRP HXT  H N N 388 
TYR N    N N N 389 
TYR CA   C N S 390 
TYR C    C N N 391 
TYR O    O N N 392 
TYR CB   C N N 393 
TYR CG   C Y N 394 
TYR CD1  C Y N 395 
TYR CD2  C Y N 396 
TYR CE1  C Y N 397 
TYR CE2  C Y N 398 
TYR CZ   C Y N 399 
TYR OH   O N N 400 
TYR OXT  O N N 401 
TYR H    H N N 402 
TYR H2   H N N 403 
TYR HA   H N N 404 
TYR HB2  H N N 405 
TYR HB3  H N N 406 
TYR HD1  H N N 407 
TYR HD2  H N N 408 
TYR HE1  H N N 409 
TYR HE2  H N N 410 
TYR HH   H N N 411 
TYR HXT  H N N 412 
VAL N    N N N 413 
VAL CA   C N S 414 
VAL C    C N N 415 
VAL O    O N N 416 
VAL CB   C N N 417 
VAL CG1  C N N 418 
VAL CG2  C N N 419 
VAL OXT  O N N 420 
VAL H    H N N 421 
VAL H2   H N N 422 
VAL HA   H N N 423 
VAL HB   H N N 424 
VAL HG11 H N N 425 
VAL HG12 H N N 426 
VAL HG13 H N N 427 
VAL HG21 H N N 428 
VAL HG22 H N N 429 
VAL HG23 H N N 430 
VAL HXT  H N N 431 
# 
loop_
_chem_comp_bond.comp_id 
_chem_comp_bond.atom_id_1 
_chem_comp_bond.atom_id_2 
_chem_comp_bond.value_order 
_chem_comp_bond.pdbx_aromatic_flag 
_chem_comp_bond.pdbx_stereo_config 
_chem_comp_bond.pdbx_ordinal 
1PG C2  O1   sing N N 1   
1PG C2  C3   sing N N 2   
1PG C2  H21  sing N N 3   
1PG C2  H22  sing N N 4   
1PG C1  O1   sing N N 5   
1PG C1  H11  sing N N 6   
1PG C1  H12  sing N N 7   
1PG C1  H13  sing N N 8   
1PG O2  C3   sing N N 9   
1PG O2  C4   sing N N 10  
1PG C3  H31  sing N N 11  
1PG C3  H32  sing N N 12  
1PG C4  C5   sing N N 13  
1PG C4  H41  sing N N 14  
1PG C4  H42  sing N N 15  
1PG C5  O3   sing N N 16  
1PG C5  H51  sing N N 17  
1PG C5  H52  sing N N 18  
1PG O3  C6   sing N N 19  
1PG C6  C7   sing N N 20  
1PG C6  H61  sing N N 21  
1PG C6  H62  sing N N 22  
1PG C7  O4   sing N N 23  
1PG C7  H71  sing N N 24  
1PG C7  H72  sing N N 25  
1PG O4  C8   sing N N 26  
1PG C8  C9   sing N N 27  
1PG C8  H81  sing N N 28  
1PG C8  H82  sing N N 29  
1PG C9  O5   sing N N 30  
1PG C9  H91  sing N N 31  
1PG C9  H92  sing N N 32  
1PG O5  C10  sing N N 33  
1PG C10 C11  sing N N 34  
1PG C10 H101 sing N N 35  
1PG C10 H102 sing N N 36  
1PG C11 O6   sing N N 37  
1PG C11 H111 sing N N 38  
1PG C11 H112 sing N N 39  
1PG O6  HO6  sing N N 40  
ALA N   CA   sing N N 41  
ALA N   H    sing N N 42  
ALA N   H2   sing N N 43  
ALA CA  C    sing N N 44  
ALA CA  CB   sing N N 45  
ALA CA  HA   sing N N 46  
ALA C   O    doub N N 47  
ALA C   OXT  sing N N 48  
ALA CB  HB1  sing N N 49  
ALA CB  HB2  sing N N 50  
ALA CB  HB3  sing N N 51  
ALA OXT HXT  sing N N 52  
ARG N   CA   sing N N 53  
ARG N   H    sing N N 54  
ARG N   H2   sing N N 55  
ARG CA  C    sing N N 56  
ARG CA  CB   sing N N 57  
ARG CA  HA   sing N N 58  
ARG C   O    doub N N 59  
ARG C   OXT  sing N N 60  
ARG CB  CG   sing N N 61  
ARG CB  HB2  sing N N 62  
ARG CB  HB3  sing N N 63  
ARG CG  CD   sing N N 64  
ARG CG  HG2  sing N N 65  
ARG CG  HG3  sing N N 66  
ARG CD  NE   sing N N 67  
ARG CD  HD2  sing N N 68  
ARG CD  HD3  sing N N 69  
ARG NE  CZ   sing N N 70  
ARG NE  HE   sing N N 71  
ARG CZ  NH1  sing N N 72  
ARG CZ  NH2  doub N N 73  
ARG NH1 HH11 sing N N 74  
ARG NH1 HH12 sing N N 75  
ARG NH2 HH21 sing N N 76  
ARG NH2 HH22 sing N N 77  
ARG OXT HXT  sing N N 78  
ASN N   CA   sing N N 79  
ASN N   H    sing N N 80  
ASN N   H2   sing N N 81  
ASN CA  C    sing N N 82  
ASN CA  CB   sing N N 83  
ASN CA  HA   sing N N 84  
ASN C   O    doub N N 85  
ASN C   OXT  sing N N 86  
ASN CB  CG   sing N N 87  
ASN CB  HB2  sing N N 88  
ASN CB  HB3  sing N N 89  
ASN CG  OD1  doub N N 90  
ASN CG  ND2  sing N N 91  
ASN ND2 HD21 sing N N 92  
ASN ND2 HD22 sing N N 93  
ASN OXT HXT  sing N N 94  
ASP N   CA   sing N N 95  
ASP N   H    sing N N 96  
ASP N   H2   sing N N 97  
ASP CA  C    sing N N 98  
ASP CA  CB   sing N N 99  
ASP CA  HA   sing N N 100 
ASP C   O    doub N N 101 
ASP C   OXT  sing N N 102 
ASP CB  CG   sing N N 103 
ASP CB  HB2  sing N N 104 
ASP CB  HB3  sing N N 105 
ASP CG  OD1  doub N N 106 
ASP CG  OD2  sing N N 107 
ASP OD2 HD2  sing N N 108 
ASP OXT HXT  sing N N 109 
CYS N   CA   sing N N 110 
CYS N   H    sing N N 111 
CYS N   H2   sing N N 112 
CYS CA  C    sing N N 113 
CYS CA  CB   sing N N 114 
CYS CA  HA   sing N N 115 
CYS C   O    doub N N 116 
CYS C   OXT  sing N N 117 
CYS CB  SG   sing N N 118 
CYS CB  HB2  sing N N 119 
CYS CB  HB3  sing N N 120 
CYS SG  HG   sing N N 121 
CYS OXT HXT  sing N N 122 
GLN N   CA   sing N N 123 
GLN N   H    sing N N 124 
GLN N   H2   sing N N 125 
GLN CA  C    sing N N 126 
GLN CA  CB   sing N N 127 
GLN CA  HA   sing N N 128 
GLN C   O    doub N N 129 
GLN C   OXT  sing N N 130 
GLN CB  CG   sing N N 131 
GLN CB  HB2  sing N N 132 
GLN CB  HB3  sing N N 133 
GLN CG  CD   sing N N 134 
GLN CG  HG2  sing N N 135 
GLN CG  HG3  sing N N 136 
GLN CD  OE1  doub N N 137 
GLN CD  NE2  sing N N 138 
GLN NE2 HE21 sing N N 139 
GLN NE2 HE22 sing N N 140 
GLN OXT HXT  sing N N 141 
GLU N   CA   sing N N 142 
GLU N   H    sing N N 143 
GLU N   H2   sing N N 144 
GLU CA  C    sing N N 145 
GLU CA  CB   sing N N 146 
GLU CA  HA   sing N N 147 
GLU C   O    doub N N 148 
GLU C   OXT  sing N N 149 
GLU CB  CG   sing N N 150 
GLU CB  HB2  sing N N 151 
GLU CB  HB3  sing N N 152 
GLU CG  CD   sing N N 153 
GLU CG  HG2  sing N N 154 
GLU CG  HG3  sing N N 155 
GLU CD  OE1  doub N N 156 
GLU CD  OE2  sing N N 157 
GLU OE2 HE2  sing N N 158 
GLU OXT HXT  sing N N 159 
GLY N   CA   sing N N 160 
GLY N   H    sing N N 161 
GLY N   H2   sing N N 162 
GLY CA  C    sing N N 163 
GLY CA  HA2  sing N N 164 
GLY CA  HA3  sing N N 165 
GLY C   O    doub N N 166 
GLY C   OXT  sing N N 167 
GLY OXT HXT  sing N N 168 
HIS N   CA   sing N N 169 
HIS N   H    sing N N 170 
HIS N   H2   sing N N 171 
HIS CA  C    sing N N 172 
HIS CA  CB   sing N N 173 
HIS CA  HA   sing N N 174 
HIS C   O    doub N N 175 
HIS C   OXT  sing N N 176 
HIS CB  CG   sing N N 177 
HIS CB  HB2  sing N N 178 
HIS CB  HB3  sing N N 179 
HIS CG  ND1  sing Y N 180 
HIS CG  CD2  doub Y N 181 
HIS ND1 CE1  doub Y N 182 
HIS ND1 HD1  sing N N 183 
HIS CD2 NE2  sing Y N 184 
HIS CD2 HD2  sing N N 185 
HIS CE1 NE2  sing Y N 186 
HIS CE1 HE1  sing N N 187 
HIS NE2 HE2  sing N N 188 
HIS OXT HXT  sing N N 189 
HOH O   H1   sing N N 190 
HOH O   H2   sing N N 191 
ILE N   CA   sing N N 192 
ILE N   H    sing N N 193 
ILE N   H2   sing N N 194 
ILE CA  C    sing N N 195 
ILE CA  CB   sing N N 196 
ILE CA  HA   sing N N 197 
ILE C   O    doub N N 198 
ILE C   OXT  sing N N 199 
ILE CB  CG1  sing N N 200 
ILE CB  CG2  sing N N 201 
ILE CB  HB   sing N N 202 
ILE CG1 CD1  sing N N 203 
ILE CG1 HG12 sing N N 204 
ILE CG1 HG13 sing N N 205 
ILE CG2 HG21 sing N N 206 
ILE CG2 HG22 sing N N 207 
ILE CG2 HG23 sing N N 208 
ILE CD1 HD11 sing N N 209 
ILE CD1 HD12 sing N N 210 
ILE CD1 HD13 sing N N 211 
ILE OXT HXT  sing N N 212 
LEU N   CA   sing N N 213 
LEU N   H    sing N N 214 
LEU N   H2   sing N N 215 
LEU CA  C    sing N N 216 
LEU CA  CB   sing N N 217 
LEU CA  HA   sing N N 218 
LEU C   O    doub N N 219 
LEU C   OXT  sing N N 220 
LEU CB  CG   sing N N 221 
LEU CB  HB2  sing N N 222 
LEU CB  HB3  sing N N 223 
LEU CG  CD1  sing N N 224 
LEU CG  CD2  sing N N 225 
LEU CG  HG   sing N N 226 
LEU CD1 HD11 sing N N 227 
LEU CD1 HD12 sing N N 228 
LEU CD1 HD13 sing N N 229 
LEU CD2 HD21 sing N N 230 
LEU CD2 HD22 sing N N 231 
LEU CD2 HD23 sing N N 232 
LEU OXT HXT  sing N N 233 
LYS N   CA   sing N N 234 
LYS N   H    sing N N 235 
LYS N   H2   sing N N 236 
LYS CA  C    sing N N 237 
LYS CA  CB   sing N N 238 
LYS CA  HA   sing N N 239 
LYS C   O    doub N N 240 
LYS C   OXT  sing N N 241 
LYS CB  CG   sing N N 242 
LYS CB  HB2  sing N N 243 
LYS CB  HB3  sing N N 244 
LYS CG  CD   sing N N 245 
LYS CG  HG2  sing N N 246 
LYS CG  HG3  sing N N 247 
LYS CD  CE   sing N N 248 
LYS CD  HD2  sing N N 249 
LYS CD  HD3  sing N N 250 
LYS CE  NZ   sing N N 251 
LYS CE  HE2  sing N N 252 
LYS CE  HE3  sing N N 253 
LYS NZ  HZ1  sing N N 254 
LYS NZ  HZ2  sing N N 255 
LYS NZ  HZ3  sing N N 256 
LYS OXT HXT  sing N N 257 
MET N   CA   sing N N 258 
MET N   H    sing N N 259 
MET N   H2   sing N N 260 
MET CA  C    sing N N 261 
MET CA  CB   sing N N 262 
MET CA  HA   sing N N 263 
MET C   O    doub N N 264 
MET C   OXT  sing N N 265 
MET CB  CG   sing N N 266 
MET CB  HB2  sing N N 267 
MET CB  HB3  sing N N 268 
MET CG  SD   sing N N 269 
MET CG  HG2  sing N N 270 
MET CG  HG3  sing N N 271 
MET SD  CE   sing N N 272 
MET CE  HE1  sing N N 273 
MET CE  HE2  sing N N 274 
MET CE  HE3  sing N N 275 
MET OXT HXT  sing N N 276 
PHE N   CA   sing N N 277 
PHE N   H    sing N N 278 
PHE N   H2   sing N N 279 
PHE CA  C    sing N N 280 
PHE CA  CB   sing N N 281 
PHE CA  HA   sing N N 282 
PHE C   O    doub N N 283 
PHE C   OXT  sing N N 284 
PHE CB  CG   sing N N 285 
PHE CB  HB2  sing N N 286 
PHE CB  HB3  sing N N 287 
PHE CG  CD1  doub Y N 288 
PHE CG  CD2  sing Y N 289 
PHE CD1 CE1  sing Y N 290 
PHE CD1 HD1  sing N N 291 
PHE CD2 CE2  doub Y N 292 
PHE CD2 HD2  sing N N 293 
PHE CE1 CZ   doub Y N 294 
PHE CE1 HE1  sing N N 295 
PHE CE2 CZ   sing Y N 296 
PHE CE2 HE2  sing N N 297 
PHE CZ  HZ   sing N N 298 
PHE OXT HXT  sing N N 299 
PRO N   CA   sing N N 300 
PRO N   CD   sing N N 301 
PRO N   H    sing N N 302 
PRO CA  C    sing N N 303 
PRO CA  CB   sing N N 304 
PRO CA  HA   sing N N 305 
PRO C   O    doub N N 306 
PRO C   OXT  sing N N 307 
PRO CB  CG   sing N N 308 
PRO CB  HB2  sing N N 309 
PRO CB  HB3  sing N N 310 
PRO CG  CD   sing N N 311 
PRO CG  HG2  sing N N 312 
PRO CG  HG3  sing N N 313 
PRO CD  HD2  sing N N 314 
PRO CD  HD3  sing N N 315 
PRO OXT HXT  sing N N 316 
SER N   CA   sing N N 317 
SER N   H    sing N N 318 
SER N   H2   sing N N 319 
SER CA  C    sing N N 320 
SER CA  CB   sing N N 321 
SER CA  HA   sing N N 322 
SER C   O    doub N N 323 
SER C   OXT  sing N N 324 
SER CB  OG   sing N N 325 
SER CB  HB2  sing N N 326 
SER CB  HB3  sing N N 327 
SER OG  HG   sing N N 328 
SER OXT HXT  sing N N 329 
THR N   CA   sing N N 330 
THR N   H    sing N N 331 
THR N   H2   sing N N 332 
THR CA  C    sing N N 333 
THR CA  CB   sing N N 334 
THR CA  HA   sing N N 335 
THR C   O    doub N N 336 
THR C   OXT  sing N N 337 
THR CB  OG1  sing N N 338 
THR CB  CG2  sing N N 339 
THR CB  HB   sing N N 340 
THR OG1 HG1  sing N N 341 
THR CG2 HG21 sing N N 342 
THR CG2 HG22 sing N N 343 
THR CG2 HG23 sing N N 344 
THR OXT HXT  sing N N 345 
TRP N   CA   sing N N 346 
TRP N   H    sing N N 347 
TRP N   H2   sing N N 348 
TRP CA  C    sing N N 349 
TRP CA  CB   sing N N 350 
TRP CA  HA   sing N N 351 
TRP C   O    doub N N 352 
TRP C   OXT  sing N N 353 
TRP CB  CG   sing N N 354 
TRP CB  HB2  sing N N 355 
TRP CB  HB3  sing N N 356 
TRP CG  CD1  doub Y N 357 
TRP CG  CD2  sing Y N 358 
TRP CD1 NE1  sing Y N 359 
TRP CD1 HD1  sing N N 360 
TRP CD2 CE2  doub Y N 361 
TRP CD2 CE3  sing Y N 362 
TRP NE1 CE2  sing Y N 363 
TRP NE1 HE1  sing N N 364 
TRP CE2 CZ2  sing Y N 365 
TRP CE3 CZ3  doub Y N 366 
TRP CE3 HE3  sing N N 367 
TRP CZ2 CH2  doub Y N 368 
TRP CZ2 HZ2  sing N N 369 
TRP CZ3 CH2  sing Y N 370 
TRP CZ3 HZ3  sing N N 371 
TRP CH2 HH2  sing N N 372 
TRP OXT HXT  sing N N 373 
TYR N   CA   sing N N 374 
TYR N   H    sing N N 375 
TYR N   H2   sing N N 376 
TYR CA  C    sing N N 377 
TYR CA  CB   sing N N 378 
TYR CA  HA   sing N N 379 
TYR C   O    doub N N 380 
TYR C   OXT  sing N N 381 
TYR CB  CG   sing N N 382 
TYR CB  HB2  sing N N 383 
TYR CB  HB3  sing N N 384 
TYR CG  CD1  doub Y N 385 
TYR CG  CD2  sing Y N 386 
TYR CD1 CE1  sing Y N 387 
TYR CD1 HD1  sing N N 388 
TYR CD2 CE2  doub Y N 389 
TYR CD2 HD2  sing N N 390 
TYR CE1 CZ   doub Y N 391 
TYR CE1 HE1  sing N N 392 
TYR CE2 CZ   sing Y N 393 
TYR CE2 HE2  sing N N 394 
TYR CZ  OH   sing N N 395 
TYR OH  HH   sing N N 396 
TYR OXT HXT  sing N N 397 
VAL N   CA   sing N N 398 
VAL N   H    sing N N 399 
VAL N   H2   sing N N 400 
VAL CA  C    sing N N 401 
VAL CA  CB   sing N N 402 
VAL CA  HA   sing N N 403 
VAL C   O    doub N N 404 
VAL C   OXT  sing N N 405 
VAL CB  CG1  sing N N 406 
VAL CB  CG2  sing N N 407 
VAL CB  HB   sing N N 408 
VAL CG1 HG11 sing N N 409 
VAL CG1 HG12 sing N N 410 
VAL CG1 HG13 sing N N 411 
VAL CG2 HG21 sing N N 412 
VAL CG2 HG22 sing N N 413 
VAL CG2 HG23 sing N N 414 
VAL OXT HXT  sing N N 415 
# 
_atom_sites.entry_id                    1E0B 
_atom_sites.fract_transf_matrix[1][1]   0.01867935 
_atom_sites.fract_transf_matrix[1][2]   0.00314180 
_atom_sites.fract_transf_matrix[1][3]   0.00359588 
_atom_sites.fract_transf_matrix[2][1]   0.01345813 
_atom_sites.fract_transf_matrix[2][2]   -0.01016310 
_atom_sites.fract_transf_matrix[2][3]   -0.00934389 
_atom_sites.fract_transf_matrix[3][1]   0.00024477 
_atom_sites.fract_transf_matrix[3][2]   0.00759061 
_atom_sites.fract_transf_matrix[3][3]   -0.00790356 
_atom_sites.fract_transf_vector[1]      0.452556 
_atom_sites.fract_transf_vector[2]      0.405526 
_atom_sites.fract_transf_vector[3]      0.765102 
# 
loop_
_atom_type.symbol 
C 
N 
O 
S 
# 
loop_
_atom_site.group_PDB 
_atom_site.id 
_atom_site.type_symbol 
_atom_site.label_atom_id 
_atom_site.label_alt_id 
_atom_site.label_comp_id 
_atom_site.label_asym_id 
_atom_site.label_entity_id 
_atom_site.label_seq_id 
_atom_site.pdbx_PDB_ins_code 
_atom_site.Cartn_x 
_atom_site.Cartn_y 
_atom_site.Cartn_z 
_atom_site.occupancy 
_atom_site.B_iso_or_equiv 
_atom_site.pdbx_formal_charge 
_atom_site.auth_seq_id 
_atom_site.auth_comp_id 
_atom_site.auth_asym_id 
_atom_site.auth_atom_id 
_atom_site.pdbx_PDB_model_num 
ATOM   1    N N   . GLN A 1 2  ? 8.896   17.318  10.619  1.00 80.64 ? 262  GLN A N   1 
ATOM   2    C CA  . GLN A 1 2  ? 8.927   16.668  11.963  1.00 80.69 ? 262  GLN A CA  1 
ATOM   3    C C   . GLN A 1 2  ? 8.070   15.397  11.943  1.00 81.48 ? 262  GLN A C   1 
ATOM   4    O O   . GLN A 1 2  ? 8.564   14.299  12.212  1.00 84.30 ? 262  GLN A O   1 
ATOM   5    C CB  . GLN A 1 2  ? 8.393   17.638  13.032  1.00 79.26 ? 262  GLN A CB  1 
ATOM   6    C CG  . GLN A 1 2  ? 8.966   17.452  14.445  1.00 78.86 ? 262  GLN A CG  1 
ATOM   7    C CD  . GLN A 1 2  ? 8.652   16.094  15.066  1.00 79.97 ? 262  GLN A CD  1 
ATOM   8    O OE1 . GLN A 1 2  ? 7.487   15.732  15.254  1.00 80.14 ? 262  GLN A OE1 1 
ATOM   9    N NE2 . GLN A 1 2  ? 9.700   15.338  15.393  1.00 78.28 ? 262  GLN A NE2 1 
ATOM   10   N N   . VAL A 1 3  ? 6.790   15.553  11.604  1.00 80.94 ? 263  VAL A N   1 
ATOM   11   C CA  . VAL A 1 3  ? 5.850   14.431  11.568  1.00 78.38 ? 263  VAL A CA  1 
ATOM   12   C C   . VAL A 1 3  ? 5.965   13.457  10.398  1.00 78.57 ? 263  VAL A C   1 
ATOM   13   O O   . VAL A 1 3  ? 5.837   13.825  9.228   1.00 79.76 ? 263  VAL A O   1 
ATOM   14   C CB  . VAL A 1 3  ? 4.381   14.921  11.636  1.00 74.77 ? 263  VAL A CB  1 
ATOM   15   C CG1 . VAL A 1 3  ? 3.988   15.195  13.083  1.00 75.15 ? 263  VAL A CG1 1 
ATOM   16   C CG2 . VAL A 1 3  ? 4.211   16.180  10.792  1.00 68.24 ? 263  VAL A CG2 1 
ATOM   17   N N   . GLU A 1 4  ? 6.215   12.204  10.762  1.00 79.68 ? 264  GLU A N   1 
ATOM   18   C CA  . GLU A 1 4  ? 6.338   11.067  9.852   1.00 78.62 ? 264  GLU A CA  1 
ATOM   19   C C   . GLU A 1 4  ? 6.185   9.863   10.770  1.00 75.27 ? 264  GLU A C   1 
ATOM   20   O O   . GLU A 1 4  ? 6.213   8.708   10.340  1.00 78.30 ? 264  GLU A O   1 
ATOM   21   C CB  . GLU A 1 4  ? 7.702   11.043  9.157   1.00 82.03 ? 264  GLU A CB  1 
ATOM   22   C CG  . GLU A 1 4  ? 8.906   11.066  10.085  1.00 85.33 ? 264  GLU A CG  1 
ATOM   23   C CD  . GLU A 1 4  ? 10.189  10.707  9.356   1.00 87.66 ? 264  GLU A CD  1 
ATOM   24   O OE1 . GLU A 1 4  ? 10.349  9.518   9.005   1.00 87.74 ? 264  GLU A OE1 1 
ATOM   25   O OE2 . GLU A 1 4  ? 11.030  11.608  9.131   1.00 89.09 ? 264  GLU A OE2 1 
ATOM   26   N N   . ASN A 1 5  ? 6.031   10.182  12.055  1.00 68.29 ? 265  ASN A N   1 
ATOM   27   C CA  . ASN A 1 5  ? 5.822   9.209   13.119  1.00 59.01 ? 265  ASN A CA  1 
ATOM   28   C C   . ASN A 1 5  ? 4.305   9.107   13.229  1.00 46.04 ? 265  ASN A C   1 
ATOM   29   O O   . ASN A 1 5  ? 3.742   8.750   14.268  1.00 42.16 ? 265  ASN A O   1 
ATOM   30   C CB  . ASN A 1 5  ? 6.418   9.734   14.424  1.00 62.87 ? 265  ASN A CB  1 
ATOM   31   C CG  . ASN A 1 5  ? 6.317   8.735   15.553  1.00 69.85 ? 265  ASN A CG  1 
ATOM   32   O OD1 . ASN A 1 5  ? 6.911   7.656   15.503  1.00 72.41 ? 265  ASN A OD1 1 
ATOM   33   N ND2 . ASN A 1 5  ? 5.556   9.088   16.585  1.00 71.69 ? 265  ASN A ND2 1 
ATOM   34   N N   . TYR A 1 6  ? 3.660   9.418   12.109  1.00 40.47 ? 266  TYR A N   1 
ATOM   35   C CA  . TYR A 1 6  ? 2.212   9.410   11.982  1.00 31.80 ? 266  TYR A CA  1 
ATOM   36   C C   . TYR A 1 6  ? 1.685   7.981   11.800  1.00 34.24 ? 266  TYR A C   1 
ATOM   37   O O   . TYR A 1 6  ? 0.496   7.726   11.987  1.00 28.02 ? 266  TYR A O   1 
ATOM   38   C CB  . TYR A 1 6  ? 1.806   10.290  10.783  1.00 31.52 ? 266  TYR A CB  1 
ATOM   39   C CG  . TYR A 1 6  ? 0.324   10.609  10.747  1.00 30.34 ? 266  TYR A CG  1 
ATOM   40   C CD1 . TYR A 1 6  ? -0.280  11.305  11.799  1.00 32.33 ? 266  TYR A CD1 1 
ATOM   41   C CD2 . TYR A 1 6  ? -0.489  10.142  9.713   1.00 26.94 ? 266  TYR A CD2 1 
ATOM   42   C CE1 . TYR A 1 6  ? -1.655  11.513  11.824  1.00 28.71 ? 266  TYR A CE1 1 
ATOM   43   C CE2 . TYR A 1 6  ? -1.874  10.348  9.731   1.00 34.07 ? 266  TYR A CE2 1 
ATOM   44   C CZ  . TYR A 1 6  ? -2.443  11.040  10.811  1.00 31.55 ? 266  TYR A CZ  1 
ATOM   45   O OH  . TYR A 1 6  ? -3.800  11.224  10.886  1.00 26.48 ? 266  TYR A OH  1 
ATOM   46   N N   . ASP A 1 7  ? 2.573   7.058   11.432  1.00 27.99 ? 267  ASP A N   1 
ATOM   47   C CA  . ASP A 1 7  ? 2.194   5.645   11.206  1.00 31.89 ? 267  ASP A CA  1 
ATOM   48   C C   . ASP A 1 7  ? 2.099   4.823   12.508  1.00 32.57 ? 267  ASP A C   1 
ATOM   49   O O   . ASP A 1 7  ? 2.646   3.716   12.625  1.00 29.40 ? 267  ASP A O   1 
ATOM   50   C CB  . ASP A 1 7  ? 3.181   4.999   10.196  1.00 35.61 ? 267  ASP A CB  1 
ATOM   51   C CG  . ASP A 1 7  ? 4.612   4.874   10.736  1.00 45.12 ? 267  ASP A CG  1 
ATOM   52   O OD1 . ASP A 1 7  ? 5.072   5.748   11.501  1.00 40.38 ? 267  ASP A OD1 1 
ATOM   53   O OD2 . ASP A 1 7  ? 5.302   3.896   10.368  1.00 42.35 ? 267  ASP A OD2 1 
ATOM   54   N N   . SER A 1 8  ? 1.351   5.378   13.466  1.00 32.51 ? 268  SER A N   1 
ATOM   55   C CA  . SER A 1 8  ? 1.172   4.800   14.789  1.00 33.19 ? 268  SER A CA  1 
ATOM   56   C C   . SER A 1 8  ? 0.221   3.612   14.903  1.00 32.84 ? 268  SER A C   1 
ATOM   57   O O   . SER A 1 8  ? 0.103   3.045   15.973  1.00 35.66 ? 268  SER A O   1 
ATOM   58   C CB  . SER A 1 8  ? 0.734   5.896   15.781  1.00 30.14 ? 268  SER A CB  1 
ATOM   59   O OG  . SER A 1 8  ? -0.576  6.351   15.471  1.00 30.73 ? 268  SER A OG  1 
ATOM   60   N N   . TRP A 1 9  ? -0.472  3.223   13.840  1.00 26.36 ? 269  TRP A N   1 
ATOM   61   C CA  . TRP A 1 9  ? -1.344  2.058   13.963  1.00 24.66 ? 269  TRP A CA  1 
ATOM   62   C C   . TRP A 1 9  ? -0.698  0.731   13.548  1.00 27.84 ? 269  TRP A C   1 
ATOM   63   O O   . TRP A 1 9  ? -1.308  -0.325  13.740  1.00 26.66 ? 269  TRP A O   1 
ATOM   64   C CB  . TRP A 1 9  ? -2.628  2.251   13.147  1.00 26.71 ? 269  TRP A CB  1 
ATOM   65   C CG  . TRP A 1 9  ? -3.660  3.235   13.758  1.00 25.17 ? 269  TRP A CG  1 
ATOM   66   C CD1 . TRP A 1 9  ? -3.483  4.088   14.841  1.00 25.61 ? 269  TRP A CD1 1 
ATOM   67   C CD2 . TRP A 1 9  ? -4.980  3.508   13.251  1.00 24.83 ? 269  TRP A CD2 1 
ATOM   68   N NE1 . TRP A 1 9  ? -4.623  4.874   15.019  1.00 24.30 ? 269  TRP A NE1 1 
ATOM   69   C CE2 . TRP A 1 9  ? -5.550  4.535   14.064  1.00 25.65 ? 269  TRP A CE2 1 
ATOM   70   C CE3 . TRP A 1 9  ? -5.739  2.990   12.189  1.00 29.42 ? 269  TRP A CE3 1 
ATOM   71   C CZ2 . TRP A 1 9  ? -6.838  5.042   13.838  1.00 29.35 ? 269  TRP A CZ2 1 
ATOM   72   C CZ3 . TRP A 1 9  ? -7.029  3.497   11.961  1.00 31.20 ? 269  TRP A CZ3 1 
ATOM   73   C CH2 . TRP A 1 9  ? -7.563  4.518   12.791  1.00 34.74 ? 269  TRP A CH2 1 
ATOM   74   N N   . GLU A 1 10 ? 0.505   0.758   12.975  1.00 27.12 ? 270  GLU A N   1 
ATOM   75   C CA  . GLU A 1 10 ? 1.137   -0.517  12.545  1.00 31.21 ? 270  GLU A CA  1 
ATOM   76   C C   . GLU A 1 10 ? 1.174   -1.562  13.667  1.00 30.46 ? 270  GLU A C   1 
ATOM   77   O O   . GLU A 1 10 ? 0.871   -2.730  13.451  1.00 31.50 ? 270  GLU A O   1 
ATOM   78   C CB  . GLU A 1 10 ? 2.588   -0.300  12.069  1.00 28.58 ? 270  GLU A CB  1 
ATOM   79   C CG  . GLU A 1 10 ? 2.760   0.638   10.914  1.00 26.27 ? 270  GLU A CG  1 
ATOM   80   C CD  . GLU A 1 10 ? 2.483   0.007   9.545   1.00 33.10 ? 270  GLU A CD  1 
ATOM   81   O OE1 . GLU A 1 10 ? 1.800   -1.035  9.449   1.00 30.07 ? 270  GLU A OE1 1 
ATOM   82   O OE2 . GLU A 1 10 ? 2.953   0.591   8.551   1.00 31.44 ? 270  GLU A OE2 1 
ATOM   83   N N   . ASP A 1 11 ? 1.554   -1.138  14.867  1.00 32.86 ? 271  ASP A N   1 
ATOM   84   C CA  . ASP A 1 11 ? 1.640   -2.072  15.985  1.00 35.64 ? 271  ASP A CA  1 
ATOM   85   C C   . ASP A 1 11 ? 0.320   -2.331  16.731  1.00 38.13 ? 271  ASP A C   1 
ATOM   86   O O   . ASP A 1 11 ? 0.270   -3.186  17.615  1.00 33.09 ? 271  ASP A O   1 
ATOM   87   C CB  . ASP A 1 11 ? 2.693   -1.611  16.995  1.00 41.61 ? 271  ASP A CB  1 
ATOM   88   C CG  . ASP A 1 11 ? 4.102   -1.567  16.403  1.00 51.29 ? 271  ASP A CG  1 
ATOM   89   O OD1 . ASP A 1 11 ? 4.457   -2.485  15.624  1.00 52.81 ? 271  ASP A OD1 1 
ATOM   90   O OD2 . ASP A 1 11 ? 4.851   -0.619  16.730  1.00 50.07 ? 271  ASP A OD2 1 
ATOM   91   N N   . LEU A 1 12 ? -0.747  -1.617  16.380  1.00 30.64 ? 272  LEU A N   1 
ATOM   92   C CA  . LEU A 1 12 ? -2.027  -1.798  17.071  1.00 29.88 ? 272  LEU A CA  1 
ATOM   93   C C   . LEU A 1 12 ? -3.010  -2.696  16.329  1.00 30.77 ? 272  LEU A C   1 
ATOM   94   O O   . LEU A 1 12 ? -3.921  -3.262  16.940  1.00 31.57 ? 272  LEU A O   1 
ATOM   95   C CB  . LEU A 1 12 ? -2.693  -0.430  17.305  1.00 26.07 ? 272  LEU A CB  1 
ATOM   96   C CG  . LEU A 1 12 ? -1.850  0.693   17.910  1.00 24.61 ? 272  LEU A CG  1 
ATOM   97   C CD1 . LEU A 1 12 ? -2.672  1.980   18.035  1.00 26.30 ? 272  LEU A CD1 1 
ATOM   98   C CD2 . LEU A 1 12 ? -1.321  0.271   19.283  1.00 27.24 ? 272  LEU A CD2 1 
ATOM   99   N N   . VAL A 1 13 ? -2.829  -2.818  15.015  1.00 29.24 ? 273  VAL A N   1 
ATOM   100  C CA  . VAL A 1 13 ? -3.721  -3.606  14.157  1.00 33.03 ? 273  VAL A CA  1 
ATOM   101  C C   . VAL A 1 13 ? -3.261  -5.050  14.045  1.00 34.23 ? 273  VAL A C   1 
ATOM   102  O O   . VAL A 1 13 ? -2.070  -5.308  13.923  1.00 32.72 ? 273  VAL A O   1 
ATOM   103  C CB  . VAL A 1 13 ? -3.795  -2.992  12.720  1.00 33.45 ? 273  VAL A CB  1 
ATOM   104  C CG1 . VAL A 1 13 ? -4.602  -3.886  11.795  1.00 31.58 ? 273  VAL A CG1 1 
ATOM   105  C CG2 . VAL A 1 13 ? -4.437  -1.613  12.769  1.00 31.92 ? 273  VAL A CG2 1 
ATOM   106  N N   . SER A 1 14 ? -4.214  -5.977  14.099  1.00 35.77 ? 274  SER A N   1 
ATOM   107  C CA  . SER A 1 14 ? -3.923  -7.404  13.995  1.00 40.04 ? 274  SER A CA  1 
ATOM   108  C C   . SER A 1 14 ? -3.953  -7.832  12.522  1.00 43.90 ? 274  SER A C   1 
ATOM   109  O O   . SER A 1 14 ? -3.018  -8.479  12.044  1.00 44.25 ? 274  SER A O   1 
ATOM   110  C CB  . SER A 1 14 ? -4.944  -8.211  14.804  1.00 43.60 ? 274  SER A CB  1 
ATOM   111  O OG  . SER A 1 14 ? -4.752  -9.601  14.620  1.00 48.41 ? 274  SER A OG  1 
ATOM   112  N N   . SER A 1 15 ? -5.015  -7.463  11.805  1.00 38.01 ? 275  SER A N   1 
ATOM   113  C CA  . SER A 1 15 ? -5.117  -7.790  10.380  1.00 40.50 ? 275  SER A CA  1 
ATOM   114  C C   . SER A 1 15 ? -6.166  -6.974  9.612   1.00 37.35 ? 275  SER A C   1 
ATOM   115  O O   . SER A 1 15 ? -7.097  -6.431  10.206  1.00 38.38 ? 275  SER A O   1 
ATOM   116  C CB  . SER A 1 15 ? -5.433  -9.276  10.203  1.00 45.41 ? 275  SER A CB  1 
ATOM   117  O OG  . SER A 1 15 ? -6.755  -9.544  10.634  1.00 44.62 ? 275  SER A OG  1 
ATOM   118  N N   . ILE A 1 16 ? -5.987  -6.881  8.294   1.00 38.53 ? 276  ILE A N   1 
ATOM   119  C CA  . ILE A 1 16 ? -6.927  -6.185  7.409   1.00 38.66 ? 276  ILE A CA  1 
ATOM   120  C C   . ILE A 1 16 ? -7.796  -7.326  6.865   1.00 41.95 ? 276  ILE A C   1 
ATOM   121  O O   . ILE A 1 16 ? -7.276  -8.291  6.306   1.00 44.79 ? 276  ILE A O   1 
ATOM   122  C CB  . ILE A 1 16 ? -6.206  -5.479  6.232   1.00 33.40 ? 276  ILE A CB  1 
ATOM   123  C CG1 . ILE A 1 16 ? -5.171  -4.472  6.765   1.00 38.12 ? 276  ILE A CG1 1 
ATOM   124  C CG2 . ILE A 1 16 ? -7.224  -4.770  5.342   1.00 35.17 ? 276  ILE A CG2 1 
ATOM   125  C CD1 . ILE A 1 16 ? -5.736  -3.410  7.713   1.00 33.02 ? 276  ILE A CD1 1 
ATOM   126  N N   . ASP A 1 17 ? -9.111  -7.211  7.024   1.00 43.83 ? 277  ASP A N   1 
ATOM   127  C CA  . ASP A 1 17 ? -10.025 -8.280  6.616   1.00 43.28 ? 277  ASP A CA  1 
ATOM   128  C C   . ASP A 1 17 ? -10.648 -8.171  5.226   1.00 45.50 ? 277  ASP A C   1 
ATOM   129  O O   . ASP A 1 17 ? -10.380 -9.003  4.356   1.00 48.58 ? 277  ASP A O   1 
ATOM   130  C CB  . ASP A 1 17 ? -11.126 -8.404  7.670   1.00 44.60 ? 277  ASP A CB  1 
ATOM   131  C CG  . ASP A 1 17 ? -10.569 -8.461  9.084   1.00 47.19 ? 277  ASP A CG  1 
ATOM   132  O OD1 . ASP A 1 17 ? -9.513  -9.117  9.285   1.00 43.92 ? 277  ASP A OD1 1 
ATOM   133  O OD2 . ASP A 1 17 ? -11.183 -7.862  9.994   1.00 49.92 ? 277  ASP A OD2 1 
ATOM   134  N N   . THR A 1 18 ? -11.491 -7.165  5.020   1.00 41.46 ? 278  THR A N   1 
ATOM   135  C CA  . THR A 1 18 ? -12.136 -6.980  3.726   1.00 42.80 ? 278  THR A CA  1 
ATOM   136  C C   . THR A 1 18 ? -12.191 -5.512  3.325   1.00 47.57 ? 278  THR A C   1 
ATOM   137  O O   . THR A 1 18 ? -12.065 -4.627  4.167   1.00 42.62 ? 278  THR A O   1 
ATOM   138  C CB  . THR A 1 18 ? -13.579 -7.513  3.733   1.00 48.73 ? 278  THR A CB  1 
ATOM   139  O OG1 . THR A 1 18 ? -14.377 -6.695  4.592   1.00 42.86 ? 278  THR A OG1 1 
ATOM   140  C CG2 . THR A 1 18 ? -13.618 -8.954  4.235   1.00 48.53 ? 278  THR A CG2 1 
ATOM   141  N N   . ILE A 1 19 ? -12.390 -5.266  2.031   1.00 45.60 ? 279  ILE A N   1 
ATOM   142  C CA  . ILE A 1 19 ? -12.483 -3.912  1.502   1.00 48.25 ? 279  ILE A CA  1 
ATOM   143  C C   . ILE A 1 19 ? -13.768 -3.773  0.696   1.00 53.05 ? 279  ILE A C   1 
ATOM   144  O O   . ILE A 1 19 ? -14.192 -4.722  0.039   1.00 53.50 ? 279  ILE A O   1 
ATOM   145  C CB  . ILE A 1 19 ? -11.288 -3.582  0.583   1.00 46.18 ? 279  ILE A CB  1 
ATOM   146  C CG1 . ILE A 1 19 ? -9.984  -3.766  1.354   1.00 49.33 ? 279  ILE A CG1 1 
ATOM   147  C CG2 . ILE A 1 19 ? -11.392 -2.145  0.081   1.00 46.76 ? 279  ILE A CG2 1 
ATOM   148  C CD1 . ILE A 1 19 ? -8.756  -3.359  0.583   1.00 53.15 ? 279  ILE A CD1 1 
ATOM   149  N N   . GLU A 1 20 ? -14.388 -2.595  0.757   1.00 52.12 ? 280  GLU A N   1 
ATOM   150  C CA  . GLU A 1 20 ? -15.632 -2.336  0.031   1.00 55.20 ? 280  GLU A CA  1 
ATOM   151  C C   . GLU A 1 20 ? -15.656 -0.943  -0.579  1.00 56.04 ? 280  GLU A C   1 
ATOM   152  O O   . GLU A 1 20 ? -15.094 -0.001  -0.024  1.00 54.90 ? 280  GLU A O   1 
ATOM   153  C CB  . GLU A 1 20 ? -16.830 -2.497  0.967   1.00 58.48 ? 280  GLU A CB  1 
ATOM   154  C CG  . GLU A 1 20 ? -17.068 -3.928  1.398   1.00 66.90 ? 280  GLU A CG  1 
ATOM   155  C CD  . GLU A 1 20 ? -18.190 -4.055  2.404   1.00 72.94 ? 280  GLU A CD  1 
ATOM   156  O OE1 . GLU A 1 20 ? -19.289 -3.518  2.142   1.00 77.83 ? 280  GLU A OE1 1 
ATOM   157  O OE2 . GLU A 1 20 ? -17.974 -4.700  3.455   1.00 78.21 ? 280  GLU A OE2 1 
ATOM   158  N N   . ARG A 1 21 ? -16.310 -0.812  -1.727  1.00 56.76 ? 281  ARG A N   1 
ATOM   159  C CA  . ARG A 1 21 ? -16.393 0.479   -2.396  1.00 58.28 ? 281  ARG A CA  1 
ATOM   160  C C   . ARG A 1 21 ? -17.717 1.176   -2.107  1.00 62.67 ? 281  ARG A C   1 
ATOM   161  O O   . ARG A 1 21 ? -18.779 0.563   -2.180  1.00 61.45 ? 281  ARG A O   1 
ATOM   162  C CB  . ARG A 1 21 ? -16.204 0.294   -3.903  1.00 61.12 ? 281  ARG A CB  1 
ATOM   163  C CG  . ARG A 1 21 ? -16.434 1.540   -4.735  1.00 59.38 ? 281  ARG A CG  1 
ATOM   164  C CD  . ARG A 1 21 ? -15.593 1.478   -6.000  1.00 63.13 ? 281  ARG A CD  1 
ATOM   165  N NE  . ARG A 1 21 ? -14.229 1.941   -5.752  1.00 69.08 ? 281  ARG A NE  1 
ATOM   166  C CZ  . ARG A 1 21 ? -13.158 1.541   -6.430  1.00 72.17 ? 281  ARG A CZ  1 
ATOM   167  N NH1 . ARG A 1 21 ? -13.280 0.652   -7.408  1.00 72.31 ? 281  ARG A NH1 1 
ATOM   168  N NH2 . ARG A 1 21 ? -11.962 2.042   -6.138  1.00 74.70 ? 281  ARG A NH2 1 
ATOM   169  N N   . LYS A 1 22 ? -17.645 2.460   -1.770  1.00 64.87 ? 282  LYS A N   1 
ATOM   170  C CA  . LYS A 1 22 ? -18.842 3.230   -1.469  1.00 69.44 ? 282  LYS A CA  1 
ATOM   171  C C   . LYS A 1 22 ? -19.344 4.024   -2.674  1.00 70.77 ? 282  LYS A C   1 
ATOM   172  O O   . LYS A 1 22 ? -18.649 4.157   -3.684  1.00 70.01 ? 282  LYS A O   1 
ATOM   173  C CB  . LYS A 1 22 ? -18.580 4.169   -0.290  1.00 67.98 ? 282  LYS A CB  1 
ATOM   174  C CG  . LYS A 1 22 ? -18.355 3.436   1.021   1.00 71.84 ? 282  LYS A CG  1 
ATOM   175  C CD  . LYS A 1 22 ? -18.457 4.378   2.204   1.00 74.79 ? 282  LYS A CD  1 
ATOM   176  C CE  . LYS A 1 22 ? -18.456 3.602   3.512   1.00 77.55 ? 282  LYS A CE  1 
ATOM   177  N NZ  . LYS A 1 22 ? -18.744 4.471   4.685   1.00 79.36 ? 282  LYS A NZ  1 
ATOM   178  N N   . ASP A 1 23 ? -20.555 4.555   -2.556  1.00 73.64 ? 283  ASP A N   1 
ATOM   179  C CA  . ASP A 1 23 ? -21.169 5.312   -3.638  1.00 75.82 ? 283  ASP A CA  1 
ATOM   180  C C   . ASP A 1 23 ? -20.357 6.511   -4.095  1.00 77.05 ? 283  ASP A C   1 
ATOM   181  O O   . ASP A 1 23 ? -20.325 6.819   -5.288  1.00 79.67 ? 283  ASP A O   1 
ATOM   182  C CB  . ASP A 1 23 ? -22.565 5.755   -3.220  1.00 76.92 ? 283  ASP A CB  1 
ATOM   183  C CG  . ASP A 1 23 ? -23.376 4.616   -2.649  1.00 78.51 ? 283  ASP A CG  1 
ATOM   184  O OD1 . ASP A 1 23 ? -23.329 3.511   -3.231  1.00 75.73 ? 283  ASP A OD1 1 
ATOM   185  O OD2 . ASP A 1 23 ? -24.057 4.823   -1.624  1.00 82.04 ? 283  ASP A OD2 1 
ATOM   186  N N   . ASP A 1 24 ? -19.711 7.193   -3.153  1.00 76.01 ? 284  ASP A N   1 
ATOM   187  C CA  . ASP A 1 24 ? -18.889 8.354   -3.486  1.00 74.28 ? 284  ASP A CA  1 
ATOM   188  C C   . ASP A 1 24 ? -17.589 7.912   -4.164  1.00 72.99 ? 284  ASP A C   1 
ATOM   189  O O   . ASP A 1 24 ? -16.720 8.732   -4.475  1.00 71.94 ? 284  ASP A O   1 
ATOM   190  C CB  . ASP A 1 24 ? -18.579 9.177   -2.221  1.00 79.55 ? 284  ASP A CB  1 
ATOM   191  C CG  . ASP A 1 24 ? -18.311 8.308   -0.998  1.00 81.12 ? 284  ASP A CG  1 
ATOM   192  O OD1 . ASP A 1 24 ? -17.619 7.276   -1.136  1.00 82.35 ? 284  ASP A OD1 1 
ATOM   193  O OD2 . ASP A 1 24 ? -18.783 8.665   0.105   1.00 80.33 ? 284  ASP A OD2 1 
ATOM   194  N N   . GLY A 1 25 ? -17.472 6.605   -4.389  1.00 70.87 ? 285  GLY A N   1 
ATOM   195  C CA  . GLY A 1 25 ? -16.294 6.049   -5.031  1.00 68.99 ? 285  GLY A CA  1 
ATOM   196  C C   . GLY A 1 25 ? -15.122 5.838   -4.091  1.00 67.49 ? 285  GLY A C   1 
ATOM   197  O O   . GLY A 1 25 ? -13.995 5.611   -4.536  1.00 67.59 ? 285  GLY A O   1 
ATOM   198  N N   . THR A 1 26 ? -15.380 5.911   -2.787  1.00 64.10 ? 286  THR A N   1 
ATOM   199  C CA  . THR A 1 26 ? -14.321 5.732   -1.799  1.00 58.96 ? 286  THR A CA  1 
ATOM   200  C C   . THR A 1 26 ? -14.248 4.286   -1.332  1.00 53.08 ? 286  THR A C   1 
ATOM   201  O O   . THR A 1 26 ? -15.175 3.502   -1.549  1.00 53.55 ? 286  THR A O   1 
ATOM   202  C CB  . THR A 1 26 ? -14.536 6.655   -0.566  1.00 59.04 ? 286  THR A CB  1 
ATOM   203  O OG1 . THR A 1 26 ? -15.674 6.213   0.189   1.00 57.04 ? 286  THR A OG1 1 
ATOM   204  C CG2 . THR A 1 26 ? -14.764 8.092   -1.019  1.00 57.98 ? 286  THR A CG2 1 
ATOM   205  N N   . LEU A 1 27 ? -13.136 3.929   -0.701  1.00 48.27 ? 287  LEU A N   1 
ATOM   206  C CA  . LEU A 1 27 ? -12.954 2.574   -0.199  1.00 42.48 ? 287  LEU A CA  1 
ATOM   207  C C   . LEU A 1 27 ? -13.058 2.573   1.329   1.00 41.16 ? 287  LEU A C   1 
ATOM   208  O O   . LEU A 1 27 ? -12.514 3.452   1.987   1.00 40.24 ? 287  LEU A O   1 
ATOM   209  C CB  . LEU A 1 27 ? -11.585 2.035   -0.638  1.00 40.71 ? 287  LEU A CB  1 
ATOM   210  C CG  . LEU A 1 27 ? -11.394 1.896   -2.157  1.00 43.45 ? 287  LEU A CG  1 
ATOM   211  C CD1 . LEU A 1 27 ? -9.955  1.538   -2.482  1.00 38.19 ? 287  LEU A CD1 1 
ATOM   212  C CD2 . LEU A 1 27 ? -12.341 0.812   -2.691  1.00 40.81 ? 287  LEU A CD2 1 
ATOM   213  N N   . GLU A 1 28 ? -13.767 1.590   1.873   1.00 40.44 ? 288  GLU A N   1 
ATOM   214  C CA  . GLU A 1 28 ? -13.951 1.441   3.315   1.00 39.92 ? 288  GLU A CA  1 
ATOM   215  C C   . GLU A 1 28 ? -13.200 0.170   3.724   1.00 41.35 ? 288  GLU A C   1 
ATOM   216  O O   . GLU A 1 28 ? -13.407 -0.903  3.136   1.00 42.36 ? 288  GLU A O   1 
ATOM   217  C CB  . GLU A 1 28 ? -15.444 1.298   3.645   1.00 45.47 ? 288  GLU A CB  1 
ATOM   218  C CG  . GLU A 1 28 ? -15.818 1.535   5.107   1.00 49.37 ? 288  GLU A CG  1 
ATOM   219  C CD  . GLU A 1 28 ? -15.571 2.977   5.545   1.00 54.40 ? 288  GLU A CD  1 
ATOM   220  O OE1 . GLU A 1 28 ? -15.475 3.858   4.664   1.00 63.70 ? 288  GLU A OE1 1 
ATOM   221  O OE2 . GLU A 1 28 ? -15.481 3.241   6.763   1.00 55.64 ? 288  GLU A OE2 1 
ATOM   222  N N   . ILE A 1 29 ? -12.327 0.289   4.725   1.00 36.70 ? 289  ILE A N   1 
ATOM   223  C CA  . ILE A 1 29 ? -11.527 -0.844  5.186   1.00 37.19 ? 289  ILE A CA  1 
ATOM   224  C C   . ILE A 1 29 ? -12.026 -1.447  6.498   1.00 41.55 ? 289  ILE A C   1 
ATOM   225  O O   . ILE A 1 29 ? -12.169 -0.746  7.495   1.00 40.22 ? 289  ILE A O   1 
ATOM   226  C CB  . ILE A 1 29 ? -10.045 -0.429  5.400   1.00 35.25 ? 289  ILE A CB  1 
ATOM   227  C CG1 . ILE A 1 29 ? -9.487  0.250   4.139   1.00 39.83 ? 289  ILE A CG1 1 
ATOM   228  C CG2 . ILE A 1 29 ? -9.219  -1.644  5.818   1.00 31.44 ? 289  ILE A CG2 1 
ATOM   229  C CD1 . ILE A 1 29 ? -9.446  -0.621  2.899   1.00 46.34 ? 289  ILE A CD1 1 
ATOM   230  N N   . TYR A 1 30 ? -12.288 -2.751  6.491   1.00 39.49 ? 290  TYR A N   1 
ATOM   231  C CA  . TYR A 1 30 ? -12.727 -3.450  7.694   1.00 40.65 ? 290  TYR A CA  1 
ATOM   232  C C   . TYR A 1 30 ? -11.529 -4.218  8.257   1.00 41.45 ? 290  TYR A C   1 
ATOM   233  O O   . TYR A 1 30 ? -10.947 -5.068  7.574   1.00 41.90 ? 290  TYR A O   1 
ATOM   234  C CB  . TYR A 1 30 ? -13.868 -4.416  7.364   1.00 46.24 ? 290  TYR A CB  1 
ATOM   235  C CG  . TYR A 1 30 ? -15.166 -3.720  7.025   1.00 49.31 ? 290  TYR A CG  1 
ATOM   236  C CD1 . TYR A 1 30 ? -15.255 -2.861  5.932   1.00 52.52 ? 290  TYR A CD1 1 
ATOM   237  C CD2 . TYR A 1 30 ? -16.301 -3.894  7.820   1.00 55.55 ? 290  TYR A CD2 1 
ATOM   238  C CE1 . TYR A 1 30 ? -16.439 -2.188  5.636   1.00 57.81 ? 290  TYR A CE1 1 
ATOM   239  C CE2 . TYR A 1 30 ? -17.494 -3.224  7.533   1.00 53.75 ? 290  TYR A CE2 1 
ATOM   240  C CZ  . TYR A 1 30 ? -17.554 -2.375  6.442   1.00 56.75 ? 290  TYR A CZ  1 
ATOM   241  O OH  . TYR A 1 30 ? -18.718 -1.705  6.147   1.00 60.71 ? 290  TYR A OH  1 
ATOM   242  N N   . LEU A 1 31 ? -11.169 -3.915  9.503   1.00 36.74 ? 291  LEU A N   1 
ATOM   243  C CA  . LEU A 1 31 ? -10.035 -4.549  10.163  1.00 33.54 ? 291  LEU A CA  1 
ATOM   244  C C   . LEU A 1 31 ? -10.336 -5.028  11.590  1.00 34.79 ? 291  LEU A C   1 
ATOM   245  O O   . LEU A 1 31 ? -11.422 -4.779  12.141  1.00 33.66 ? 291  LEU A O   1 
ATOM   246  C CB  . LEU A 1 31 ? -8.824  -3.576  10.145  1.00 31.58 ? 291  LEU A CB  1 
ATOM   247  C CG  . LEU A 1 31 ? -9.059  -2.110  10.575  1.00 32.15 ? 291  LEU A CG  1 
ATOM   248  C CD1 . LEU A 1 31 ? -9.225  -2.056  12.075  1.00 33.76 ? 291  LEU A CD1 1 
ATOM   249  C CD2 . LEU A 1 31 ? -7.888  -1.224  10.152  1.00 30.73 ? 291  LEU A CD2 1 
ATOM   250  N N   . THR A 1 32 ? -9.374  -5.749  12.159  1.00 36.99 ? 292  THR A N   1 
ATOM   251  C CA  . THR A 1 32 ? -9.450  -6.308  13.506  1.00 39.14 ? 292  THR A CA  1 
ATOM   252  C C   . THR A 1 32 ? -8.222  -5.809  14.265  1.00 39.85 ? 292  THR A C   1 
ATOM   253  O O   . THR A 1 32 ? -7.115  -5.837  13.728  1.00 34.12 ? 292  THR A O   1 
ATOM   254  C CB  . THR A 1 32 ? -9.408  -7.868  13.480  1.00 42.91 ? 292  THR A CB  1 
ATOM   255  O OG1 . THR A 1 32 ? -10.463 -8.369  12.650  1.00 43.36 ? 292  THR A OG1 1 
ATOM   256  C CG2 . THR A 1 32 ? -9.584  -8.440  14.883  1.00 40.33 ? 292  THR A CG2 1 
ATOM   257  N N   . TRP A 1 33 ? -8.420  -5.354  15.504  1.00 34.56 ? 293  TRP A N   1 
ATOM   258  C CA  . TRP A 1 33 ? -7.325  -4.840  16.324  1.00 32.99 ? 293  TRP A CA  1 
ATOM   259  C C   . TRP A 1 33 ? -6.699  -5.968  17.143  1.00 37.30 ? 293  TRP A C   1 
ATOM   260  O O   . TRP A 1 33 ? -7.266  -7.058  17.255  1.00 40.52 ? 293  TRP A O   1 
ATOM   261  C CB  . TRP A 1 33 ? -7.824  -3.724  17.270  1.00 25.53 ? 293  TRP A CB  1 
ATOM   262  C CG  . TRP A 1 33 ? -8.457  -2.549  16.557  1.00 27.23 ? 293  TRP A CG  1 
ATOM   263  C CD1 . TRP A 1 33 ? -9.763  -2.432  16.170  1.00 32.88 ? 293  TRP A CD1 1 
ATOM   264  C CD2 . TRP A 1 33 ? -7.797  -1.357  16.099  1.00 29.41 ? 293  TRP A CD2 1 
ATOM   265  N NE1 . TRP A 1 33 ? -9.957  -1.249  15.499  1.00 31.11 ? 293  TRP A NE1 1 
ATOM   266  C CE2 . TRP A 1 33 ? -8.766  -0.568  15.438  1.00 30.09 ? 293  TRP A CE2 1 
ATOM   267  C CE3 . TRP A 1 33 ? -6.477  -0.879  16.179  1.00 29.38 ? 293  TRP A CE3 1 
ATOM   268  C CZ2 . TRP A 1 33 ? -8.465  0.673   14.858  1.00 31.86 ? 293  TRP A CZ2 1 
ATOM   269  C CZ3 . TRP A 1 33 ? -6.170  0.361   15.598  1.00 28.70 ? 293  TRP A CZ3 1 
ATOM   270  C CH2 . TRP A 1 33 ? -7.165  1.120   14.946  1.00 29.84 ? 293  TRP A CH2 1 
ATOM   271  N N   . LYS A 1 34 ? -5.521  -5.715  17.698  1.00 34.26 ? 294  LYS A N   1 
ATOM   272  C CA  . LYS A 1 34 ? -4.847  -6.726  18.505  1.00 38.57 ? 294  LYS A CA  1 
ATOM   273  C C   . LYS A 1 34 ? -5.575  -7.104  19.803  1.00 43.90 ? 294  LYS A C   1 
ATOM   274  O O   . LYS A 1 34 ? -5.298  -8.159  20.382  1.00 48.05 ? 294  LYS A O   1 
ATOM   275  C CB  . LYS A 1 34 ? -3.412  -6.290  18.807  1.00 34.44 ? 294  LYS A CB  1 
ATOM   276  C CG  . LYS A 1 34 ? -2.513  -6.390  17.590  1.00 41.54 ? 294  LYS A CG  1 
ATOM   277  C CD  . LYS A 1 34 ? -1.063  -6.234  17.946  1.00 38.71 ? 294  LYS A CD  1 
ATOM   278  C CE  . LYS A 1 34 ? -0.193  -6.286  16.695  1.00 46.04 ? 294  LYS A CE  1 
ATOM   279  N NZ  . LYS A 1 34 ? 1.247   -6.084  17.040  1.00 51.69 ? 294  LYS A NZ  1 
ATOM   280  N N   . ASN A 1 35 ? -6.498  -6.263  20.270  1.00 40.15 ? 295  ASN A N   1 
ATOM   281  C CA  . ASN A 1 35 ? -7.260  -6.592  21.486  1.00 39.94 ? 295  ASN A CA  1 
ATOM   282  C C   . ASN A 1 35 ? -8.539  -7.377  21.151  1.00 43.99 ? 295  ASN A C   1 
ATOM   283  O O   . ASN A 1 35 ? -9.334  -7.699  22.037  1.00 47.14 ? 295  ASN A O   1 
ATOM   284  C CB  . ASN A 1 35 ? -7.636  -5.323  22.269  1.00 32.26 ? 295  ASN A CB  1 
ATOM   285  C CG  . ASN A 1 35 ? -8.480  -4.350  21.456  1.00 31.71 ? 295  ASN A CG  1 
ATOM   286  O OD1 . ASN A 1 35 ? -9.193  -4.738  20.527  1.00 31.60 ? 295  ASN A OD1 1 
ATOM   287  N ND2 . ASN A 1 35 ? -8.428  -3.082  21.831  1.00 32.22 ? 295  ASN A ND2 1 
ATOM   288  N N   . GLY A 1 36 ? -8.747  -7.663  19.870  1.00 41.46 ? 296  GLY A N   1 
ATOM   289  C CA  . GLY A 1 36 ? -9.932  -8.406  19.470  1.00 44.25 ? 296  GLY A CA  1 
ATOM   290  C C   . GLY A 1 36 ? -11.061 -7.579  18.877  1.00 43.41 ? 296  GLY A C   1 
ATOM   291  O O   . GLY A 1 36 ? -11.948 -8.126  18.224  1.00 46.21 ? 296  GLY A O   1 
ATOM   292  N N   . ALA A 1 37 ? -11.043 -6.268  19.094  1.00 41.10 ? 297  ALA A N   1 
ATOM   293  C CA  . ALA A 1 37 ? -12.091 -5.394  18.565  1.00 42.10 ? 297  ALA A CA  1 
ATOM   294  C C   . ALA A 1 37 ? -12.076 -5.309  17.036  1.00 46.02 ? 297  ALA A C   1 
ATOM   295  O O   . ALA A 1 37 ? -11.065 -5.588  16.390  1.00 43.25 ? 297  ALA A O   1 
ATOM   296  C CB  . ALA A 1 37 ? -11.960 -3.996  19.160  1.00 40.95 ? 297  ALA A CB  1 
ATOM   297  N N   . ILE A 1 38 ? -13.211 -4.912  16.467  1.00 43.82 ? 298  ILE A N   1 
ATOM   298  C CA  . ILE A 1 38 ? -13.353 -4.780  15.019  1.00 46.33 ? 298  ILE A CA  1 
ATOM   299  C C   . ILE A 1 38 ? -14.027 -3.465  14.673  1.00 43.40 ? 298  ILE A C   1 
ATOM   300  O O   . ILE A 1 38 ? -14.902 -3.013  15.411  1.00 48.09 ? 298  ILE A O   1 
ATOM   301  C CB  . ILE A 1 38 ? -14.189 -5.945  14.447  1.00 49.22 ? 298  ILE A CB  1 
ATOM   302  C CG1 . ILE A 1 38 ? -13.286 -7.153  14.227  1.00 50.69 ? 298  ILE A CG1 1 
ATOM   303  C CG2 . ILE A 1 38 ? -14.896 -5.519  13.166  1.00 57.27 ? 298  ILE A CG2 1 
ATOM   304  C CD1 . ILE A 1 38 ? -14.016 -8.397  13.829  1.00 58.65 ? 298  ILE A CD1 1 
ATOM   305  N N   . SER A 1 39 ? -13.628 -2.860  13.554  1.00 39.11 ? 299  SER A N   1 
ATOM   306  C CA  . SER A 1 39 ? -14.195 -1.584  13.118  1.00 37.86 ? 299  SER A CA  1 
ATOM   307  C C   . SER A 1 39 ? -13.835 -1.293  11.660  1.00 38.66 ? 299  SER A C   1 
ATOM   308  O O   . SER A 1 39 ? -13.043 -2.022  11.064  1.00 35.32 ? 299  SER A O   1 
ATOM   309  C CB  . SER A 1 39 ? -13.687 -0.447  14.019  1.00 36.80 ? 299  SER A CB  1 
ATOM   310  O OG  . SER A 1 39 ? -12.264 -0.353  14.023  1.00 34.60 ? 299  SER A OG  1 
ATOM   311  N N   . HIS A 1 40 ? -14.418 -0.244  11.076  1.00 37.21 ? 300  HIS A N   1 
ATOM   312  C CA  . HIS A 1 40 ? -14.105 0.103   9.691   1.00 40.18 ? 300  HIS A CA  1 
ATOM   313  C C   . HIS A 1 40 ? -13.693 1.564   9.562   1.00 38.15 ? 300  HIS A C   1 
ATOM   314  O O   . HIS A 1 40 ? -14.171 2.414   10.310  1.00 43.37 ? 300  HIS A O   1 
ATOM   315  C CB  . HIS A 1 40 ? -15.292 -0.218  8.766   1.00 46.92 ? 300  HIS A CB  1 
ATOM   316  C CG  . HIS A 1 40 ? -16.582 0.398   9.205   1.00 45.47 ? 300  HIS A CG  1 
ATOM   317  N ND1 . HIS A 1 40 ? -17.418 -0.198  10.125  1.00 51.87 ? 300  HIS A ND1 1 
ATOM   318  C CD2 . HIS A 1 40 ? -17.161 1.579   8.879   1.00 47.88 ? 300  HIS A CD2 1 
ATOM   319  C CE1 . HIS A 1 40 ? -18.456 0.588   10.349  1.00 45.86 ? 300  HIS A CE1 1 
ATOM   320  N NE2 . HIS A 1 40 ? -18.324 1.673   9.606   1.00 47.48 ? 300  HIS A NE2 1 
ATOM   321  N N   . HIS A 1 41 ? -12.800 1.847   8.613   1.00 34.13 ? 301  HIS A N   1 
ATOM   322  C CA  . HIS A 1 41 ? -12.258 3.196   8.394   1.00 33.95 ? 301  HIS A CA  1 
ATOM   323  C C   . HIS A 1 41 ? -11.965 3.482   6.909   1.00 36.74 ? 301  HIS A C   1 
ATOM   324  O O   . HIS A 1 41 ? -11.801 2.550   6.109   1.00 33.89 ? 301  HIS A O   1 
ATOM   325  C CB  . HIS A 1 41 ? -10.950 3.333   9.192   1.00 31.49 ? 301  HIS A CB  1 
ATOM   326  C CG  . HIS A 1 41 ? -11.093 2.982   10.643  1.00 29.62 ? 301  HIS A CG  1 
ATOM   327  N ND1 . HIS A 1 41 ? -11.258 3.935   11.624  1.00 37.56 ? 301  HIS A ND1 1 
ATOM   328  C CD2 . HIS A 1 41 ? -11.186 1.781   11.268  1.00 36.36 ? 301  HIS A CD2 1 
ATOM   329  C CE1 . HIS A 1 41 ? -11.452 3.340   12.790  1.00 36.53 ? 301  HIS A CE1 1 
ATOM   330  N NE2 . HIS A 1 41 ? -11.414 2.032   12.601  1.00 38.77 ? 301  HIS A NE2 1 
ATOM   331  N N   . PRO A 1 42 ? -11.884 4.770   6.521   1.00 34.49 ? 302  PRO A N   1 
ATOM   332  C CA  . PRO A 1 42 ? -11.598 5.117   5.118   1.00 35.40 ? 302  PRO A CA  1 
ATOM   333  C C   . PRO A 1 42 ? -10.164 4.732   4.749   1.00 35.29 ? 302  PRO A C   1 
ATOM   334  O O   . PRO A 1 42 ? -9.262  4.814   5.587   1.00 31.55 ? 302  PRO A O   1 
ATOM   335  C CB  . PRO A 1 42 ? -11.798 6.633   5.072   1.00 33.08 ? 302  PRO A CB  1 
ATOM   336  C CG  . PRO A 1 42 ? -12.790 6.886   6.213   1.00 38.43 ? 302  PRO A CG  1 
ATOM   337  C CD  . PRO A 1 42 ? -12.269 5.971   7.290   1.00 35.76 ? 302  PRO A CD  1 
ATOM   338  N N   . SER A 1 43 ? -9.942  4.326   3.498   1.00 31.44 ? 303  SER A N   1 
ATOM   339  C CA  . SER A 1 43 ? -8.597  3.924   3.082   1.00 31.59 ? 303  SER A CA  1 
ATOM   340  C C   . SER A 1 43 ? -7.628  5.100   3.129   1.00 31.56 ? 303  SER A C   1 
ATOM   341  O O   . SER A 1 43 ? -6.418  4.911   3.246   1.00 31.67 ? 303  SER A O   1 
ATOM   342  C CB  . SER A 1 43 ? -8.616  3.295   1.673   1.00 33.02 ? 303  SER A CB  1 
ATOM   343  O OG  . SER A 1 43 ? -9.061  4.207   0.680   1.00 34.13 ? 303  SER A OG  1 
ATOM   344  N N   . THR A 1 44 ? -8.149  6.320   3.051   1.00 30.41 ? 304  THR A N   1 
ATOM   345  C CA  . THR A 1 44 ? -7.281  7.495   3.108   1.00 28.82 ? 304  THR A CA  1 
ATOM   346  C C   . THR A 1 44 ? -6.684  7.680   4.519   1.00 28.81 ? 304  THR A C   1 
ATOM   347  O O   . THR A 1 44 ? -5.707  8.423   4.716   1.00 32.47 ? 304  THR A O   1 
ATOM   348  C CB  . THR A 1 44 ? -8.054  8.775   2.670   1.00 33.67 ? 304  THR A CB  1 
ATOM   349  O OG1 . THR A 1 44 ? -9.357  8.792   3.279   1.00 31.43 ? 304  THR A OG1 1 
ATOM   350  C CG2 . THR A 1 44 ? -8.221  8.799   1.153   1.00 37.27 ? 304  THR A CG2 1 
ATOM   351  N N   . ILE A 1 45 ? -7.283  7.009   5.496   1.00 29.67 ? 305  ILE A N   1 
ATOM   352  C CA  . ILE A 1 45 ? -6.807  7.035   6.881   1.00 30.92 ? 305  ILE A CA  1 
ATOM   353  C C   . ILE A 1 45 ? -5.885  5.807   7.128   1.00 26.63 ? 305  ILE A C   1 
ATOM   354  O O   . ILE A 1 45 ? -4.762  5.963   7.620   1.00 28.31 ? 305  ILE A O   1 
ATOM   355  C CB  . ILE A 1 45 ? -7.994  6.966   7.907   1.00 30.96 ? 305  ILE A CB  1 
ATOM   356  C CG1 . ILE A 1 45 ? -8.857  8.228   7.823   1.00 31.84 ? 305  ILE A CG1 1 
ATOM   357  C CG2 . ILE A 1 45 ? -7.459  6.836   9.347   1.00 31.53 ? 305  ILE A CG2 1 
ATOM   358  C CD1 . ILE A 1 45 ? -8.087  9.509   8.142   1.00 35.74 ? 305  ILE A CD1 1 
ATOM   359  N N   . THR A 1 46 ? -6.351  4.599   6.800   1.00 27.66 ? 306  THR A N   1 
ATOM   360  C CA  . THR A 1 46 ? -5.515  3.420   7.047   1.00 26.44 ? 306  THR A CA  1 
ATOM   361  C C   . THR A 1 46 ? -4.210  3.441   6.227   1.00 22.37 ? 306  THR A C   1 
ATOM   362  O O   . THR A 1 46 ? -3.167  2.964   6.707   1.00 24.79 ? 306  THR A O   1 
ATOM   363  C CB  . THR A 1 46 ? -6.291  2.075   6.797   1.00 30.15 ? 306  THR A CB  1 
ATOM   364  O OG1 . THR A 1 46 ? -6.688  1.970   5.419   1.00 27.78 ? 306  THR A OG1 1 
ATOM   365  C CG2 . THR A 1 46 ? -7.537  1.996   7.686   1.00 31.85 ? 306  THR A CG2 1 
ATOM   366  N N   . ASN A 1 47 ? -4.227  3.999   5.014   1.00 28.30 ? 307  ASN A N   1 
ATOM   367  C CA  . ASN A 1 47 ? -2.980  4.043   4.227   1.00 29.21 ? 307  ASN A CA  1 
ATOM   368  C C   . ASN A 1 47 ? -1.878  4.815   4.955   1.00 33.94 ? 307  ASN A C   1 
ATOM   369  O O   . ASN A 1 47 ? -0.692  4.494   4.822   1.00 28.82 ? 307  ASN A O   1 
ATOM   370  C CB  . ASN A 1 47 ? -3.194  4.697   2.854   1.00 26.54 ? 307  ASN A CB  1 
ATOM   371  C CG  . ASN A 1 47 ? -3.976  3.815   1.892   1.00 36.20 ? 307  ASN A CG  1 
ATOM   372  O OD1 . ASN A 1 47 ? -4.113  2.605   2.093   1.00 29.78 ? 307  ASN A OD1 1 
ATOM   373  N ND2 . ASN A 1 47 ? -4.483  4.427   0.827   1.00 33.03 ? 307  ASN A ND2 1 
ATOM   374  N N   . LYS A 1 48 ? -2.269  5.852   5.703   1.00 30.38 ? 308  LYS A N   1 
ATOM   375  C CA  . LYS A 1 48 ? -1.293  6.673   6.437   1.00 26.02 ? 308  LYS A CA  1 
ATOM   376  C C   . LYS A 1 48 ? -0.934  6.189   7.844   1.00 22.92 ? 308  LYS A C   1 
ATOM   377  O O   . LYS A 1 48 ? 0.211   6.373   8.278   1.00 26.05 ? 308  LYS A O   1 
ATOM   378  C CB  . LYS A 1 48 ? -1.789  8.130   6.541   1.00 31.73 ? 308  LYS A CB  1 
ATOM   379  C CG  . LYS A 1 48 ? -1.867  8.896   5.220   1.00 41.32 ? 308  LYS A CG  1 
ATOM   380  C CD  . LYS A 1 48 ? -0.514  8.927   4.520   1.00 41.85 ? 308  LYS A CD  1 
ATOM   381  C CE  . LYS A 1 48 ? -0.546  9.853   3.329   1.00 51.51 ? 308  LYS A CE  1 
ATOM   382  N NZ  . LYS A 1 48 ? -1.697  9.559   2.440   1.00 50.98 ? 308  LYS A NZ  1 
ATOM   383  N N   . LYS A 1 49 ? -1.893  5.586   8.566   1.00 23.70 ? 309  LYS A N   1 
ATOM   384  C CA  . LYS A 1 49 ? -1.639  5.106   9.932   1.00 25.72 ? 309  LYS A CA  1 
ATOM   385  C C   . LYS A 1 49 ? -0.968  3.728   9.983   1.00 24.37 ? 309  LYS A C   1 
ATOM   386  O O   . LYS A 1 49 ? -0.232  3.439   10.932  1.00 23.93 ? 309  LYS A O   1 
ATOM   387  C CB  . LYS A 1 49 ? -2.943  5.042   10.761  1.00 22.94 ? 309  LYS A CB  1 
ATOM   388  C CG  . LYS A 1 49 ? -3.728  6.360   10.876  1.00 28.44 ? 309  LYS A CG  1 
ATOM   389  C CD  . LYS A 1 49 ? -2.907  7.493   11.529  1.00 24.87 ? 309  LYS A CD  1 
ATOM   390  C CE  . LYS A 1 49 ? -2.550  7.207   12.998  1.00 23.50 ? 309  LYS A CE  1 
ATOM   391  N NZ  . LYS A 1 49 ? -1.734  8.325   13.605  1.00 25.48 ? 309  LYS A NZ  1 
ATOM   392  N N   . CYS A 1 50 ? -1.246  2.876   8.993   1.00 27.85 ? 310  CYS A N   1 
ATOM   393  C CA  . CYS A 1 50 ? -0.644  1.527   8.926   1.00 25.46 ? 310  CYS A CA  1 
ATOM   394  C C   . CYS A 1 50 ? -0.399  1.080   7.473   1.00 27.70 ? 310  CYS A C   1 
ATOM   395  O O   . CYS A 1 50 ? -0.921  0.063   7.033   1.00 30.53 ? 310  CYS A O   1 
ATOM   396  C CB  . CYS A 1 50 ? -1.514  0.478   9.667   1.00 25.79 ? 310  CYS A CB  1 
ATOM   397  S SG  . CYS A 1 50 ? -3.287  0.350   9.280   1.00 31.00 ? 310  CYS A SG  1 
ATOM   398  N N   . PRO A 1 51 ? 0.440   1.819   6.734   1.00 27.00 ? 311  PRO A N   1 
ATOM   399  C CA  . PRO A 1 51 ? 0.715   1.466   5.336   1.00 28.87 ? 311  PRO A CA  1 
ATOM   400  C C   . PRO A 1 51 ? 1.310   0.076   5.091   1.00 30.16 ? 311  PRO A C   1 
ATOM   401  O O   . PRO A 1 51 ? 0.944   -0.569  4.109   1.00 33.58 ? 311  PRO A O   1 
ATOM   402  C CB  . PRO A 1 51 ? 1.604   2.612   4.848   1.00 23.35 ? 311  PRO A CB  1 
ATOM   403  C CG  . PRO A 1 51 ? 2.397   3.001   6.084   1.00 21.25 ? 311  PRO A CG  1 
ATOM   404  C CD  . PRO A 1 51 ? 1.332   2.897   7.212   1.00 27.63 ? 311  PRO A CD  1 
ATOM   405  N N   . GLN A 1 52 ? 2.207   -0.404  5.949   1.00 28.39 ? 312  GLN A N   1 
ATOM   406  C CA  . GLN A 1 52 ? 2.767   -1.728  5.700   1.00 32.91 ? 312  GLN A CA  1 
ATOM   407  C C   . GLN A 1 52 ? 1.697   -2.821  5.868   1.00 33.80 ? 312  GLN A C   1 
ATOM   408  O O   . GLN A 1 52 ? 1.721   -3.818  5.134   1.00 28.69 ? 312  GLN A O   1 
ATOM   409  C CB  . GLN A 1 52 ? 3.981   -1.995  6.601   1.00 30.48 ? 312  GLN A CB  1 
ATOM   410  C CG  . GLN A 1 52 ? 5.190   -1.049  6.378   1.00 32.09 ? 312  GLN A CG  1 
ATOM   411  C CD  . GLN A 1 52 ? 5.663   -0.977  4.916   1.00 41.23 ? 312  GLN A CD  1 
ATOM   412  O OE1 . GLN A 1 52 ? 5.781   -1.998  4.240   1.00 33.43 ? 312  GLN A OE1 1 
ATOM   413  N NE2 . GLN A 1 52 ? 5.956   0.237   4.438   1.00 32.55 ? 312  GLN A NE2 1 
ATOM   414  N N   . LYS A 1 53 ? 0.758   -2.647  6.815   1.00 30.24 ? 313  LYS A N   1 
ATOM   415  C CA  . LYS A 1 53 ? -0.327  -3.630  7.001   1.00 30.59 ? 313  LYS A CA  1 
ATOM   416  C C   . LYS A 1 53 ? -1.169  -3.660  5.720   1.00 32.55 ? 313  LYS A C   1 
ATOM   417  O O   . LYS A 1 53 ? -1.570  -4.733  5.235   1.00 30.58 ? 313  LYS A O   1 
ATOM   418  C CB  . LYS A 1 53 ? -1.232  -3.267  8.198   1.00 30.88 ? 313  LYS A CB  1 
ATOM   419  C CG  . LYS A 1 53 ? -0.652  -3.612  9.547   1.00 33.20 ? 313  LYS A CG  1 
ATOM   420  C CD  . LYS A 1 53 ? -0.503  -5.112  9.694   1.00 43.44 ? 313  LYS A CD  1 
ATOM   421  C CE  . LYS A 1 53 ? -0.090  -5.490  11.102  1.00 49.22 ? 313  LYS A CE  1 
ATOM   422  N NZ  . LYS A 1 53 ? -0.204  -6.965  11.311  1.00 56.03 ? 313  LYS A NZ  1 
ATOM   423  N N   . MET A 1 54 ? -1.427  -2.482  5.157   1.00 24.26 ? 314  MET A N   1 
ATOM   424  C CA  . MET A 1 54 ? -2.209  -2.394  3.917   1.00 29.01 ? 314  MET A CA  1 
ATOM   425  C C   . MET A 1 54 ? -1.502  -3.073  2.724   1.00 30.92 ? 314  MET A C   1 
ATOM   426  O O   . MET A 1 54 ? -2.148  -3.732  1.914   1.00 32.31 ? 314  MET A O   1 
ATOM   427  C CB  . MET A 1 54 ? -2.493  -0.923  3.547   1.00 33.36 ? 314  MET A CB  1 
ATOM   428  C CG  . MET A 1 54 ? -3.434  -0.178  4.503   1.00 28.74 ? 314  MET A CG  1 
ATOM   429  S SD  . MET A 1 54 ? -5.071  -0.946  4.705   1.00 34.10 ? 314  MET A SD  1 
ATOM   430  C CE  . MET A 1 54 ? -5.801  -0.746  3.121   1.00 30.26 ? 314  MET A CE  1 
ATOM   431  N N   . LEU A 1 55 ? -0.189  -2.900  2.623   1.00 30.84 ? 315  LEU A N   1 
ATOM   432  C CA  . LEU A 1 55 ? 0.579   -3.486  1.520   1.00 29.20 ? 315  LEU A CA  1 
ATOM   433  C C   . LEU A 1 55 ? 0.612   -5.023  1.578   1.00 34.25 ? 315  LEU A C   1 
ATOM   434  O O   . LEU A 1 55 ? 0.541   -5.694  0.538   1.00 33.97 ? 315  LEU A O   1 
ATOM   435  C CB  . LEU A 1 55 ? 1.991   -2.911  1.517   1.00 26.29 ? 315  LEU A CB  1 
ATOM   436  C CG  . LEU A 1 55 ? 2.083   -1.431  1.071   1.00 33.83 ? 315  LEU A CG  1 
ATOM   437  C CD1 . LEU A 1 55 ? 3.459   -0.900  1.422   1.00 31.62 ? 315  LEU A CD1 1 
ATOM   438  C CD2 . LEU A 1 55 ? 1.819   -1.285  -0.440  1.00 30.98 ? 315  LEU A CD2 1 
ATOM   439  N N   . GLN A 1 56 ? 0.737   -5.578  2.779   1.00 30.67 ? 316  GLN A N   1 
ATOM   440  C CA  . GLN A 1 56 ? 0.735   -7.031  2.938   1.00 36.63 ? 316  GLN A CA  1 
ATOM   441  C C   . GLN A 1 56 ? -0.600  -7.594  2.460   1.00 38.24 ? 316  GLN A C   1 
ATOM   442  O O   . GLN A 1 56 ? -0.654  -8.649  1.822   1.00 37.49 ? 316  GLN A O   1 
ATOM   443  C CB  . GLN A 1 56 ? 0.934   -7.418  4.401   1.00 37.34 ? 316  GLN A CB  1 
ATOM   444  C CG  . GLN A 1 56 ? 2.295   -7.094  4.937   1.00 52.29 ? 316  GLN A CG  1 
ATOM   445  C CD  . GLN A 1 56 ? 2.422   -7.421  6.412   1.00 66.86 ? 316  GLN A CD  1 
ATOM   446  O OE1 . GLN A 1 56 ? 3.525   -7.414  6.965   1.00 73.19 ? 316  GLN A OE1 1 
ATOM   447  N NE2 . GLN A 1 56 ? 1.289   -7.703  7.064   1.00 64.37 ? 316  GLN A NE2 1 
ATOM   448  N N   . PHE A 1 57 ? -1.681  -6.895  2.784   1.00 34.92 ? 317  PHE A N   1 
ATOM   449  C CA  . PHE A 1 57 ? -3.018  -7.318  2.364   1.00 36.66 ? 317  PHE A CA  1 
ATOM   450  C C   . PHE A 1 57 ? -3.133  -7.365  0.838   1.00 37.67 ? 317  PHE A C   1 
ATOM   451  O O   . PHE A 1 57 ? -3.668  -8.322  0.266   1.00 37.41 ? 317  PHE A O   1 
ATOM   452  C CB  . PHE A 1 57 ? -4.078  -6.356  2.904   1.00 34.80 ? 317  PHE A CB  1 
ATOM   453  C CG  . PHE A 1 57 ? -5.473  -6.658  2.429   1.00 40.52 ? 317  PHE A CG  1 
ATOM   454  C CD1 . PHE A 1 57 ? -6.243  -7.637  3.054   1.00 44.43 ? 317  PHE A CD1 1 
ATOM   455  C CD2 . PHE A 1 57 ? -6.025  -5.960  1.357   1.00 43.24 ? 317  PHE A CD2 1 
ATOM   456  C CE1 . PHE A 1 57 ? -7.539  -7.915  2.621   1.00 42.90 ? 317  PHE A CE1 1 
ATOM   457  C CE2 . PHE A 1 57 ? -7.318  -6.231  0.915   1.00 43.68 ? 317  PHE A CE2 1 
ATOM   458  C CZ  . PHE A 1 57 ? -8.078  -7.209  1.548   1.00 45.73 ? 317  PHE A CZ  1 
ATOM   459  N N   . TYR A 1 58 ? -2.650  -6.325  0.169   1.00 34.30 ? 318  TYR A N   1 
ATOM   460  C CA  . TYR A 1 58 ? -2.738  -6.280  -1.290  1.00 35.39 ? 318  TYR A CA  1 
ATOM   461  C C   . TYR A 1 58 ? -1.913  -7.363  -1.992  1.00 38.12 ? 318  TYR A C   1 
ATOM   462  O O   . TYR A 1 58 ? -2.346  -7.915  -3.010  1.00 39.60 ? 318  TYR A O   1 
ATOM   463  C CB  . TYR A 1 58 ? -2.341  -4.883  -1.790  1.00 34.50 ? 318  TYR A CB  1 
ATOM   464  C CG  . TYR A 1 58 ? -3.424  -3.840  -1.548  1.00 35.49 ? 318  TYR A CG  1 
ATOM   465  C CD1 . TYR A 1 58 ? -4.735  -4.057  -1.979  1.00 40.34 ? 318  TYR A CD1 1 
ATOM   466  C CD2 . TYR A 1 58 ? -3.137  -2.637  -0.898  1.00 33.99 ? 318  TYR A CD2 1 
ATOM   467  C CE1 . TYR A 1 58 ? -5.737  -3.102  -1.771  1.00 39.06 ? 318  TYR A CE1 1 
ATOM   468  C CE2 . TYR A 1 58 ? -4.133  -1.671  -0.686  1.00 34.66 ? 318  TYR A CE2 1 
ATOM   469  C CZ  . TYR A 1 58 ? -5.421  -1.909  -1.123  1.00 41.10 ? 318  TYR A CZ  1 
ATOM   470  O OH  . TYR A 1 58 ? -6.390  -0.944  -0.937  1.00 40.19 ? 318  TYR A OH  1 
ATOM   471  N N   . GLU A 1 59 ? -0.747  -7.667  -1.458  1.00 37.72 ? 319  GLU A N   1 
ATOM   472  C CA  . GLU A 1 59 ? 0.086   -8.694  -2.077  1.00 43.60 ? 319  GLU A CA  1 
ATOM   473  C C   . GLU A 1 59 ? -0.546  -10.079 -1.962  1.00 49.73 ? 319  GLU A C   1 
ATOM   474  O O   . GLU A 1 59 ? -0.309  -10.948 -2.805  1.00 50.35 ? 319  GLU A O   1 
ATOM   475  C CB  . GLU A 1 59 ? 1.481   -8.721  -1.458  1.00 39.33 ? 319  GLU A CB  1 
ATOM   476  C CG  . GLU A 1 59 ? 2.252   -7.432  -1.655  1.00 42.31 ? 319  GLU A CG  1 
ATOM   477  C CD  . GLU A 1 59 ? 3.728   -7.586  -1.388  1.00 48.36 ? 319  GLU A CD  1 
ATOM   478  O OE1 . GLU A 1 59 ? 4.115   -8.535  -0.675  1.00 54.01 ? 319  GLU A OE1 1 
ATOM   479  O OE2 . GLU A 1 59 ? 4.506   -6.748  -1.886  1.00 46.82 ? 319  GLU A OE2 1 
ATOM   480  N N   . SER A 1 60 ? -1.306  -10.392 -0.937  1.00 51.05 ? 320  SER A N   1 
ATOM   481  C CA  . SER A 1 60 ? -1.877  -11.757 -0.715  1.00 56.75 ? 320  SER A CA  1 
ATOM   482  C C   . SER A 1 60 ? -3.288  -11.828 -1.310  1.00 58.96 ? 320  SER A C   1 
ATOM   483  O O   . SER A 1 60 ? -4.247  -12.294 -0.704  1.00 62.54 ? 320  SER A O   1 
ATOM   484  C CB  . SER A 1 60 ? -2.099  -11.991 0.774   1.00 56.94 ? 320  SER A CB  1 
ATOM   485  O OG  . SER A 1 60 ? -3.286  -11.356 1.219   1.00 56.70 ? 320  SER A OG  1 
ATOM   486  N N   . HIS A 1 61 ? -3.328  -11.270 -2.510  1.00 60.00 ? 321  HIS A N   1 
ATOM   487  C CA  . HIS A 1 61 ? -4.529  -10.784 -3.119  1.00 65.23 ? 321  HIS A CA  1 
ATOM   488  C C   . HIS A 1 61 ? -4.152  -10.009 -4.360  1.00 67.50 ? 321  HIS A C   1 
ATOM   489  O O   . HIS A 1 61 ? -4.272  -8.787  -4.477  1.00 69.18 ? 321  HIS A O   1 
ATOM   490  C CB  . HIS A 1 61 ? -5.097  -9.831  -2.140  1.00 66.12 ? 321  HIS A CB  1 
ATOM   491  C CG  . HIS A 1 61 ? -6.518  -10.081 -1.688  1.00 73.75 ? 321  HIS A CG  1 
ATOM   492  N ND1 . HIS A 1 61 ? -6.919  -10.933 -0.691  1.00 75.87 ? 321  HIS A ND1 1 
ATOM   493  C CD2 . HIS A 1 61 ? -7.634  -9.511  -2.199  1.00 75.28 ? 321  HIS A CD2 1 
ATOM   494  C CE1 . HIS A 1 61 ? -8.236  -10.872 -0.596  1.00 77.63 ? 321  HIS A CE1 1 
ATOM   495  N NE2 . HIS A 1 61 ? -8.703  -10.010 -1.494  1.00 77.46 ? 321  HIS A NE2 1 
ATOM   496  N N   . LEU A 1 62 ? -3.641  -10.850 -5.203  1.00 69.90 ? 322  LEU A N   1 
ATOM   497  C CA  . LEU A 1 62 ? -2.994  -10.511 -6.415  1.00 70.89 ? 322  LEU A CA  1 
ATOM   498  C C   . LEU A 1 62 ? -3.175  -11.614 -7.468  1.00 72.22 ? 322  LEU A C   1 
ATOM   499  O O   . LEU A 1 62 ? -3.222  -11.341 -8.667  1.00 74.39 ? 322  LEU A O   1 
ATOM   500  C CB  . LEU A 1 62 ? -1.515  -10.324 -6.085  1.00 70.88 ? 322  LEU A CB  1 
ATOM   501  C CG  . LEU A 1 62 ? -0.692  -9.264  -6.820  1.00 70.52 ? 322  LEU A CG  1 
ATOM   502  C CD1 . LEU A 1 62 ? -1.047  -7.855  -6.373  1.00 68.72 ? 322  LEU A CD1 1 
ATOM   503  C CD2 . LEU A 1 62 ? 0.786   -9.534  -6.627  1.00 73.50 ? 322  LEU A CD2 1 
ATOM   504  N N   . TYR B 1 6  ? 12.148  6.115   5.969   1.00 83.17 ? 266  TYR B N   1 
ATOM   505  C CA  . TYR B 1 6  ? 13.201  5.753   5.023   1.00 81.72 ? 266  TYR B CA  1 
ATOM   506  C C   . TYR B 1 6  ? 12.693  5.882   3.585   1.00 78.81 ? 266  TYR B C   1 
ATOM   507  O O   . TYR B 1 6  ? 13.422  5.600   2.630   1.00 77.96 ? 266  TYR B O   1 
ATOM   508  C CB  . TYR B 1 6  ? 13.664  4.317   5.282   1.00 84.92 ? 266  TYR B CB  1 
ATOM   509  C CG  . TYR B 1 6  ? 14.942  3.946   4.565   1.00 87.28 ? 266  TYR B CG  1 
ATOM   510  C CD1 . TYR B 1 6  ? 16.163  4.508   4.945   1.00 88.39 ? 266  TYR B CD1 1 
ATOM   511  C CD2 . TYR B 1 6  ? 14.931  3.036   3.503   1.00 87.02 ? 266  TYR B CD2 1 
ATOM   512  C CE1 . TYR B 1 6  ? 17.347  4.175   4.287   1.00 89.52 ? 266  TYR B CE1 1 
ATOM   513  C CE2 . TYR B 1 6  ? 16.108  2.692   2.838   1.00 89.43 ? 266  TYR B CE2 1 
ATOM   514  C CZ  . TYR B 1 6  ? 17.313  3.265   3.232   1.00 91.15 ? 266  TYR B CZ  1 
ATOM   515  O OH  . TYR B 1 6  ? 18.479  2.929   2.574   1.00 89.48 ? 266  TYR B OH  1 
ATOM   516  N N   . ASP B 1 7  ? 11.434  6.307   3.449   1.00 75.80 ? 267  ASP B N   1 
ATOM   517  C CA  . ASP B 1 7  ? 10.793  6.492   2.142   1.00 68.66 ? 267  ASP B CA  1 
ATOM   518  C C   . ASP B 1 7  ? 11.305  7.743   1.410   1.00 62.04 ? 267  ASP B C   1 
ATOM   519  O O   . ASP B 1 7  ? 10.556  8.669   1.083   1.00 48.82 ? 267  ASP B O   1 
ATOM   520  C CB  . ASP B 1 7  ? 9.264   6.538   2.299   1.00 71.04 ? 267  ASP B CB  1 
ATOM   521  C CG  . ASP B 1 7  ? 8.808   7.434   3.435   1.00 76.15 ? 267  ASP B CG  1 
ATOM   522  O OD1 . ASP B 1 7  ? 8.996   8.671   3.350   1.00 81.28 ? 267  ASP B OD1 1 
ATOM   523  O OD2 . ASP B 1 7  ? 8.256   6.895   4.419   1.00 76.77 ? 267  ASP B OD2 1 
ATOM   524  N N   . SER B 1 8  ? 12.606  7.734   1.148   1.00 56.92 ? 268  SER B N   1 
ATOM   525  C CA  . SER B 1 8  ? 13.267  8.828   0.479   1.00 54.18 ? 268  SER B CA  1 
ATOM   526  C C   . SER B 1 8  ? 13.017  8.842   -1.033  1.00 47.19 ? 268  SER B C   1 
ATOM   527  O O   . SER B 1 8  ? 13.661  9.601   -1.747  1.00 50.08 ? 268  SER B O   1 
ATOM   528  C CB  . SER B 1 8  ? 14.770  8.776   0.781   1.00 55.34 ? 268  SER B CB  1 
ATOM   529  O OG  . SER B 1 8  ? 15.292  7.461   0.647   1.00 60.28 ? 268  SER B OG  1 
ATOM   530  N N   . TRP B 1 9  ? 12.080  8.018   -1.510  1.00 37.49 ? 269  TRP B N   1 
ATOM   531  C CA  . TRP B 1 9  ? 11.749  7.963   -2.943  1.00 34.62 ? 269  TRP B CA  1 
ATOM   532  C C   . TRP B 1 9  ? 10.360  8.517   -3.199  1.00 29.23 ? 269  TRP B C   1 
ATOM   533  O O   . TRP B 1 9  ? 9.985   8.778   -4.356  1.00 30.26 ? 269  TRP B O   1 
ATOM   534  C CB  . TRP B 1 9  ? 11.817  6.512   -3.480  1.00 32.44 ? 269  TRP B CB  1 
ATOM   535  C CG  . TRP B 1 9  ? 13.230  5.981   -3.737  1.00 29.53 ? 269  TRP B CG  1 
ATOM   536  C CD1 . TRP B 1 9  ? 14.416  6.562   -3.360  1.00 32.18 ? 269  TRP B CD1 1 
ATOM   537  C CD2 . TRP B 1 9  ? 13.586  4.746   -4.401  1.00 31.22 ? 269  TRP B CD2 1 
ATOM   538  N NE1 . TRP B 1 9  ? 15.476  5.764   -3.749  1.00 33.31 ? 269  TRP B NE1 1 
ATOM   539  C CE2 . TRP B 1 9  ? 14.995  4.648   -4.384  1.00 34.03 ? 269  TRP B CE2 1 
ATOM   540  C CE3 . TRP B 1 9  ? 12.844  3.717   -5.005  1.00 30.62 ? 269  TRP B CE3 1 
ATOM   541  C CZ2 . TRP B 1 9  ? 15.686  3.554   -4.947  1.00 36.19 ? 269  TRP B CZ2 1 
ATOM   542  C CZ3 . TRP B 1 9  ? 13.535  2.623   -5.570  1.00 31.15 ? 269  TRP B CZ3 1 
ATOM   543  C CH2 . TRP B 1 9  ? 14.937  2.557   -5.532  1.00 29.41 ? 269  TRP B CH2 1 
ATOM   544  N N   . GLU B 1 10 ? 9.584   8.708   -2.131  1.00 30.34 ? 270  GLU B N   1 
ATOM   545  C CA  . GLU B 1 10 ? 8.215   9.225   -2.277  1.00 29.57 ? 270  GLU B CA  1 
ATOM   546  C C   . GLU B 1 10 ? 8.141   10.488  -3.105  1.00 31.45 ? 270  GLU B C   1 
ATOM   547  O O   . GLU B 1 10 ? 7.186   10.682  -3.853  1.00 31.11 ? 270  GLU B O   1 
ATOM   548  C CB  . GLU B 1 10 ? 7.569   9.512   -0.905  1.00 32.43 ? 270  GLU B CB  1 
ATOM   549  C CG  . GLU B 1 10 ? 7.299   8.275   -0.095  1.00 34.13 ? 270  GLU B CG  1 
ATOM   550  C CD  . GLU B 1 10 ? 5.988   7.568   -0.439  1.00 31.74 ? 270  GLU B CD  1 
ATOM   551  O OE1 . GLU B 1 10 ? 5.483   7.653   -1.587  1.00 27.84 ? 270  GLU B OE1 1 
ATOM   552  O OE2 . GLU B 1 10 ? 5.473   6.892   0.468   1.00 30.64 ? 270  GLU B OE2 1 
ATOM   553  N N   . ASP B 1 11 ? 9.134   11.362  -2.963  1.00 26.65 ? 271  ASP B N   1 
ATOM   554  C CA  . ASP B 1 11 ? 9.117   12.609  -3.725  1.00 31.96 ? 271  ASP B CA  1 
ATOM   555  C C   . ASP B 1 11 ? 9.921   12.540  -5.026  1.00 30.40 ? 271  ASP B C   1 
ATOM   556  O O   . ASP B 1 11 ? 9.997   13.529  -5.749  1.00 31.47 ? 271  ASP B O   1 
ATOM   557  C CB  . ASP B 1 11 ? 9.644   13.784  -2.874  1.00 37.07 ? 271  ASP B CB  1 
ATOM   558  C CG  . ASP B 1 11 ? 8.737   14.113  -1.672  1.00 45.96 ? 271  ASP B CG  1 
ATOM   559  O OD1 . ASP B 1 11 ? 7.486   14.050  -1.795  1.00 46.80 ? 271  ASP B OD1 1 
ATOM   560  O OD2 . ASP B 1 11 ? 9.289   14.458  -0.604  1.00 50.41 ? 271  ASP B OD2 1 
ATOM   561  N N   . LEU B 1 12 ? 10.500  11.383  -5.343  1.00 30.21 ? 272  LEU B N   1 
ATOM   562  C CA  . LEU B 1 12 ? 11.306  11.268  -6.566  1.00 25.71 ? 272  LEU B CA  1 
ATOM   563  C C   . LEU B 1 12 ? 10.646  10.469  -7.690  1.00 29.08 ? 272  LEU B C   1 
ATOM   564  O O   . LEU B 1 12 ? 10.966  10.658  -8.871  1.00 27.60 ? 272  LEU B O   1 
ATOM   565  C CB  . LEU B 1 12 ? 12.661  10.642  -6.226  1.00 26.71 ? 272  LEU B CB  1 
ATOM   566  C CG  . LEU B 1 12 ? 13.483  11.234  -5.080  1.00 27.32 ? 272  LEU B CG  1 
ATOM   567  C CD1 . LEU B 1 12 ? 14.706  10.361  -4.851  1.00 31.02 ? 272  LEU B CD1 1 
ATOM   568  C CD2 . LEU B 1 12 ? 13.900  12.679  -5.403  1.00 24.65 ? 272  LEU B CD2 1 
ATOM   569  N N   . VAL B 1 13 ? 9.729   9.586   -7.305  1.00 31.09 ? 273  VAL B N   1 
ATOM   570  C CA  . VAL B 1 13 ? 8.981   8.708   -8.210  1.00 29.13 ? 273  VAL B CA  1 
ATOM   571  C C   . VAL B 1 13 ? 7.700   9.368   -8.710  1.00 30.03 ? 273  VAL B C   1 
ATOM   572  O O   . VAL B 1 13 ? 6.951   9.958   -7.928  1.00 29.04 ? 273  VAL B O   1 
ATOM   573  C CB  . VAL B 1 13 ? 8.610   7.379   -7.468  1.00 26.88 ? 273  VAL B CB  1 
ATOM   574  C CG1 . VAL B 1 13 ? 7.733   6.497   -8.339  1.00 27.88 ? 273  VAL B CG1 1 
ATOM   575  C CG2 . VAL B 1 13 ? 9.876   6.638   -7.050  1.00 25.05 ? 273  VAL B CG2 1 
ATOM   576  N N   . SER B 1 14 ? 7.461   9.291   -10.020 1.00 23.50 ? 274  SER B N   1 
ATOM   577  C CA  . SER B 1 14 ? 6.251   9.843   -10.623 1.00 26.54 ? 274  SER B CA  1 
ATOM   578  C C   . SER B 1 14 ? 5.073   8.851   -10.488 1.00 34.50 ? 274  SER B C   1 
ATOM   579  O O   . SER B 1 14 ? 4.011   9.217   -9.964  1.00 28.75 ? 274  SER B O   1 
ATOM   580  C CB  . SER B 1 14 ? 6.515   10.187  -12.100 1.00 30.43 ? 274  SER B CB  1 
ATOM   581  O OG  . SER B 1 14 ? 5.355   10.709  -12.705 1.00 31.16 ? 274  SER B OG  1 
ATOM   582  N N   . SER B 1 15 ? 5.263   7.595   -10.933 1.00 28.94 ? 275  SER B N   1 
ATOM   583  C CA  . SER B 1 15 ? 4.205   6.591   -10.824 1.00 26.71 ? 275  SER B CA  1 
ATOM   584  C C   . SER B 1 15 ? 4.706   5.142   -10.888 1.00 29.25 ? 275  SER B C   1 
ATOM   585  O O   . SER B 1 15 ? 5.814   4.883   -11.359 1.00 27.07 ? 275  SER B O   1 
ATOM   586  C CB  . SER B 1 15 ? 3.173   6.779   -11.937 1.00 30.58 ? 275  SER B CB  1 
ATOM   587  O OG  . SER B 1 15 ? 3.770   6.557   -13.213 1.00 39.53 ? 275  SER B OG  1 
ATOM   588  N N   . ILE B 1 16 ? 3.877   4.223   -10.388 1.00 31.50 ? 276  ILE B N   1 
ATOM   589  C CA  . ILE B 1 16 ? 4.131   2.768   -10.419 1.00 31.19 ? 276  ILE B CA  1 
ATOM   590  C C   . ILE B 1 16 ? 3.299   2.350   -11.642 1.00 30.02 ? 276  ILE B C   1 
ATOM   591  O O   . ILE B 1 16 ? 2.122   2.723   -11.744 1.00 26.04 ? 276  ILE B O   1 
ATOM   592  C CB  . ILE B 1 16 ? 3.602   2.070   -9.133  1.00 36.04 ? 276  ILE B CB  1 
ATOM   593  C CG1 . ILE B 1 16 ? 4.276   2.668   -7.896  1.00 29.69 ? 276  ILE B CG1 1 
ATOM   594  C CG2 . ILE B 1 16 ? 3.857   0.562   -9.194  1.00 28.01 ? 276  ILE B CG2 1 
ATOM   595  C CD1 . ILE B 1 16 ? 5.800   2.381   -7.735  1.00 25.11 ? 276  ILE B CD1 1 
ATOM   596  N N   . ASP B 1 17 ? 3.888   1.572   -12.558 1.00 30.74 ? 277  ASP B N   1 
ATOM   597  C CA  . ASP B 1 17 ? 3.209   1.225   -13.822 1.00 29.23 ? 277  ASP B CA  1 
ATOM   598  C C   . ASP B 1 17 ? 2.758   -0.228  -14.018 1.00 27.04 ? 277  ASP B C   1 
ATOM   599  O O   . ASP B 1 17 ? 1.702   -0.481  -14.594 1.00 27.53 ? 277  ASP B O   1 
ATOM   600  C CB  . ASP B 1 17 ? 4.106   1.595   -15.007 1.00 25.23 ? 277  ASP B CB  1 
ATOM   601  C CG  . ASP B 1 17 ? 4.671   3.004   -14.903 1.00 35.94 ? 277  ASP B CG  1 
ATOM   602  O OD1 . ASP B 1 17 ? 3.888   3.916   -14.604 1.00 27.40 ? 277  ASP B OD1 1 
ATOM   603  O OD2 . ASP B 1 17 ? 5.884   3.197   -15.131 1.00 29.83 ? 277  ASP B OD2 1 
ATOM   604  N N   . THR B 1 18 ? 3.569   -1.176  -13.588 1.00 28.55 ? 278  THR B N   1 
ATOM   605  C CA  . THR B 1 18 ? 3.147   -2.561  -13.737 1.00 34.00 ? 278  THR B CA  1 
ATOM   606  C C   . THR B 1 18 ? 3.900   -3.425  -12.745 1.00 35.33 ? 278  THR B C   1 
ATOM   607  O O   . THR B 1 18 ? 4.900   -2.998  -12.170 1.00 32.79 ? 278  THR B O   1 
ATOM   608  C CB  . THR B 1 18 ? 3.351   -3.042  -15.221 1.00 35.44 ? 278  THR B CB  1 
ATOM   609  O OG1 . THR B 1 18 ? 2.497   -4.167  -15.485 1.00 39.28 ? 278  THR B OG1 1 
ATOM   610  C CG2 . THR B 1 18 ? 4.796   -3.416  -15.458 1.00 30.80 ? 278  THR B CG2 1 
ATOM   611  N N   . ILE B 1 19 ? 3.408   -4.639  -12.526 1.00 34.31 ? 279  ILE B N   1 
ATOM   612  C CA  . ILE B 1 19 ? 4.030   -5.556  -11.591 1.00 38.35 ? 279  ILE B CA  1 
ATOM   613  C C   . ILE B 1 19 ? 4.013   -6.959  -12.184 1.00 44.50 ? 279  ILE B C   1 
ATOM   614  O O   . ILE B 1 19 ? 3.069   -7.327  -12.888 1.00 41.32 ? 279  ILE B O   1 
ATOM   615  C CB  . ILE B 1 19 ? 3.254   -5.583  -10.251 1.00 43.96 ? 279  ILE B CB  1 
ATOM   616  C CG1 . ILE B 1 19 ? 3.297   -4.197  -9.596  1.00 48.69 ? 279  ILE B CG1 1 
ATOM   617  C CG2 . ILE B 1 19 ? 3.831   -6.641  -9.327  1.00 42.31 ? 279  ILE B CG2 1 
ATOM   618  C CD1 . ILE B 1 19 ? 2.652   -4.154  -8.210  1.00 56.50 ? 279  ILE B CD1 1 
ATOM   619  N N   . GLU B 1 20 ? 5.065   -7.723  -11.910 1.00 45.11 ? 280  GLU B N   1 
ATOM   620  C CA  . GLU B 1 20 ? 5.162   -9.097  -12.393 1.00 49.76 ? 280  GLU B CA  1 
ATOM   621  C C   . GLU B 1 20 ? 5.508   -10.051 -11.256 1.00 49.69 ? 280  GLU B C   1 
ATOM   622  O O   . GLU B 1 20 ? 6.379   -9.766  -10.430 1.00 46.62 ? 280  GLU B O   1 
ATOM   623  C CB  . GLU B 1 20 ? 6.236   -9.225  -13.472 1.00 51.53 ? 280  GLU B CB  1 
ATOM   624  C CG  . GLU B 1 20 ? 6.070   -8.277  -14.636 1.00 65.91 ? 280  GLU B CG  1 
ATOM   625  C CD  . GLU B 1 20 ? 6.820   -8.743  -15.865 1.00 71.91 ? 280  GLU B CD  1 
ATOM   626  O OE1 . GLU B 1 20 ? 8.012   -9.112  -15.735 1.00 72.05 ? 280  GLU B OE1 1 
ATOM   627  O OE2 . GLU B 1 20 ? 6.213   -8.734  -16.962 1.00 76.55 ? 280  GLU B OE2 1 
ATOM   628  N N   . ARG B 1 21 ? 4.827   -11.192 -11.221 1.00 53.70 ? 281  ARG B N   1 
ATOM   629  C CA  . ARG B 1 21 ? 5.082   -12.203 -10.205 1.00 55.71 ? 281  ARG B CA  1 
ATOM   630  C C   . ARG B 1 21 ? 6.120   -13.205 -10.725 1.00 57.66 ? 281  ARG B C   1 
ATOM   631  O O   . ARG B 1 21 ? 5.785   -14.129 -11.459 1.00 60.65 ? 281  ARG B O   1 
ATOM   632  C CB  . ARG B 1 21 ? 3.775   -12.921 -9.857  1.00 57.18 ? 281  ARG B CB  1 
ATOM   633  C CG  . ARG B 1 21 ? 3.927   -14.087 -8.899  1.00 59.53 ? 281  ARG B CG  1 
ATOM   634  C CD  . ARG B 1 21 ? 2.980   -13.941 -7.727  1.00 61.93 ? 281  ARG B CD  1 
ATOM   635  N NE  . ARG B 1 21 ? 3.650   -13.383 -6.555  1.00 64.36 ? 281  ARG B NE  1 
ATOM   636  C CZ  . ARG B 1 21 ? 3.020   -12.982 -5.457  1.00 67.93 ? 281  ARG B CZ  1 
ATOM   637  N NH1 . ARG B 1 21 ? 1.698   -13.071 -5.382  1.00 70.06 ? 281  ARG B NH1 1 
ATOM   638  N NH2 . ARG B 1 21 ? 3.708   -12.502 -4.427  1.00 67.46 ? 281  ARG B NH2 1 
ATOM   639  N N   . LYS B 1 22 ? 7.377   -13.008 -10.339 1.00 60.53 ? 282  LYS B N   1 
ATOM   640  C CA  . LYS B 1 22 ? 8.475   -13.870 -10.764 1.00 61.84 ? 282  LYS B CA  1 
ATOM   641  C C   . LYS B 1 22 ? 8.238   -15.350 -10.484 1.00 66.78 ? 282  LYS B C   1 
ATOM   642  O O   . LYS B 1 22 ? 7.268   -15.722 -9.819  1.00 65.92 ? 282  LYS B O   1 
ATOM   643  C CB  . LYS B 1 22 ? 9.775   -13.436 -10.085 1.00 62.44 ? 282  LYS B CB  1 
ATOM   644  C CG  . LYS B 1 22 ? 10.330  -12.125 -10.595 1.00 67.04 ? 282  LYS B CG  1 
ATOM   645  C CD  . LYS B 1 22 ? 11.706  -11.860 -10.018 1.00 71.00 ? 282  LYS B CD  1 
ATOM   646  C CE  . LYS B 1 22 ? 12.484  -10.889 -10.892 1.00 73.42 ? 282  LYS B CE  1 
ATOM   647  N NZ  . LYS B 1 22 ? 12.626  -11.413 -12.281 1.00 71.57 ? 282  LYS B NZ  1 
ATOM   648  N N   . ASP B 1 23 ? 9.138   -16.187 -10.995 1.00 69.42 ? 283  ASP B N   1 
ATOM   649  C CA  . ASP B 1 23 ? 9.043   -17.631 -10.810 1.00 72.95 ? 283  ASP B CA  1 
ATOM   650  C C   . ASP B 1 23 ? 9.258   -18.011 -9.348  1.00 73.05 ? 283  ASP B C   1 
ATOM   651  O O   . ASP B 1 23 ? 8.489   -18.787 -8.779  1.00 73.67 ? 283  ASP B O   1 
ATOM   652  C CB  . ASP B 1 23 ? 10.078  -18.356 -11.683 1.00 76.71 ? 283  ASP B CB  1 
ATOM   653  C CG  . ASP B 1 23 ? 9.854   -18.131 -13.174 1.00 78.98 ? 283  ASP B CG  1 
ATOM   654  O OD1 . ASP B 1 23 ? 8.731   -18.392 -13.667 1.00 81.42 ? 283  ASP B OD1 1 
ATOM   655  O OD2 . ASP B 1 23 ? 10.807  -17.696 -13.857 1.00 81.94 ? 283  ASP B OD2 1 
ATOM   656  N N   . ASP B 1 24 ? 10.302  -17.456 -8.742  1.00 71.43 ? 284  ASP B N   1 
ATOM   657  C CA  . ASP B 1 24 ? 10.606  -17.750 -7.351  1.00 70.89 ? 284  ASP B CA  1 
ATOM   658  C C   . ASP B 1 24 ? 9.522   -17.217 -6.418  1.00 69.75 ? 284  ASP B C   1 
ATOM   659  O O   . ASP B 1 24 ? 9.626   -17.340 -5.197  1.00 71.34 ? 284  ASP B O   1 
ATOM   660  C CB  . ASP B 1 24 ? 11.966  -17.163 -6.977  1.00 72.98 ? 284  ASP B CB  1 
ATOM   661  C CG  . ASP B 1 24 ? 11.951  -15.654 -6.925  1.00 77.63 ? 284  ASP B CG  1 
ATOM   662  O OD1 . ASP B 1 24 ? 11.225  -15.034 -7.734  1.00 76.28 ? 284  ASP B OD1 1 
ATOM   663  O OD2 . ASP B 1 24 ? 12.680  -15.088 -6.083  1.00 78.46 ? 284  ASP B OD2 1 
ATOM   664  N N   . GLY B 1 25 ? 8.484   -16.622 -7.001  1.00 67.13 ? 285  GLY B N   1 
ATOM   665  C CA  . GLY B 1 25 ? 7.388   -16.098 -6.208  1.00 66.34 ? 285  GLY B CA  1 
ATOM   666  C C   . GLY B 1 25 ? 7.468   -14.628 -5.825  1.00 62.29 ? 285  GLY B C   1 
ATOM   667  O O   . GLY B 1 25 ? 6.484   -14.065 -5.344  1.00 61.39 ? 285  GLY B O   1 
ATOM   668  N N   . THR B 1 26 ? 8.626   -14.004 -6.022  1.00 60.95 ? 286  THR B N   1 
ATOM   669  C CA  . THR B 1 26 ? 8.793   -12.587 -5.688  1.00 59.08 ? 286  THR B CA  1 
ATOM   670  C C   . THR B 1 26 ? 8.053   -11.690 -6.674  1.00 55.94 ? 286  THR B C   1 
ATOM   671  O O   . THR B 1 26 ? 7.585   -12.151 -7.718  1.00 54.02 ? 286  THR B O   1 
ATOM   672  C CB  . THR B 1 26 ? 10.271  -12.164 -5.702  1.00 59.62 ? 286  THR B CB  1 
ATOM   673  O OG1 . THR B 1 26 ? 10.825  -12.412 -6.998  1.00 61.02 ? 286  THR B OG1 1 
ATOM   674  C CG2 . THR B 1 26 ? 11.057  -12.928 -4.647  1.00 63.97 ? 286  THR B CG2 1 
ATOM   675  N N   . LEU B 1 27 ? 7.959   -10.404 -6.334  1.00 52.58 ? 287  LEU B N   1 
ATOM   676  C CA  . LEU B 1 27 ? 7.287   -9.414  -7.172  1.00 45.74 ? 287  LEU B CA  1 
ATOM   677  C C   . LEU B 1 27 ? 8.294   -8.404  -7.711  1.00 41.93 ? 287  LEU B C   1 
ATOM   678  O O   . LEU B 1 27 ? 9.130   -7.899  -6.975  1.00 39.94 ? 287  LEU B O   1 
ATOM   679  C CB  . LEU B 1 27 ? 6.208   -8.674  -6.367  1.00 44.60 ? 287  LEU B CB  1 
ATOM   680  C CG  . LEU B 1 27 ? 5.006   -9.500  -5.906  1.00 48.22 ? 287  LEU B CG  1 
ATOM   681  C CD1 . LEU B 1 27 ? 4.166   -8.690  -4.935  1.00 47.32 ? 287  LEU B CD1 1 
ATOM   682  C CD2 . LEU B 1 27 ? 4.174   -9.923  -7.111  1.00 49.43 ? 287  LEU B CD2 1 
ATOM   683  N N   . GLU B 1 28 ? 8.213   -8.119  -9.006  1.00 41.56 ? 288  GLU B N   1 
ATOM   684  C CA  . GLU B 1 28 ? 9.114   -7.162  -9.639  1.00 37.86 ? 288  GLU B CA  1 
ATOM   685  C C   . GLU B 1 28 ? 8.265   -5.942  -10.003 1.00 32.52 ? 288  GLU B C   1 
ATOM   686  O O   . GLU B 1 28 ? 7.222   -6.080  -10.642 1.00 34.81 ? 288  GLU B O   1 
ATOM   687  C CB  . GLU B 1 28 ? 9.733   -7.777  -10.906 1.00 37.73 ? 288  GLU B CB  1 
ATOM   688  C CG  . GLU B 1 28 ? 10.981  -7.047  -11.422 1.00 41.40 ? 288  GLU B CG  1 
ATOM   689  C CD  . GLU B 1 28 ? 12.100  -6.968  -10.381 1.00 49.90 ? 288  GLU B CD  1 
ATOM   690  O OE1 . GLU B 1 28 ? 12.131  -7.826  -9.466  1.00 46.75 ? 288  GLU B OE1 1 
ATOM   691  O OE2 . GLU B 1 28 ? 12.962  -6.059  -10.481 1.00 47.04 ? 288  GLU B OE2 1 
ATOM   692  N N   . ILE B 1 29 ? 8.721   -4.749  -9.617  1.00 33.08 ? 289  ILE B N   1 
ATOM   693  C CA  . ILE B 1 29 ? 7.951   -3.533  -9.881  1.00 29.42 ? 289  ILE B CA  1 
ATOM   694  C C   . ILE B 1 29 ? 8.593   -2.616  -10.926 1.00 27.74 ? 289  ILE B C   1 
ATOM   695  O O   . ILE B 1 29 ? 9.768   -2.261  -10.804 1.00 31.72 ? 289  ILE B O   1 
ATOM   696  C CB  . ILE B 1 29 ? 7.771   -2.688  -8.570  1.00 34.30 ? 289  ILE B CB  1 
ATOM   697  C CG1 . ILE B 1 29 ? 7.423   -3.589  -7.370  1.00 35.71 ? 289  ILE B CG1 1 
ATOM   698  C CG2 . ILE B 1 29 ? 6.682   -1.646  -8.783  1.00 38.32 ? 289  ILE B CG2 1 
ATOM   699  C CD1 . ILE B 1 29 ? 6.064   -4.245  -7.455  1.00 37.40 ? 289  ILE B CD1 1 
ATOM   700  N N   . TYR B 1 30 ? 7.814   -2.226  -11.942 1.00 29.09 ? 290  TYR B N   1 
ATOM   701  C CA  . TYR B 1 30 ? 8.297   -1.313  -12.989 1.00 30.31 ? 290  TYR B CA  1 
ATOM   702  C C   . TYR B 1 30 ? 7.730   0.083   -12.727 1.00 25.52 ? 290  TYR B C   1 
ATOM   703  O O   . TYR B 1 30 ? 6.526   0.245   -12.579 1.00 27.68 ? 290  TYR B O   1 
ATOM   704  C CB  . TYR B 1 30 ? 7.859   -1.785  -14.383 1.00 26.87 ? 290  TYR B CB  1 
ATOM   705  C CG  . TYR B 1 30 ? 8.515   -3.092  -14.771 1.00 37.23 ? 290  TYR B CG  1 
ATOM   706  C CD1 . TYR B 1 30 ? 8.185   -4.269  -14.107 1.00 36.95 ? 290  TYR B CD1 1 
ATOM   707  C CD2 . TYR B 1 30 ? 9.515   -3.140  -15.750 1.00 36.68 ? 290  TYR B CD2 1 
ATOM   708  C CE1 . TYR B 1 30 ? 8.835   -5.474  -14.398 1.00 43.20 ? 290  TYR B CE1 1 
ATOM   709  C CE2 . TYR B 1 30 ? 10.177  -4.348  -16.049 1.00 42.99 ? 290  TYR B CE2 1 
ATOM   710  C CZ  . TYR B 1 30 ? 9.829   -5.502  -15.364 1.00 41.73 ? 290  TYR B CZ  1 
ATOM   711  O OH  . TYR B 1 30 ? 10.490  -6.694  -15.606 1.00 42.74 ? 290  TYR B OH  1 
ATOM   712  N N   . LEU B 1 31 ? 8.603   1.084   -12.676 1.00 25.05 ? 291  LEU B N   1 
ATOM   713  C CA  . LEU B 1 31 ? 8.159   2.449   -12.398 1.00 26.16 ? 291  LEU B CA  1 
ATOM   714  C C   . LEU B 1 31 ? 8.783   3.546   -13.270 1.00 26.29 ? 291  LEU B C   1 
ATOM   715  O O   . LEU B 1 31 ? 9.679   3.272   -14.080 1.00 25.56 ? 291  LEU B O   1 
ATOM   716  C CB  . LEU B 1 31 ? 8.392   2.747   -10.900 1.00 27.50 ? 291  LEU B CB  1 
ATOM   717  C CG  . LEU B 1 31 ? 9.821   2.605   -10.344 1.00 30.08 ? 291  LEU B CG  1 
ATOM   718  C CD1 . LEU B 1 31 ? 10.657  3.827   -10.737 1.00 30.70 ? 291  LEU B CD1 1 
ATOM   719  C CD2 . LEU B 1 31 ? 9.767   2.472   -8.833  1.00 29.19 ? 291  LEU B CD2 1 
ATOM   720  N N   . THR B 1 32 ? 8.276   4.777   -13.111 1.00 23.67 ? 292  THR B N   1 
ATOM   721  C CA  . THR B 1 32 ? 8.742   5.976   -13.832 1.00 23.91 ? 292  THR B CA  1 
ATOM   722  C C   . THR B 1 32 ? 9.194   7.056   -12.833 1.00 25.62 ? 292  THR B C   1 
ATOM   723  O O   . THR B 1 32 ? 8.467   7.353   -11.878 1.00 23.00 ? 292  THR B O   1 
ATOM   724  C CB  . THR B 1 32 ? 7.601   6.589   -14.679 1.00 28.26 ? 292  THR B CB  1 
ATOM   725  O OG1 . THR B 1 32 ? 7.120   5.616   -15.622 1.00 29.20 ? 292  THR B OG1 1 
ATOM   726  C CG2 . THR B 1 32 ? 8.082   7.819   -15.417 1.00 23.08 ? 292  THR B CG2 1 
ATOM   727  N N   . TRP B 1 33 ? 10.375  7.626   -13.047 1.00 27.55 ? 293  TRP B N   1 
ATOM   728  C CA  . TRP B 1 33 ? 10.891  8.689   -12.162 1.00 24.92 ? 293  TRP B CA  1 
ATOM   729  C C   . TRP B 1 33 ? 10.437  10.064  -12.648 1.00 26.71 ? 293  TRP B C   1 
ATOM   730  O O   . TRP B 1 33 ? 10.086  10.218  -13.817 1.00 25.37 ? 293  TRP B O   1 
ATOM   731  C CB  . TRP B 1 33 ? 12.423  8.645   -12.104 1.00 27.29 ? 293  TRP B CB  1 
ATOM   732  C CG  . TRP B 1 33 ? 12.969  7.340   -11.572 1.00 31.09 ? 293  TRP B CG  1 
ATOM   733  C CD1 . TRP B 1 33 ? 13.241  6.195   -12.292 1.00 30.35 ? 293  TRP B CD1 1 
ATOM   734  C CD2 . TRP B 1 33 ? 13.265  7.030   -10.200 1.00 30.29 ? 293  TRP B CD2 1 
ATOM   735  N NE1 . TRP B 1 33 ? 13.692  5.202   -11.443 1.00 31.70 ? 293  TRP B NE1 1 
ATOM   736  C CE2 . TRP B 1 33 ? 13.715  5.686   -10.159 1.00 34.09 ? 293  TRP B CE2 1 
ATOM   737  C CE3 . TRP B 1 33 ? 13.192  7.761   -8.998  1.00 27.78 ? 293  TRP B CE3 1 
ATOM   738  C CZ2 . TRP B 1 33 ? 14.092  5.053   -8.954  1.00 30.54 ? 293  TRP B CZ2 1 
ATOM   739  C CZ3 . TRP B 1 33 ? 13.568  7.132   -7.801  1.00 25.58 ? 293  TRP B CZ3 1 
ATOM   740  C CH2 . TRP B 1 33 ? 14.012  5.788   -7.792  1.00 33.09 ? 293  TRP B CH2 1 
ATOM   741  N N   . LYS B 1 34 ? 10.435  11.062  -11.752 1.00 25.94 ? 294  LYS B N   1 
ATOM   742  C CA  . LYS B 1 34 ? 10.018  12.412  -12.123 1.00 28.40 ? 294  LYS B CA  1 
ATOM   743  C C   . LYS B 1 34 ? 10.956  13.026  -13.157 1.00 27.38 ? 294  LYS B C   1 
ATOM   744  O O   . LYS B 1 34 ? 10.584  13.989  -13.842 1.00 25.75 ? 294  LYS B O   1 
ATOM   745  C CB  . LYS B 1 34 ? 9.896   13.318  -10.881 1.00 29.61 ? 294  LYS B CB  1 
ATOM   746  C CG  . LYS B 1 34 ? 8.613   13.044  -10.092 1.00 29.96 ? 294  LYS B CG  1 
ATOM   747  C CD  . LYS B 1 34 ? 8.441   13.974  -8.880  1.00 36.40 ? 294  LYS B CD  1 
ATOM   748  C CE  . LYS B 1 34 ? 7.134   13.686  -8.140  1.00 37.33 ? 294  LYS B CE  1 
ATOM   749  N NZ  . LYS B 1 34 ? 7.000   14.499  -6.904  1.00 39.08 ? 294  LYS B NZ  1 
ATOM   750  N N   . ASN B 1 35 ? 12.152  12.458  -13.293 1.00 23.68 ? 295  ASN B N   1 
ATOM   751  C CA  . ASN B 1 35 ? 13.112  12.942  -14.296 1.00 24.75 ? 295  ASN B CA  1 
ATOM   752  C C   . ASN B 1 35 ? 12.939  12.243  -15.671 1.00 29.28 ? 295  ASN B C   1 
ATOM   753  O O   . ASN B 1 35 ? 13.761  12.427  -16.582 1.00 28.97 ? 295  ASN B O   1 
ATOM   754  C CB  . ASN B 1 35 ? 14.558  12.776  -13.800 1.00 24.99 ? 295  ASN B CB  1 
ATOM   755  C CG  . ASN B 1 35 ? 15.060  11.336  -13.869 1.00 35.70 ? 295  ASN B CG  1 
ATOM   756  O OD1 . ASN B 1 35 ? 14.309  10.397  -14.126 1.00 32.69 ? 295  ASN B OD1 1 
ATOM   757  N ND2 . ASN B 1 35 ? 16.349  11.166  -13.625 1.00 42.27 ? 295  ASN B ND2 1 
ATOM   758  N N   . GLY B 1 36 ? 11.883  11.440  -15.810 1.00 29.14 ? 296  GLY B N   1 
ATOM   759  C CA  . GLY B 1 36 ? 11.617  10.748  -17.077 1.00 27.82 ? 296  GLY B CA  1 
ATOM   760  C C   . GLY B 1 36 ? 12.156  9.329   -17.284 1.00 28.62 ? 296  GLY B C   1 
ATOM   761  O O   . GLY B 1 36 ? 11.691  8.584   -18.177 1.00 26.37 ? 296  GLY B O   1 
ATOM   762  N N   . ALA B 1 37 ? 13.142  8.945   -16.477 1.00 27.17 ? 297  ALA B N   1 
ATOM   763  C CA  . ALA B 1 37 ? 13.740  7.615   -16.581 1.00 27.04 ? 297  ALA B CA  1 
ATOM   764  C C   . ALA B 1 37 ? 12.782  6.537   -16.090 1.00 28.96 ? 297  ALA B C   1 
ATOM   765  O O   . ALA B 1 37 ? 11.812  6.833   -15.390 1.00 25.76 ? 297  ALA B O   1 
ATOM   766  C CB  . ALA B 1 37 ? 15.052  7.544   -15.770 1.00 23.05 ? 297  ALA B CB  1 
ATOM   767  N N   . ILE B 1 38 ? 13.047  5.285   -16.473 1.00 25.74 ? 298  ILE B N   1 
ATOM   768  C CA  . ILE B 1 38 ? 12.230  4.148   -16.029 1.00 27.25 ? 298  ILE B CA  1 
ATOM   769  C C   . ILE B 1 38 ? 13.171  3.053   -15.525 1.00 25.95 ? 298  ILE B C   1 
ATOM   770  O O   . ILE B 1 38 ? 14.297  2.943   -16.002 1.00 25.78 ? 298  ILE B O   1 
ATOM   771  C CB  . ILE B 1 38 ? 11.324  3.562   -17.173 1.00 30.38 ? 298  ILE B CB  1 
ATOM   772  C CG1 . ILE B 1 38 ? 12.170  3.154   -18.383 1.00 29.76 ? 298  ILE B CG1 1 
ATOM   773  C CG2 . ILE B 1 38 ? 10.287  4.593   -17.604 1.00 29.39 ? 298  ILE B CG2 1 
ATOM   774  C CD1 . ILE B 1 38 ? 11.381  2.327   -19.402 1.00 38.49 ? 298  ILE B CD1 1 
ATOM   775  N N   . SER B 1 39 ? 12.723  2.257   -14.555 1.00 28.93 ? 299  SER B N   1 
ATOM   776  C CA  . SER B 1 39 ? 13.537  1.166   -13.998 1.00 27.74 ? 299  SER B CA  1 
ATOM   777  C C   . SER B 1 39 ? 12.652  0.177   -13.251 1.00 29.44 ? 299  SER B C   1 
ATOM   778  O O   . SER B 1 39 ? 11.463  0.440   -13.046 1.00 26.03 ? 299  SER B O   1 
ATOM   779  C CB  . SER B 1 39 ? 14.600  1.724   -13.043 1.00 28.78 ? 299  SER B CB  1 
ATOM   780  O OG  . SER B 1 39 ? 13.985  2.366   -11.932 1.00 28.47 ? 299  SER B OG  1 
ATOM   781  N N   . HIS B 1 40 ? 13.214  -0.973  -12.867 1.00 32.97 ? 300  HIS B N   1 
ATOM   782  C CA  . HIS B 1 40 ? 12.442  -1.970  -12.107 1.00 30.36 ? 300  HIS B CA  1 
ATOM   783  C C   . HIS B 1 40 ? 13.212  -2.348  -10.836 1.00 27.42 ? 300  HIS B C   1 
ATOM   784  O O   . HIS B 1 40 ? 14.444  -2.244  -10.788 1.00 30.78 ? 300  HIS B O   1 
ATOM   785  C CB  . HIS B 1 40 ? 12.108  -3.220  -12.960 1.00 33.60 ? 300  HIS B CB  1 
ATOM   786  C CG  . HIS B 1 40 ? 13.310  -3.963  -13.457 1.00 35.59 ? 300  HIS B CG  1 
ATOM   787  N ND1 . HIS B 1 40 ? 13.770  -3.852  -14.750 1.00 36.78 ? 300  HIS B ND1 1 
ATOM   788  C CD2 . HIS B 1 40 ? 14.183  -4.778  -12.816 1.00 40.39 ? 300  HIS B CD2 1 
ATOM   789  C CE1 . HIS B 1 40 ? 14.877  -4.560  -14.885 1.00 34.60 ? 300  HIS B CE1 1 
ATOM   790  N NE2 . HIS B 1 40 ? 15.150  -5.133  -13.725 1.00 43.20 ? 300  HIS B NE2 1 
ATOM   791  N N   . HIS B 1 41 ? 12.476  -2.766  -9.806  1.00 29.52 ? 301  HIS B N   1 
ATOM   792  C CA  . HIS B 1 41 ? 13.056  -3.102  -8.505  1.00 26.75 ? 301  HIS B CA  1 
ATOM   793  C C   . HIS B 1 41 ? 12.181  -4.102  -7.759  1.00 28.44 ? 301  HIS B C   1 
ATOM   794  O O   . HIS B 1 41 ? 10.975  -4.176  -7.989  1.00 29.37 ? 301  HIS B O   1 
ATOM   795  C CB  . HIS B 1 41 ? 13.146  -1.838  -7.619  1.00 34.46 ? 301  HIS B CB  1 
ATOM   796  C CG  . HIS B 1 41 ? 13.767  -0.657  -8.296  1.00 23.61 ? 301  HIS B CG  1 
ATOM   797  N ND1 . HIS B 1 41 ? 15.111  -0.371  -8.212  1.00 29.94 ? 301  HIS B ND1 1 
ATOM   798  C CD2 . HIS B 1 41 ? 13.233  0.279   -9.120  1.00 27.48 ? 301  HIS B CD2 1 
ATOM   799  C CE1 . HIS B 1 41 ? 15.383  0.687   -8.959  1.00 30.27 ? 301  HIS B CE1 1 
ATOM   800  N NE2 . HIS B 1 41 ? 14.262  1.097   -9.519  1.00 29.79 ? 301  HIS B NE2 1 
ATOM   801  N N   . PRO B 1 42 ? 12.772  -4.872  -6.828  1.00 30.29 ? 302  PRO B N   1 
ATOM   802  C CA  . PRO B 1 42 ? 11.986  -5.845  -6.063  1.00 31.18 ? 302  PRO B CA  1 
ATOM   803  C C   . PRO B 1 42 ? 10.967  -5.083  -5.199  1.00 35.38 ? 302  PRO B C   1 
ATOM   804  O O   . PRO B 1 42 ? 11.239  -3.965  -4.769  1.00 35.31 ? 302  PRO B O   1 
ATOM   805  C CB  . PRO B 1 42 ? 13.031  -6.533  -5.187  1.00 33.55 ? 302  PRO B CB  1 
ATOM   806  C CG  . PRO B 1 42 ? 14.308  -6.351  -5.913  1.00 35.65 ? 302  PRO B CG  1 
ATOM   807  C CD  . PRO B 1 42 ? 14.203  -4.954  -6.480  1.00 37.18 ? 302  PRO B CD  1 
ATOM   808  N N   . SER B 1 43 ? 9.816   -5.691  -4.934  1.00 36.47 ? 303  SER B N   1 
ATOM   809  C CA  . SER B 1 43 ? 8.779   -5.061  -4.126  1.00 38.05 ? 303  SER B CA  1 
ATOM   810  C C   . SER B 1 43 ? 9.245   -4.790  -2.691  1.00 41.31 ? 303  SER B C   1 
ATOM   811  O O   . SER B 1 43 ? 8.699   -3.917  -2.006  1.00 39.37 ? 303  SER B O   1 
ATOM   812  C CB  . SER B 1 43 ? 7.532   -5.939  -4.082  1.00 42.00 ? 303  SER B CB  1 
ATOM   813  O OG  . SER B 1 43 ? 7.792   -7.119  -3.346  1.00 42.20 ? 303  SER B OG  1 
ATOM   814  N N   . THR B 1 44 ? 10.243  -5.534  -2.229  1.00 35.45 ? 304  THR B N   1 
ATOM   815  C CA  . THR B 1 44 ? 10.754  -5.343  -0.875  1.00 38.33 ? 304  THR B CA  1 
ATOM   816  C C   . THR B 1 44 ? 11.450  -3.994  -0.744  1.00 42.46 ? 304  THR B C   1 
ATOM   817  O O   . THR B 1 44 ? 11.599  -3.454  0.364   1.00 37.77 ? 304  THR B O   1 
ATOM   818  C CB  . THR B 1 44 ? 11.740  -6.464  -0.489  1.00 42.45 ? 304  THR B CB  1 
ATOM   819  O OG1 . THR B 1 44 ? 12.775  -6.554  -1.478  1.00 44.89 ? 304  THR B OG1 1 
ATOM   820  C CG2 . THR B 1 44 ? 11.018  -7.793  -0.408  1.00 39.06 ? 304  THR B CG2 1 
ATOM   821  N N   . ILE B 1 45 ? 11.865  -3.446  -1.885  1.00 34.24 ? 305  ILE B N   1 
ATOM   822  C CA  . ILE B 1 45 ? 12.539  -2.153  -1.921  1.00 35.25 ? 305  ILE B CA  1 
ATOM   823  C C   . ILE B 1 45 ? 11.535  -1.003  -2.048  1.00 30.12 ? 305  ILE B C   1 
ATOM   824  O O   . ILE B 1 45 ? 11.626  -0.031  -1.312  1.00 33.94 ? 305  ILE B O   1 
ATOM   825  C CB  . ILE B 1 45 ? 13.529  -2.071  -3.115  1.00 36.96 ? 305  ILE B CB  1 
ATOM   826  C CG1 . ILE B 1 45 ? 14.626  -3.128  -2.946  1.00 44.73 ? 305  ILE B CG1 1 
ATOM   827  C CG2 . ILE B 1 45 ? 14.160  -0.682  -3.186  1.00 35.86 ? 305  ILE B CG2 1 
ATOM   828  C CD1 . ILE B 1 45 ? 15.475  -2.935  -1.710  1.00 46.10 ? 305  ILE B CD1 1 
ATOM   829  N N   . THR B 1 46 ? 10.590  -1.125  -2.984  1.00 31.49 ? 306  THR B N   1 
ATOM   830  C CA  . THR B 1 46 ? 9.576   -0.097  -3.219  1.00 30.61 ? 306  THR B CA  1 
ATOM   831  C C   . THR B 1 46 ? 8.576   0.027   -2.051  1.00 33.60 ? 306  THR B C   1 
ATOM   832  O O   . THR B 1 46 ? 8.074   1.124   -1.774  1.00 33.23 ? 306  THR B O   1 
ATOM   833  C CB  . THR B 1 46 ? 8.797   -0.375  -4.505  1.00 27.53 ? 306  THR B CB  1 
ATOM   834  O OG1 . THR B 1 46 ? 8.223   -1.680  -4.433  1.00 31.17 ? 306  THR B OG1 1 
ATOM   835  C CG2 . THR B 1 46 ? 9.724   -0.308  -5.736  1.00 31.67 ? 306  THR B CG2 1 
ATOM   836  N N   . ASN B 1 47 ? 8.294   -1.083  -1.363  1.00 30.95 ? 307  ASN B N   1 
ATOM   837  C CA  . ASN B 1 47 ? 7.365   -1.044  -0.219  1.00 30.04 ? 307  ASN B CA  1 
ATOM   838  C C   . ASN B 1 47 ? 7.883   -0.125  0.895   1.00 32.05 ? 307  ASN B C   1 
ATOM   839  O O   . ASN B 1 47 ? 7.096   0.532   1.587   1.00 30.91 ? 307  ASN B O   1 
ATOM   840  C CB  . ASN B 1 47 ? 7.133   -2.442  0.368   1.00 31.67 ? 307  ASN B CB  1 
ATOM   841  C CG  . ASN B 1 47 ? 6.117   -3.256  -0.413  1.00 33.30 ? 307  ASN B CG  1 
ATOM   842  O OD1 . ASN B 1 47 ? 5.414   -2.742  -1.291  1.00 32.27 ? 307  ASN B OD1 1 
ATOM   843  N ND2 . ASN B 1 47 ? 6.019   -4.540  -0.083  1.00 30.71 ? 307  ASN B ND2 1 
ATOM   844  N N   . LYS B 1 48 ? 9.190   -0.075  1.100   1.00 28.21 ? 308  LYS B N   1 
ATOM   845  C CA  . LYS B 1 48 ? 9.686   0.795   2.153   1.00 37.63 ? 308  LYS B CA  1 
ATOM   846  C C   . LYS B 1 48 ? 10.175  2.164   1.674   1.00 36.98 ? 308  LYS B C   1 
ATOM   847  O O   . LYS B 1 48 ? 10.168  3.118   2.447   1.00 31.56 ? 308  LYS B O   1 
ATOM   848  C CB  . LYS B 1 48 ? 10.766  0.094   2.962   1.00 45.00 ? 308  LYS B CB  1 
ATOM   849  C CG  . LYS B 1 48 ? 12.151  0.206   2.416   1.00 52.58 ? 308  LYS B CG  1 
ATOM   850  C CD  . LYS B 1 48 ? 13.148  -0.150  3.510   1.00 62.45 ? 308  LYS B CD  1 
ATOM   851  C CE  . LYS B 1 48 ? 12.962  0.736   4.740   1.00 67.60 ? 308  LYS B CE  1 
ATOM   852  N NZ  . LYS B 1 48 ? 13.908  0.393   5.840   1.00 71.52 ? 308  LYS B NZ  1 
ATOM   853  N N   . LYS B 1 49 ? 10.594  2.265   0.410   1.00 35.99 ? 309  LYS B N   1 
ATOM   854  C CA  . LYS B 1 49 ? 11.060  3.541   -0.160  1.00 34.23 ? 309  LYS B CA  1 
ATOM   855  C C   . LYS B 1 49 ? 9.934   4.501   -0.598  1.00 28.67 ? 309  LYS B C   1 
ATOM   856  O O   . LYS B 1 49 ? 10.071  5.737   -0.499  1.00 29.99 ? 309  LYS B O   1 
ATOM   857  C CB  . LYS B 1 49 ? 11.949  3.275   -1.380  1.00 39.76 ? 309  LYS B CB  1 
ATOM   858  C CG  . LYS B 1 49 ? 13.287  2.610   -1.082  1.00 40.22 ? 309  LYS B CG  1 
ATOM   859  C CD  . LYS B 1 49 ? 14.278  3.617   -0.558  1.00 45.04 ? 309  LYS B CD  1 
ATOM   860  C CE  . LYS B 1 49 ? 15.678  3.040   -0.444  1.00 44.85 ? 309  LYS B CE  1 
ATOM   861  N NZ  . LYS B 1 49 ? 16.608  4.115   0.013   1.00 50.78 ? 309  LYS B NZ  1 
ATOM   862  N N   . CYS B 1 50 ? 8.848   3.940   -1.120  1.00 27.40 ? 310  CYS B N   1 
ATOM   863  C CA  . CYS B 1 50 ? 7.711   4.736   -1.585  1.00 29.14 ? 310  CYS B CA  1 
ATOM   864  C C   . CYS B 1 50 ? 6.359   4.026   -1.386  1.00 27.01 ? 310  CYS B C   1 
ATOM   865  O O   . CYS B 1 50 ? 5.606   3.778   -2.333  1.00 28.39 ? 310  CYS B O   1 
ATOM   866  C CB  . CYS B 1 50 ? 7.909   5.157   -3.055  1.00 32.14 ? 310  CYS B CB  1 
ATOM   867  S SG  . CYS B 1 50 ? 8.371   3.839   -4.276  1.00 30.79 ? 310  CYS B SG  1 
ATOM   868  N N   . PRO B 1 51 ? 6.015   3.720   -0.123  1.00 27.50 ? 311  PRO B N   1 
ATOM   869  C CA  . PRO B 1 51 ? 4.750   3.037   0.180   1.00 24.61 ? 311  PRO B CA  1 
ATOM   870  C C   . PRO B 1 51 ? 3.463   3.691   -0.319  1.00 29.89 ? 311  PRO B C   1 
ATOM   871  O O   . PRO B 1 51 ? 2.543   2.992   -0.745  1.00 24.11 ? 311  PRO B O   1 
ATOM   872  C CB  . PRO B 1 51 ? 4.783   2.882   1.711   1.00 30.22 ? 311  PRO B CB  1 
ATOM   873  C CG  . PRO B 1 51 ? 5.755   3.929   2.185   1.00 33.76 ? 311  PRO B CG  1 
ATOM   874  C CD  . PRO B 1 51 ? 6.816   3.922   1.099   1.00 27.18 ? 311  PRO B CD  1 
ATOM   875  N N   . GLN B 1 52 ? 3.382   5.022   -0.271  1.00 25.59 ? 312  GLN B N   1 
ATOM   876  C CA  . GLN B 1 52 ? 2.176   5.685   -0.719  1.00 27.67 ? 312  GLN B CA  1 
ATOM   877  C C   . GLN B 1 52 ? 2.008   5.571   -2.237  1.00 25.72 ? 312  GLN B C   1 
ATOM   878  O O   . GLN B 1 52 ? 0.884   5.470   -2.744  1.00 29.40 ? 312  GLN B O   1 
ATOM   879  C CB  . GLN B 1 52 ? 2.178   7.156   -0.251  1.00 31.42 ? 312  GLN B CB  1 
ATOM   880  C CG  . GLN B 1 52 ? 2.155   7.328   1.265   1.00 31.32 ? 312  GLN B CG  1 
ATOM   881  C CD  . GLN B 1 52 ? 1.015   6.576   1.934   1.00 25.38 ? 312  GLN B CD  1 
ATOM   882  O OE1 . GLN B 1 52 ? -0.107  6.537   1.427   1.00 35.28 ? 312  GLN B OE1 1 
ATOM   883  N NE2 . GLN B 1 52 ? 1.296   5.988   3.084   1.00 27.53 ? 312  GLN B NE2 1 
ATOM   884  N N   . LYS B 1 53 ? 3.100   5.602   -2.983  1.00 27.25 ? 313  LYS B N   1 
ATOM   885  C CA  . LYS B 1 53 ? 2.970   5.430   -4.448  1.00 26.85 ? 313  LYS B CA  1 
ATOM   886  C C   . LYS B 1 53 ? 2.477   3.976   -4.740  1.00 29.57 ? 313  LYS B C   1 
ATOM   887  O O   . LYS B 1 53 ? 1.672   3.749   -5.660  1.00 26.38 ? 313  LYS B O   1 
ATOM   888  C CB  . LYS B 1 53 ? 4.320   5.656   -5.137  1.00 23.22 ? 313  LYS B CB  1 
ATOM   889  C CG  . LYS B 1 53 ? 4.872   7.080   -5.033  1.00 24.78 ? 313  LYS B CG  1 
ATOM   890  C CD  . LYS B 1 53 ? 4.105   8.025   -5.917  1.00 27.21 ? 313  LYS B CD  1 
ATOM   891  C CE  . LYS B 1 53 ? 4.614   9.456   -5.749  1.00 36.46 ? 313  LYS B CE  1 
ATOM   892  N NZ  . LYS B 1 53 ? 3.894   10.334  -6.708  1.00 41.23 ? 313  LYS B NZ  1 
ATOM   893  N N   . MET B 1 54 ? 2.969   3.003   -3.972  1.00 29.40 ? 314  MET B N   1 
ATOM   894  C CA  . MET B 1 54 ? 2.549   1.601   -4.154  1.00 30.22 ? 314  MET B CA  1 
ATOM   895  C C   . MET B 1 54 ? 1.044   1.468   -3.876  1.00 35.42 ? 314  MET B C   1 
ATOM   896  O O   . MET B 1 54 ? 0.308   0.844   -4.652  1.00 28.30 ? 314  MET B O   1 
ATOM   897  C CB  . MET B 1 54 ? 3.315   0.668   -3.209  1.00 25.99 ? 314  MET B CB  1 
ATOM   898  C CG  . MET B 1 54 ? 4.787   0.419   -3.542  1.00 28.50 ? 314  MET B CG  1 
ATOM   899  S SD  . MET B 1 54 ? 5.062   -0.212  -5.248  1.00 31.18 ? 314  MET B SD  1 
ATOM   900  C CE  . MET B 1 54 ? 4.373   -1.847  -5.079  1.00 31.57 ? 314  MET B CE  1 
ATOM   901  N N   . LEU B 1 55 ? 0.581   2.050   -2.764  1.00 28.07 ? 315  LEU B N   1 
ATOM   902  C CA  . LEU B 1 55 ? -0.842  1.979   -2.415  1.00 29.04 ? 315  LEU B CA  1 
ATOM   903  C C   . LEU B 1 55 ? -1.750  2.625   -3.466  1.00 29.44 ? 315  LEU B C   1 
ATOM   904  O O   . LEU B 1 55 ? -2.868  2.162   -3.702  1.00 30.34 ? 315  LEU B O   1 
ATOM   905  C CB  . LEU B 1 55 ? -1.075  2.602   -1.025  1.00 32.64 ? 315  LEU B CB  1 
ATOM   906  C CG  . LEU B 1 55 ? -0.486  1.758   0.130   1.00 32.23 ? 315  LEU B CG  1 
ATOM   907  C CD1 . LEU B 1 55 ? -0.479  2.561   1.454   1.00 35.72 ? 315  LEU B CD1 1 
ATOM   908  C CD2 . LEU B 1 55 ? -1.304  0.475   0.295   1.00 29.40 ? 315  LEU B CD2 1 
ATOM   909  N N   . GLN B 1 56 ? -1.293  3.700   -4.095  1.00 31.35 ? 316  GLN B N   1 
ATOM   910  C CA  . GLN B 1 56 ? -2.091  4.334   -5.159  1.00 34.41 ? 316  GLN B CA  1 
ATOM   911  C C   . GLN B 1 56 ? -2.293  3.375   -6.361  1.00 35.30 ? 316  GLN B C   1 
ATOM   912  O O   . GLN B 1 56 ? -3.366  3.348   -6.982  1.00 35.31 ? 316  GLN B O   1 
ATOM   913  C CB  . GLN B 1 56 ? -1.399  5.612   -5.652  1.00 37.95 ? 316  GLN B CB  1 
ATOM   914  C CG  . GLN B 1 56 ? -1.418  6.738   -4.645  1.00 46.43 ? 316  GLN B CG  1 
ATOM   915  C CD  . GLN B 1 56 ? -2.836  7.108   -4.259  1.00 53.30 ? 316  GLN B CD  1 
ATOM   916  O OE1 . GLN B 1 56 ? -3.627  7.509   -5.111  1.00 58.01 ? 316  GLN B OE1 1 
ATOM   917  N NE2 . GLN B 1 56 ? -3.170  6.971   -2.971  1.00 56.75 ? 316  GLN B NE2 1 
ATOM   918  N N   . PHE B 1 57 ? -1.256  2.612   -6.689  1.00 32.61 ? 317  PHE B N   1 
ATOM   919  C CA  . PHE B 1 57 ? -1.317  1.652   -7.803  1.00 32.07 ? 317  PHE B CA  1 
ATOM   920  C C   . PHE B 1 57 ? -2.320  0.539   -7.492  1.00 27.98 ? 317  PHE B C   1 
ATOM   921  O O   . PHE B 1 57 ? -3.195  0.231   -8.309  1.00 34.57 ? 317  PHE B O   1 
ATOM   922  C CB  . PHE B 1 57 ? 0.075   1.049   -8.064  1.00 31.51 ? 317  PHE B CB  1 
ATOM   923  C CG  . PHE B 1 57 ? 0.081   -0.066  -9.100  1.00 35.18 ? 317  PHE B CG  1 
ATOM   924  C CD1 . PHE B 1 57 ? 0.076   0.228   -10.463 1.00 34.45 ? 317  PHE B CD1 1 
ATOM   925  C CD2 . PHE B 1 57 ? 0.074   -1.403  -8.702  1.00 37.95 ? 317  PHE B CD2 1 
ATOM   926  C CE1 . PHE B 1 57 ? 0.068   -0.798  -11.425 1.00 39.50 ? 317  PHE B CE1 1 
ATOM   927  C CE2 . PHE B 1 57 ? 0.064   -2.444  -9.653  1.00 40.68 ? 317  PHE B CE2 1 
ATOM   928  C CZ  . PHE B 1 57 ? 0.062   -2.133  -11.011 1.00 32.35 ? 317  PHE B CZ  1 
ATOM   929  N N   . TYR B 1 58 ? -2.196  -0.066  -6.313  1.00 31.96 ? 318  TYR B N   1 
ATOM   930  C CA  . TYR B 1 58 ? -3.113  -1.127  -5.908  1.00 32.24 ? 318  TYR B CA  1 
ATOM   931  C C   . TYR B 1 58 ? -4.565  -0.657  -5.913  1.00 37.60 ? 318  TYR B C   1 
ATOM   932  O O   . TYR B 1 58 ? -5.448  -1.390  -6.382  1.00 37.78 ? 318  TYR B O   1 
ATOM   933  C CB  . TYR B 1 58 ? -2.715  -1.668  -4.526  1.00 31.29 ? 318  TYR B CB  1 
ATOM   934  C CG  . TYR B 1 58 ? -1.476  -2.542  -4.551  1.00 32.18 ? 318  TYR B CG  1 
ATOM   935  C CD1 . TYR B 1 58 ? -1.335  -3.569  -5.487  1.00 39.58 ? 318  TYR B CD1 1 
ATOM   936  C CD2 . TYR B 1 58 ? -0.435  -2.335  -3.645  1.00 29.51 ? 318  TYR B CD2 1 
ATOM   937  C CE1 . TYR B 1 58 ? -0.182  -4.365  -5.522  1.00 34.73 ? 318  TYR B CE1 1 
ATOM   938  C CE2 . TYR B 1 58 ? 0.719   -3.121  -3.667  1.00 36.29 ? 318  TYR B CE2 1 
ATOM   939  C CZ  . TYR B 1 58 ? 0.838   -4.138  -4.618  1.00 42.41 ? 318  TYR B CZ  1 
ATOM   940  O OH  . TYR B 1 58 ? 1.987   -4.908  -4.679  1.00 40.59 ? 318  TYR B OH  1 
ATOM   941  N N   . GLU B 1 59 ? -4.834  0.560   -5.427  1.00 34.80 ? 319  GLU B N   1 
ATOM   942  C CA  . GLU B 1 59 ? -6.223  1.057   -5.414  1.00 38.08 ? 319  GLU B CA  1 
ATOM   943  C C   . GLU B 1 59 ? -6.795  1.251   -6.822  1.00 39.75 ? 319  GLU B C   1 
ATOM   944  O O   . GLU B 1 59 ? -7.986  1.058   -7.035  1.00 38.74 ? 319  GLU B O   1 
ATOM   945  C CB  . GLU B 1 59 ? -6.353  2.384   -4.634  1.00 37.43 ? 319  GLU B CB  1 
ATOM   946  C CG  . GLU B 1 59 ? -6.193  2.239   -3.123  1.00 39.54 ? 319  GLU B CG  1 
ATOM   947  C CD  . GLU B 1 59 ? -6.620  3.477   -2.326  1.00 44.48 ? 319  GLU B CD  1 
ATOM   948  O OE1 . GLU B 1 59 ? -6.784  4.565   -2.917  1.00 41.73 ? 319  GLU B OE1 1 
ATOM   949  O OE2 . GLU B 1 59 ? -6.776  3.359   -1.092  1.00 41.65 ? 319  GLU B OE2 1 
ATOM   950  N N   . SER B 1 60 ? -5.954  1.645   -7.772  1.00 41.52 ? 320  SER B N   1 
ATOM   951  C CA  . SER B 1 60 ? -6.413  1.845   -9.144  1.00 50.56 ? 320  SER B CA  1 
ATOM   952  C C   . SER B 1 60 ? -6.529  0.494   -9.851  1.00 52.87 ? 320  SER B C   1 
ATOM   953  O O   . SER B 1 60 ? -7.193  0.364   -10.882 1.00 54.15 ? 320  SER B O   1 
ATOM   954  C CB  . SER B 1 60 ? -5.425  2.724   -9.900  1.00 49.84 ? 320  SER B CB  1 
ATOM   955  O OG  . SER B 1 60 ? -4.174  2.067   -10.009 1.00 59.08 ? 320  SER B OG  1 
ATOM   956  N N   . HIS B 1 61 ? -5.864  -0.505  -9.285  1.00 57.00 ? 321  HIS B N   1 
ATOM   957  C CA  . HIS B 1 61 ? -5.860  -1.855  -9.832  1.00 65.63 ? 321  HIS B CA  1 
ATOM   958  C C   . HIS B 1 61 ? -6.871  -2.732  -9.106  1.00 67.74 ? 321  HIS B C   1 
ATOM   959  O O   . HIS B 1 61 ? -6.704  -3.948  -9.023  1.00 67.58 ? 321  HIS B O   1 
ATOM   960  C CB  . HIS B 1 61 ? -4.468  -2.463  -9.680  1.00 67.65 ? 321  HIS B CB  1 
ATOM   961  C CG  . HIS B 1 61 ? -3.878  -2.937  -10.967 1.00 73.16 ? 321  HIS B CG  1 
ATOM   962  N ND1 . HIS B 1 61 ? -3.728  -2.113  -12.062 1.00 76.95 ? 321  HIS B ND1 1 
ATOM   963  C CD2 . HIS B 1 61 ? -3.407  -4.151  -11.341 1.00 76.83 ? 321  HIS B CD2 1 
ATOM   964  C CE1 . HIS B 1 61 ? -3.192  -2.800  -13.056 1.00 77.93 ? 321  HIS B CE1 1 
ATOM   965  N NE2 . HIS B 1 61 ? -2.988  -4.040  -12.644 1.00 77.74 ? 321  HIS B NE2 1 
ATOM   966  N N   . LEU B 1 62 ? -7.923  -2.108  -8.592  1.00 70.14 ? 322  LEU B N   1 
ATOM   967  C CA  . LEU B 1 62 ? -8.950  -2.824  -7.848  1.00 71.84 ? 322  LEU B CA  1 
ATOM   968  C C   . LEU B 1 62 ? -10.197 -3.094  -8.681  1.00 74.58 ? 322  LEU B C   1 
ATOM   969  O O   . LEU B 1 62 ? -10.895 -2.174  -9.110  1.00 72.49 ? 322  LEU B O   1 
ATOM   970  C CB  . LEU B 1 62 ? -9.329  -2.022  -6.599  1.00 72.53 ? 322  LEU B CB  1 
ATOM   971  C CG  . LEU B 1 62 ? -10.054 -2.749  -5.470  1.00 71.42 ? 322  LEU B CG  1 
ATOM   972  C CD1 . LEU B 1 62 ? -9.157  -3.844  -4.926  1.00 70.81 ? 322  LEU B CD1 1 
ATOM   973  C CD2 . LEU B 1 62 ? -10.415 -1.767  -4.374  1.00 71.57 ? 322  LEU B CD2 1 
ATOM   974  N N   . THR B 1 63 ? -10.461 -4.374  -8.907  1.00 78.46 ? 323  THR B N   1 
ATOM   975  C CA  . THR B 1 63 ? -11.626 -4.803  -9.669  1.00 83.24 ? 323  THR B CA  1 
ATOM   976  C C   . THR B 1 63 ? -12.445 -5.734  -8.781  1.00 85.64 ? 323  THR B C   1 
ATOM   977  O O   . THR B 1 63 ? -13.430 -6.327  -9.223  1.00 86.90 ? 323  THR B O   1 
ATOM   978  C CB  . THR B 1 63 ? -11.214 -5.569  -10.948 1.00 82.45 ? 323  THR B CB  1 
ATOM   979  O OG1 . THR B 1 63 ? -10.371 -6.673  -10.593 1.00 81.30 ? 323  THR B OG1 1 
ATOM   980  C CG2 . THR B 1 63 ? -10.470 -4.649  -11.913 1.00 82.07 ? 323  THR B CG2 1 
ATOM   981  N N   . PHE B 1 64 ? -12.020 -5.851  -7.525  1.00 86.80 ? 324  PHE B N   1 
ATOM   982  C CA  . PHE B 1 64 ? -12.681 -6.708  -6.545  1.00 87.73 ? 324  PHE B CA  1 
ATOM   983  C C   . PHE B 1 64 ? -12.714 -8.164  -7.000  1.00 88.46 ? 324  PHE B C   1 
ATOM   984  O O   . PHE B 1 64 ? -13.544 -8.954  -6.539  1.00 87.99 ? 324  PHE B O   1 
ATOM   985  C CB  . PHE B 1 64 ? -14.114 -6.226  -6.275  1.00 87.94 ? 324  PHE B CB  1 
ATOM   986  C CG  . PHE B 1 64 ? -14.188 -4.893  -5.585  1.00 86.65 ? 324  PHE B CG  1 
ATOM   987  C CD1 . PHE B 1 64 ? -13.921 -3.717  -6.279  1.00 85.88 ? 324  PHE B CD1 1 
ATOM   988  C CD2 . PHE B 1 64 ? -14.506 -4.819  -4.233  1.00 84.34 ? 324  PHE B CD2 1 
ATOM   989  C CE1 . PHE B 1 64 ? -13.965 -2.488  -5.638  1.00 86.54 ? 324  PHE B CE1 1 
ATOM   990  C CE2 . PHE B 1 64 ? -14.551 -3.595  -3.579  1.00 84.94 ? 324  PHE B CE2 1 
ATOM   991  C CZ  . PHE B 1 64 ? -14.281 -2.425  -4.283  1.00 86.20 ? 324  PHE B CZ  1 
HETATM 992  C C2  . 1PG C 2 .  ? -12.203 3.783   16.679  1.00 46.50 ? 438  1PG A C2  1 
HETATM 993  C C1  . 1PG C 2 .  ? -12.343 6.034   17.419  1.00 44.08 ? 438  1PG A C1  1 
HETATM 994  O O1  . 1PG C 2 .  ? -11.503 4.905   17.198  1.00 52.01 ? 438  1PG A O1  1 
HETATM 995  O O2  . 1PG C 2 .  ? -12.565 1.697   17.749  1.00 53.77 ? 438  1PG A O2  1 
HETATM 996  C C3  . 1PG C 2 .  ? -11.576 2.537   17.179  1.00 45.66 ? 438  1PG A C3  1 
HETATM 997  C C4  . 1PG C 2 .  ? -11.995 0.514   18.253  1.00 47.17 ? 438  1PG A C4  1 
HETATM 998  C C5  . 1PG C 2 .  ? -12.896 -0.176  19.211  1.00 57.53 ? 438  1PG A C5  1 
HETATM 999  O O3  . 1PG C 2 .  ? -12.140 -0.616  20.339  1.00 60.02 ? 438  1PG A O3  1 
HETATM 1000 C C6  . 1PG C 2 .  ? -12.886 -1.368  21.298  1.00 65.82 ? 438  1PG A C6  1 
HETATM 1001 C C7  . 1PG C 2 .  ? -11.963 -1.786  22.385  1.00 63.98 ? 438  1PG A C7  1 
HETATM 1002 O O4  . 1PG C 2 .  ? -12.610 -2.635  23.314  1.00 53.36 ? 438  1PG A O4  1 
HETATM 1003 C C8  . 1PG C 2 .  ? -12.121 -3.970  23.183  1.00 59.32 ? 438  1PG A C8  1 
HETATM 1004 C C9  . 1PG C 2 .  ? -12.779 -4.880  24.126  1.00 58.77 ? 438  1PG A C9  1 
HETATM 1005 O O5  . 1PG C 2 .  ? -12.285 -6.196  23.937  1.00 66.04 ? 438  1PG A O5  1 
HETATM 1006 C C10 . 1PG C 2 .  ? -12.893 -7.152  24.799  1.00 69.20 ? 438  1PG A C10 1 
HETATM 1007 C C11 . 1PG C 2 .  ? -13.965 -7.891  24.078  1.00 71.53 ? 438  1PG A C11 1 
HETATM 1008 O O6  . 1PG C 2 .  ? -13.600 -8.077  22.714  1.00 72.12 ? 438  1PG A O6  1 
HETATM 1009 O O   . HOH D 3 .  ? 7.759   12.700  14.237  1.00 61.93 ? 2001 HOH A O   1 
HETATM 1010 O O   . HOH D 3 .  ? 7.033   16.346  18.984  1.00 65.90 ? 2002 HOH A O   1 
HETATM 1011 O O   . HOH D 3 .  ? 6.471   7.035   8.036   1.00 54.78 ? 2003 HOH A O   1 
HETATM 1012 O O   . HOH D 3 .  ? 0.745   9.639   15.495  1.00 39.25 ? 2004 HOH A O   1 
HETATM 1013 O O   . HOH D 3 .  ? 2.515   12.582  14.209  1.00 62.94 ? 2005 HOH A O   1 
HETATM 1014 O O   . HOH D 3 .  ? -4.681  12.437  12.933  1.00 26.31 ? 2006 HOH A O   1 
HETATM 1015 O O   . HOH D 3 .  ? 5.173   2.040   8.521   1.00 34.24 ? 2007 HOH A O   1 
HETATM 1016 O O   . HOH D 3 .  ? 8.332   3.912   10.741  1.00 66.03 ? 2008 HOH A O   1 
HETATM 1017 O O   . HOH D 3 .  ? 6.765   1.346   12.343  1.00 59.24 ? 2009 HOH A O   1 
HETATM 1018 O O   . HOH D 3 .  ? 0.706   3.454   18.699  1.00 43.13 ? 2010 HOH A O   1 
HETATM 1019 O O   . HOH D 3 .  ? -2.419  8.067   16.724  1.00 42.79 ? 2011 HOH A O   1 
HETATM 1020 O O   . HOH D 3 .  ? 2.228   -5.481  13.986  1.00 46.88 ? 2012 HOH A O   1 
HETATM 1021 O O   . HOH D 3 .  ? 3.242   -3.378  9.989   1.00 33.99 ? 2013 HOH A O   1 
HETATM 1022 O O   . HOH D 3 .  ? 2.790   1.442   15.182  1.00 42.54 ? 2014 HOH A O   1 
HETATM 1023 O O   . HOH D 3 .  ? 2.353   -3.997  20.134  1.00 54.67 ? 2015 HOH A O   1 
HETATM 1024 O O   . HOH D 3 .  ? -5.422  -2.942  19.690  1.00 37.67 ? 2016 HOH A O   1 
HETATM 1025 O O   . HOH D 3 .  ? -5.829  -10.867 17.293  1.00 62.67 ? 2017 HOH A O   1 
HETATM 1026 O O   . HOH D 3 .  ? -6.822  -10.812 13.104  1.00 53.00 ? 2018 HOH A O   1 
HETATM 1027 O O   . HOH D 3 .  ? -3.881  -8.768  7.486   1.00 46.20 ? 2019 HOH A O   1 
HETATM 1028 O O   . HOH D 3 .  ? -7.877  -11.114 7.222   1.00 58.78 ? 2020 HOH A O   1 
HETATM 1029 O O   . HOH D 3 .  ? -11.220 -9.763  1.388   1.00 73.28 ? 2021 HOH A O   1 
HETATM 1030 O O   . HOH D 3 .  ? -13.673 -7.671  9.782   1.00 50.84 ? 2022 HOH A O   1 
HETATM 1031 O O   . HOH D 3 .  ? -14.881 -8.161  7.212   1.00 57.16 ? 2023 HOH A O   1 
HETATM 1032 O O   . HOH D 3 .  ? -12.180 -7.675  0.074   1.00 57.08 ? 2024 HOH A O   1 
HETATM 1033 O O   . HOH D 3 .  ? -24.983 2.308   -1.622  1.00 76.30 ? 2025 HOH A O   1 
HETATM 1034 O O   . HOH D 3 .  ? -14.603 5.604   2.686   1.00 59.22 ? 2026 HOH A O   1 
HETATM 1035 O O   . HOH D 3 .  ? -11.830 -10.523 13.546  1.00 56.76 ? 2027 HOH A O   1 
HETATM 1036 O O   . HOH D 3 .  ? -0.899  11.632  15.709  1.00 50.11 ? 2028 HOH A O   1 
HETATM 1037 O O   . HOH D 3 .  ? 6.781   0.165   9.486   1.00 40.39 ? 2029 HOH A O   1 
HETATM 1038 O O   . HOH D 3 .  ? 3.941   -4.585  12.183  1.00 66.46 ? 2030 HOH A O   1 
HETATM 1039 O O   . HOH D 3 .  ? -11.540 -11.143 16.955  1.00 65.43 ? 2031 HOH A O   1 
HETATM 1040 O O   . HOH D 3 .  ? -24.592 0.204   0.139   1.00 82.50 ? 2032 HOH A O   1 
HETATM 1041 O O   . HOH D 3 .  ? -14.167 -4.740  10.438  1.00 62.19 ? 2033 HOH A O   1 
HETATM 1042 O O   . HOH D 3 .  ? -14.934 4.900   10.956  1.00 55.28 ? 2034 HOH A O   1 
HETATM 1043 O O   . HOH D 3 .  ? -16.773 -3.520  11.163  1.00 49.79 ? 2035 HOH A O   1 
HETATM 1044 O O   . HOH D 3 .  ? -11.095 6.735   11.259  1.00 41.14 ? 2036 HOH A O   1 
HETATM 1045 O O   . HOH D 3 .  ? -11.563 8.332   1.650   1.00 45.04 ? 2037 HOH A O   1 
HETATM 1046 O O   . HOH D 3 .  ? -13.126 10.550  1.709   1.00 76.43 ? 2038 HOH A O   1 
HETATM 1047 O O   . HOH D 3 .  ? -4.271  7.462   0.379   1.00 35.63 ? 2039 HOH A O   1 
HETATM 1048 O O   . HOH D 3 .  ? 1.714   10.794  6.721   1.00 36.50 ? 2040 HOH A O   1 
HETATM 1049 O O   . HOH D 3 .  ? -4.383  9.458   2.320   1.00 38.78 ? 2041 HOH A O   1 
HETATM 1050 O O   . HOH D 3 .  ? 2.473   7.767   7.318   1.00 35.06 ? 2042 HOH A O   1 
HETATM 1051 O O   . HOH D 3 .  ? -3.375  10.416  14.518  1.00 28.57 ? 2043 HOH A O   1 
HETATM 1052 O O   . HOH D 3 .  ? 4.946   -4.461  4.074   1.00 58.49 ? 2044 HOH A O   1 
HETATM 1053 O O   . HOH D 3 .  ? 8.571   -2.003  3.891   1.00 40.05 ? 2045 HOH A O   1 
HETATM 1054 O O   . HOH D 3 .  ? 6.045   2.581   5.963   1.00 30.89 ? 2046 HOH A O   1 
HETATM 1055 O O   . HOH D 3 .  ? -2.601  -13.337 -15.100 1.00 77.02 ? 2047 HOH A O   1 
HETATM 1056 O O   . HOH D 3 .  ? -2.178  -7.097  6.647   1.00 44.67 ? 2048 HOH A O   1 
HETATM 1057 O O   . HOH D 3 .  ? 3.085   -5.480  8.412   1.00 43.39 ? 2049 HOH A O   1 
HETATM 1058 O O   . HOH D 3 .  ? 5.338   -5.535  6.352   1.00 58.34 ? 2050 HOH A O   1 
HETATM 1059 O O   . HOH D 3 .  ? 6.822   -7.826  -0.466  1.00 60.95 ? 2051 HOH A O   1 
HETATM 1060 O O   . HOH D 3 .  ? -3.550  -12.262 -12.061 1.00 57.86 ? 2052 HOH A O   1 
HETATM 1061 O O   . HOH D 3 .  ? -5.599  -9.439  -9.366  1.00 68.06 ? 2053 HOH A O   1 
HETATM 1062 O O   . HOH D 3 .  ? -9.561  -0.650  20.770  1.00 39.02 ? 2054 HOH A O   1 
HETATM 1063 O O   . HOH D 3 .  ? -15.152 -3.583  25.331  1.00 47.04 ? 2055 HOH A O   1 
HETATM 1064 O O   . HOH D 3 .  ? -14.941 -5.115  21.741  1.00 61.30 ? 2056 HOH A O   1 
HETATM 1065 O O   . HOH D 3 .  ? -14.713 3.841   19.327  1.00 42.08 ? 2057 HOH A O   1 
HETATM 1066 O O   . HOH E 3 .  ? 17.367  -0.149  0.778   1.00 64.85 ? 2001 HOH B O   1 
HETATM 1067 O O   . HOH E 3 .  ? 5.618   5.425   5.689   1.00 40.90 ? 2002 HOH B O   1 
HETATM 1068 O O   . HOH E 3 .  ? 11.475  11.403  -1.218  1.00 47.55 ? 2003 HOH B O   1 
HETATM 1069 O O   . HOH E 3 .  ? 18.624  5.372   -3.034  1.00 50.47 ? 2004 HOH B O   1 
HETATM 1070 O O   . HOH E 3 .  ? 5.709   7.634   2.776   1.00 50.05 ? 2005 HOH B O   1 
HETATM 1071 O O   . HOH E 3 .  ? 3.709   9.818   -2.546  1.00 41.12 ? 2006 HOH B O   1 
HETATM 1072 O O   . HOH E 3 .  ? 13.433  11.689  -10.420 1.00 30.77 ? 2007 HOH B O   1 
HETATM 1073 O O   . HOH E 3 .  ? 4.822   13.357  -11.004 1.00 62.37 ? 2008 HOH B O   1 
HETATM 1074 O O   . HOH E 3 .  ? 5.597   10.649  -15.691 1.00 48.74 ? 2009 HOH B O   1 
HETATM 1075 O O   . HOH E 3 .  ? 4.220   8.643   -15.380 1.00 46.21 ? 2010 HOH B O   1 
HETATM 1076 O O   . HOH E 3 .  ? 2.303   -5.222  -18.086 1.00 48.90 ? 2011 HOH B O   1 
HETATM 1077 O O   . HOH E 3 .  ? 3.538   -8.018  -16.266 1.00 67.22 ? 2012 HOH B O   1 
HETATM 1078 O O   . HOH E 3 .  ? 1.127   -13.846 -2.599  1.00 71.19 ? 2013 HOH B O   1 
HETATM 1079 O O   . HOH E 3 .  ? 13.861  -14.469 -8.509  1.00 67.01 ? 2014 HOH B O   1 
HETATM 1080 O O   . HOH E 3 .  ? 7.254   5.977   -18.414 1.00 25.60 ? 2015 HOH B O   1 
HETATM 1081 O O   . HOH E 3 .  ? 8.041   11.622  -15.272 1.00 39.96 ? 2016 HOH B O   1 
HETATM 1082 O O   . HOH E 3 .  ? 13.467  13.694  -1.251  1.00 58.33 ? 2017 HOH B O   1 
HETATM 1083 O O   . HOH E 3 .  ? 21.381  7.303   -2.365  1.00 64.60 ? 2018 HOH B O   1 
HETATM 1084 O O   . HOH E 3 .  ? 2.523   10.773  0.159   1.00 49.08 ? 2019 HOH B O   1 
HETATM 1085 O O   . HOH E 3 .  ? 5.119   12.851  -5.647  1.00 53.80 ? 2020 HOH B O   1 
HETATM 1086 O O   . HOH E 3 .  ? 11.598  15.582  -16.056 1.00 29.86 ? 2021 HOH B O   1 
HETATM 1087 O O   . HOH E 3 .  ? 15.900  10.720  -10.612 1.00 56.79 ? 2022 HOH B O   1 
HETATM 1088 O O   . HOH E 3 .  ? 14.339  13.812  -18.988 1.00 23.92 ? 2023 HOH B O   1 
HETATM 1089 O O   . HOH E 3 .  ? 5.272   9.688   -18.091 1.00 53.96 ? 2024 HOH B O   1 
HETATM 1090 O O   . HOH E 3 .  ? 9.090   7.859   -19.315 1.00 28.02 ? 2025 HOH B O   1 
HETATM 1091 O O   . HOH E 3 .  ? 1.427   -7.485  -20.566 1.00 62.15 ? 2026 HOH B O   1 
HETATM 1092 O O   . HOH E 3 .  ? 16.495  1.444   -16.278 1.00 47.15 ? 2027 HOH B O   1 
HETATM 1093 O O   . HOH E 3 .  ? 14.882  5.244   -18.996 1.00 29.11 ? 2028 HOH B O   1 
HETATM 1094 O O   . HOH E 3 .  ? 17.206  -1.980  -11.950 1.00 61.15 ? 2029 HOH B O   1 
HETATM 1095 O O   . HOH E 3 .  ? 16.080  -1.239  -14.290 1.00 39.79 ? 2030 HOH B O   1 
HETATM 1096 O O   . HOH E 3 .  ? 16.750  -1.847  -6.536  1.00 42.83 ? 2031 HOH B O   1 
HETATM 1097 O O   . HOH E 3 .  ? 7.698   10.163  -19.230 1.00 41.53 ? 2032 HOH B O   1 
HETATM 1098 O O   . HOH E 3 .  ? 9.135   -9.377  -3.607  1.00 54.82 ? 2033 HOH B O   1 
HETATM 1099 O O   . HOH E 3 .  ? 11.651  -8.950  -3.099  1.00 63.79 ? 2034 HOH B O   1 
HETATM 1100 O O   . HOH E 3 .  ? 14.242  -2.552  1.857   1.00 47.31 ? 2035 HOH B O   1 
HETATM 1101 O O   . HOH E 3 .  ? 10.055  -4.084  2.622   1.00 35.99 ? 2036 HOH B O   1 
HETATM 1102 O O   . HOH E 3 .  ? 11.496  -5.591  4.379   1.00 66.91 ? 2037 HOH B O   1 
HETATM 1103 O O   . HOH E 3 .  ? 4.941   -6.941  2.826   1.00 54.37 ? 2038 HOH B O   1 
HETATM 1104 O O   . HOH E 3 .  ? 8.031   -5.642  2.006   1.00 46.53 ? 2039 HOH B O   1 
HETATM 1105 O O   . HOH E 3 .  ? 16.706  0.452   5.513   1.00 65.60 ? 2040 HOH B O   1 
HETATM 1106 O O   . HOH E 3 .  ? 0.716   7.765   -8.193  1.00 43.91 ? 2041 HOH B O   1 
HETATM 1107 O O   . HOH E 3 .  ? 0.786   8.932   -3.622  1.00 62.28 ? 2042 HOH B O   1 
HETATM 1108 O O   . HOH E 3 .  ? 3.709   6.718   4.884   1.00 35.14 ? 2043 HOH B O   1 
HETATM 1109 O O   . HOH E 3 .  ? -1.589  6.971   -0.698  1.00 37.49 ? 2044 HOH B O   1 
HETATM 1110 O O   . HOH E 3 .  ? 3.050   12.326  -9.175  1.00 59.20 ? 2045 HOH B O   1 
HETATM 1111 O O   . HOH E 3 .  ? 1.128   9.961   -6.448  1.00 43.66 ? 2046 HOH B O   1 
HETATM 1112 O O   . HOH E 3 .  ? 1.669   5.176   -8.145  1.00 39.87 ? 2047 HOH B O   1 
HETATM 1113 O O   . HOH E 3 .  ? -0.978  9.126   -1.795  1.00 47.27 ? 2048 HOH B O   1 
HETATM 1114 O O   . HOH E 3 .  ? -5.463  5.098   -7.066  1.00 58.66 ? 2049 HOH B O   1 
HETATM 1115 O O   . HOH E 3 .  ? 3.815   -4.582  -3.078  1.00 39.24 ? 2050 HOH B O   1 
HETATM 1116 O O   . HOH E 3 .  ? -5.850  1.355   0.208   1.00 32.91 ? 2051 HOH B O   1 
HETATM 1117 O O   . HOH E 3 .  ? -7.445  5.889   -5.302  1.00 49.45 ? 2052 HOH B O   1 
HETATM 1118 O O   . HOH E 3 .  ? -5.930  7.034   -1.939  1.00 59.46 ? 2053 HOH B O   1 
HETATM 1119 O O   . HOH E 3 .  ? -5.540  -4.636  -6.640  1.00 63.57 ? 2054 HOH B O   1 
# 
